data_6MED
#
_entry.id   6MED
#
_cell.length_a   98.910
_cell.length_b   108.690
_cell.length_c   166.250
_cell.angle_alpha   90.000
_cell.angle_beta   90.000
_cell.angle_gamma   90.000
#
_symmetry.space_group_name_H-M   'P 2 21 21'
#
loop_
_entity.id
_entity.type
_entity.pdbx_description
1 polymer 'antibody HEPC3 Heavy Chain'
2 polymer 'antibody HEPC3 Light Chain'
3 non-polymer 'SULFATE ION'
4 water water
#
loop_
_entity_poly.entity_id
_entity_poly.type
_entity_poly.pdbx_seq_one_letter_code
_entity_poly.pdbx_strand_id
1 'polypeptide(L)'
;QVQLVQSGAEVKKPGSSVKVSCKASGGTLNSYEITWVRQAPGQGLEWMGGITPIFETTYAQKFQGRVTITADESTSTTYM
ELSSLRPEDTAVYYCARDGVRYCGGGRCYNWFDPWGQGTLVTVSSASTKGPSVFPLAPSSKSTSGGTAALGCLVKDYFPE
PVTVSWNSGALTSGVHTFPAVLQSSGLYSLSSVVTVPSSSLGTQTYICNVNHKPSNTKVDKRVEPKSCDKTHHHHHH
;
A,C,G
2 'polypeptide(L)'
;DIQMTQSPSSLSASVGDRVTITCRAGQNINNYLNWYQQKPGKAPKVLIYAASNLQSGVPSRFSGSGSGTDFTLTISSLQP
EDFATYYCQQSHSTVRTFGQGTKVEIKRTVAAPSVFIFPPSDEQLKSGTASVVCLLNNFYPREAKVQWKVDNALQSGNSQ
ESVTEQDSKDSTYSLSSTLTLSKADYEKHKVYACEVTHQGLSSPVTKSFNRGEC
;
B,D,I
#
loop_
_chem_comp.id
_chem_comp.type
_chem_comp.name
_chem_comp.formula
SO4 non-polymer 'SULFATE ION' 'O4 S -2'
#
# COMPACT_ATOMS: atom_id res chain seq x y z
N GLN A 1 3.42 0.03 8.86
CA GLN A 1 2.53 1.20 8.72
C GLN A 1 1.18 0.64 8.32
N VAL A 2 0.14 0.90 9.12
CA VAL A 2 -1.19 0.44 8.77
C VAL A 2 -1.54 0.99 7.39
N GLN A 3 -2.28 0.21 6.63
CA GLN A 3 -2.79 0.58 5.33
C GLN A 3 -4.25 0.18 5.29
N LEU A 4 -5.05 0.98 4.59
CA LEU A 4 -6.49 0.80 4.50
C LEU A 4 -6.84 0.50 3.06
N VAL A 5 -7.62 -0.56 2.86
CA VAL A 5 -8.00 -1.00 1.52
C VAL A 5 -9.51 -1.15 1.45
N GLN A 6 -10.13 -0.48 0.47
CA GLN A 6 -11.57 -0.43 0.36
C GLN A 6 -12.08 -1.37 -0.72
N SER A 7 -13.35 -1.73 -0.61
CA SER A 7 -14.01 -2.48 -1.65
C SER A 7 -14.15 -1.63 -2.92
N GLY A 8 -14.52 -2.31 -4.02
CA GLY A 8 -14.43 -1.70 -5.33
C GLY A 8 -15.63 -0.85 -5.66
N ALA A 9 -15.49 -0.13 -6.78
CA ALA A 9 -16.54 0.73 -7.28
C ALA A 9 -17.76 -0.08 -7.70
N GLU A 10 -18.94 0.52 -7.56
CA GLU A 10 -20.10 -0.15 -8.12
C GLU A 10 -21.22 0.83 -8.36
N VAL A 11 -22.13 0.45 -9.24
CA VAL A 11 -23.36 1.20 -9.46
C VAL A 11 -24.44 0.58 -8.58
N LYS A 12 -25.27 1.43 -8.00
CA LYS A 12 -26.37 1.05 -7.13
C LYS A 12 -27.60 1.78 -7.64
N LYS A 13 -28.74 1.10 -7.67
CA LYS A 13 -29.97 1.73 -8.12
C LYS A 13 -30.50 2.67 -7.04
N PRO A 14 -31.16 3.75 -7.45
CA PRO A 14 -31.75 4.66 -6.45
C PRO A 14 -32.70 3.90 -5.54
N GLY A 15 -32.69 4.28 -4.26
CA GLY A 15 -33.48 3.60 -3.25
C GLY A 15 -32.79 2.46 -2.54
N SER A 16 -31.78 1.87 -3.14
CA SER A 16 -31.07 0.77 -2.53
C SER A 16 -30.06 1.27 -1.49
N SER A 17 -29.36 0.32 -0.86
CA SER A 17 -28.31 0.61 0.09
C SER A 17 -26.97 0.12 -0.46
N VAL A 18 -25.90 0.82 -0.09
CA VAL A 18 -24.56 0.39 -0.44
C VAL A 18 -23.78 0.15 0.83
N LYS A 19 -22.92 -0.86 0.81
CA LYS A 19 -22.06 -1.15 1.95
C LYS A 19 -20.63 -1.18 1.46
N VAL A 20 -19.81 -0.28 1.98
CA VAL A 20 -18.42 -0.15 1.58
C VAL A 20 -17.56 -0.65 2.72
N SER A 21 -16.54 -1.43 2.39
CA SER A 21 -15.68 -2.04 3.38
C SER A 21 -14.31 -1.36 3.41
N CYS A 22 -13.70 -1.39 4.58
CA CYS A 22 -12.37 -0.80 4.78
C CYS A 22 -11.59 -1.80 5.60
N LYS A 23 -10.55 -2.39 5.00
CA LYS A 23 -9.79 -3.44 5.67
C LYS A 23 -8.41 -2.90 6.03
N ALA A 24 -8.09 -2.96 7.32
CA ALA A 24 -6.82 -2.51 7.85
C ALA A 24 -5.83 -3.66 7.98
N SER A 25 -4.59 -3.39 7.64
CA SER A 25 -3.51 -4.34 7.84
C SER A 25 -2.19 -3.60 7.99
N GLY A 26 -1.26 -4.22 8.71
CA GLY A 26 0.11 -3.74 8.75
C GLY A 26 0.46 -2.81 9.87
N GLY A 27 -0.50 -2.47 10.72
CA GLY A 27 -0.25 -1.63 11.88
C GLY A 27 0.16 -2.42 13.09
N THR A 28 0.13 -1.78 14.26
CA THR A 28 0.38 -2.47 15.52
C THR A 28 -0.89 -2.68 16.35
N LEU A 29 -1.98 -1.99 16.04
CA LEU A 29 -3.18 -2.08 16.85
C LEU A 29 -4.17 -3.06 16.24
N ASN A 30 -5.09 -3.52 17.08
CA ASN A 30 -6.13 -4.46 16.66
C ASN A 30 -7.37 -3.74 16.14
N SER A 31 -7.64 -2.53 16.60
CA SER A 31 -8.76 -1.73 16.09
C SER A 31 -8.30 -0.27 16.09
N TYR A 32 -8.98 0.55 15.30
CA TYR A 32 -8.59 1.94 15.12
C TYR A 32 -9.79 2.86 15.17
N GLU A 33 -9.53 4.14 15.39
CA GLU A 33 -10.52 5.17 15.08
C GLU A 33 -10.56 5.28 13.57
N ILE A 34 -11.67 4.83 12.97
CA ILE A 34 -11.90 4.91 11.53
C ILE A 34 -12.97 5.98 11.27
N THR A 35 -12.69 6.87 10.30
CA THR A 35 -13.72 7.81 9.87
C THR A 35 -14.08 7.57 8.41
N TRP A 36 -15.20 8.13 8.00
CA TRP A 36 -15.68 8.03 6.62
C TRP A 36 -15.98 9.41 6.10
N VAL A 37 -15.48 9.68 4.89
CA VAL A 37 -15.60 10.96 4.20
C VAL A 37 -15.99 10.66 2.77
N ARG A 38 -16.79 11.54 2.17
CA ARG A 38 -17.15 11.38 0.78
C ARG A 38 -16.87 12.67 0.00
N GLN A 39 -16.79 12.50 -1.32
CA GLN A 39 -16.48 13.61 -2.22
C GLN A 39 -17.26 13.38 -3.51
N ALA A 40 -18.31 14.13 -3.69
CA ALA A 40 -19.07 14.11 -4.93
C ALA A 40 -18.24 14.80 -6.01
N PRO A 41 -18.49 14.46 -7.27
CA PRO A 41 -17.68 15.05 -8.36
C PRO A 41 -17.70 16.56 -8.26
N GLY A 42 -16.51 17.17 -8.36
CA GLY A 42 -16.43 18.62 -8.34
C GLY A 42 -16.90 19.27 -7.06
N GLN A 43 -16.93 18.52 -5.96
CA GLN A 43 -17.32 19.07 -4.68
C GLN A 43 -16.21 18.82 -3.67
N GLY A 44 -16.42 19.36 -2.47
CA GLY A 44 -15.45 19.25 -1.41
C GLY A 44 -15.59 17.95 -0.66
N LEU A 45 -14.76 17.83 0.37
CA LEU A 45 -14.84 16.70 1.28
C LEU A 45 -16.00 16.93 2.24
N GLU A 46 -16.76 15.87 2.46
CA GLU A 46 -17.89 15.92 3.38
C GLU A 46 -17.73 14.79 4.38
N TRP A 47 -17.64 15.14 5.65
CA TRP A 47 -17.47 14.14 6.69
C TRP A 47 -18.80 13.49 6.95
N MET A 48 -18.78 12.18 7.19
CA MET A 48 -19.99 11.37 7.36
C MET A 48 -20.14 10.83 8.77
N GLY A 49 -19.12 10.15 9.28
CA GLY A 49 -19.20 9.58 10.60
C GLY A 49 -17.94 8.79 10.89
N GLY A 50 -17.86 8.28 12.11
CA GLY A 50 -16.67 7.58 12.55
C GLY A 50 -17.01 6.54 13.59
N ILE A 51 -16.02 5.66 13.85
CA ILE A 51 -16.17 4.60 14.83
C ILE A 51 -14.85 4.49 15.60
N THR A 52 -14.96 4.36 16.93
CA THR A 52 -13.80 4.32 17.81
C THR A 52 -13.26 2.90 17.95
N PRO A 53 -12.06 2.75 18.52
CA PRO A 53 -11.47 1.41 18.66
C PRO A 53 -12.30 0.45 19.48
N ILE A 54 -13.22 0.96 20.30
CA ILE A 54 -14.13 0.12 21.06
C ILE A 54 -15.55 0.19 20.48
N PHE A 55 -15.67 0.68 19.25
CA PHE A 55 -16.84 0.53 18.40
C PHE A 55 -18.02 1.41 18.80
N GLU A 56 -17.73 2.57 19.38
CA GLU A 56 -18.73 3.60 19.54
C GLU A 56 -18.81 4.45 18.26
N THR A 57 -20.03 4.71 17.78
CA THR A 57 -20.18 5.42 16.52
C THR A 57 -20.68 6.84 16.77
N THR A 58 -20.30 7.73 15.86
CA THR A 58 -20.79 9.10 15.83
C THR A 58 -21.12 9.42 14.37
N TYR A 59 -22.28 10.00 14.13
CA TYR A 59 -22.73 10.30 12.77
C TYR A 59 -23.05 11.78 12.66
N ALA A 60 -22.70 12.40 11.54
CA ALA A 60 -23.18 13.76 11.28
C ALA A 60 -24.70 13.74 11.13
N GLN A 61 -25.38 14.65 11.84
CA GLN A 61 -26.83 14.70 11.81
C GLN A 61 -27.35 14.85 10.39
N LYS A 62 -26.61 15.57 9.53
CA LYS A 62 -27.06 15.87 8.18
C LYS A 62 -27.41 14.62 7.39
N PHE A 63 -26.90 13.46 7.78
CA PHE A 63 -27.23 12.26 7.03
C PHE A 63 -28.54 11.61 7.47
N GLN A 64 -29.11 12.06 8.59
CA GLN A 64 -30.45 11.65 9.01
C GLN A 64 -30.58 10.13 9.15
N GLY A 65 -29.62 9.54 9.85
CA GLY A 65 -29.63 8.12 10.11
C GLY A 65 -29.38 7.23 8.92
N ARG A 66 -29.12 7.80 7.74
CA ARG A 66 -28.91 6.94 6.58
C ARG A 66 -27.58 6.22 6.61
N VAL A 67 -26.67 6.61 7.50
CA VAL A 67 -25.33 6.05 7.57
C VAL A 67 -25.22 5.15 8.78
N THR A 68 -24.67 3.95 8.60
CA THR A 68 -24.37 3.04 9.69
C THR A 68 -22.95 2.53 9.49
N ILE A 69 -22.11 2.67 10.51
CA ILE A 69 -20.75 2.14 10.49
C ILE A 69 -20.71 0.95 11.44
N THR A 70 -20.21 -0.17 10.96
CA THR A 70 -20.08 -1.34 11.79
C THR A 70 -18.65 -1.88 11.65
N ALA A 71 -18.30 -2.79 12.57
CA ALA A 71 -16.97 -3.39 12.59
C ALA A 71 -17.08 -4.91 12.70
N ASP A 72 -16.14 -5.58 12.04
CA ASP A 72 -15.88 -7.01 12.17
C ASP A 72 -14.42 -7.12 12.65
N GLU A 73 -14.20 -7.21 13.97
CA GLU A 73 -12.83 -7.23 14.47
C GLU A 73 -12.06 -8.44 13.95
N SER A 74 -12.74 -9.54 13.67
CA SER A 74 -12.02 -10.75 13.26
C SER A 74 -11.26 -10.55 11.95
N THR A 75 -11.78 -9.72 11.04
CA THR A 75 -11.11 -9.46 9.76
C THR A 75 -10.43 -8.09 9.71
N SER A 76 -10.47 -7.33 10.81
CA SER A 76 -9.88 -5.99 10.82
C SER A 76 -10.57 -5.10 9.79
N THR A 77 -11.90 -5.18 9.74
CA THR A 77 -12.68 -4.54 8.68
C THR A 77 -13.77 -3.67 9.27
N THR A 78 -13.95 -2.50 8.65
CA THR A 78 -14.99 -1.55 8.99
C THR A 78 -15.90 -1.39 7.79
N TYR A 79 -17.20 -1.31 8.04
CA TYR A 79 -18.19 -1.16 6.99
C TYR A 79 -18.93 0.15 7.17
N MET A 80 -19.20 0.84 6.07
CA MET A 80 -20.09 2.00 6.03
C MET A 80 -21.25 1.67 5.12
N GLU A 81 -22.46 1.69 5.65
CA GLU A 81 -23.66 1.46 4.86
C GLU A 81 -24.42 2.76 4.75
N LEU A 82 -24.73 3.16 3.53
CA LEU A 82 -25.50 4.37 3.25
C LEU A 82 -26.79 3.91 2.57
N SER A 83 -27.93 4.26 3.15
CA SER A 83 -29.22 3.74 2.70
C SER A 83 -30.02 4.80 1.96
N SER A 84 -31.08 4.33 1.30
CA SER A 84 -31.99 5.19 0.54
C SER A 84 -31.23 6.06 -0.44
N LEU A 85 -30.43 5.42 -1.29
CA LEU A 85 -29.54 6.15 -2.18
C LEU A 85 -30.32 6.96 -3.20
N ARG A 86 -29.86 8.19 -3.42
CA ARG A 86 -30.36 9.09 -4.46
C ARG A 86 -29.17 9.54 -5.30
N PRO A 87 -29.43 10.04 -6.51
CA PRO A 87 -28.30 10.35 -7.41
C PRO A 87 -27.30 11.35 -6.85
N GLU A 88 -27.71 12.23 -5.95
CA GLU A 88 -26.78 13.12 -5.26
C GLU A 88 -25.81 12.37 -4.35
N ASP A 89 -25.99 11.08 -4.15
CA ASP A 89 -25.03 10.33 -3.34
C ASP A 89 -23.89 9.78 -4.17
N THR A 90 -23.91 9.96 -5.48
CA THR A 90 -22.77 9.58 -6.33
C THR A 90 -21.54 10.32 -5.85
N ALA A 91 -20.48 9.58 -5.52
CA ALA A 91 -19.34 10.17 -4.85
C ALA A 91 -18.28 9.10 -4.65
N VAL A 92 -17.07 9.56 -4.42
CA VAL A 92 -16.00 8.73 -3.93
C VAL A 92 -16.13 8.70 -2.41
N TYR A 93 -16.33 7.49 -1.86
CA TYR A 93 -16.38 7.27 -0.42
C TYR A 93 -15.01 6.86 0.08
N TYR A 94 -14.48 7.61 1.05
CA TYR A 94 -13.18 7.32 1.64
C TYR A 94 -13.32 6.90 3.10
N CYS A 95 -12.56 5.88 3.50
CA CYS A 95 -12.24 5.69 4.90
C CYS A 95 -10.85 6.27 5.18
N ALA A 96 -10.58 6.52 6.46
CA ALA A 96 -9.26 6.95 6.91
C ALA A 96 -9.17 6.61 8.38
N ARG A 97 -7.93 6.46 8.85
CA ARG A 97 -7.71 6.41 10.28
C ARG A 97 -7.73 7.83 10.84
N ASP A 98 -8.49 8.03 11.92
CA ASP A 98 -8.55 9.33 12.57
C ASP A 98 -8.02 9.26 13.99
N GLY A 99 -6.79 8.79 14.16
CA GLY A 99 -6.28 8.51 15.48
C GLY A 99 -5.57 9.69 16.11
N VAL A 100 -5.32 9.57 17.40
CA VAL A 100 -4.50 10.58 18.08
C VAL A 100 -3.07 10.39 17.61
N ARG A 101 -2.48 11.45 17.07
CA ARG A 101 -1.16 11.35 16.47
C ARG A 101 -0.13 12.23 17.17
N TYR A 102 -0.56 13.16 18.02
CA TYR A 102 0.30 14.14 18.66
C TYR A 102 -0.45 14.76 19.83
N CYS A 103 0.26 14.98 20.93
CA CYS A 103 -0.24 15.72 22.08
C CYS A 103 0.77 16.79 22.42
N GLY A 104 0.27 17.98 22.74
CA GLY A 104 1.09 19.11 23.12
C GLY A 104 0.20 20.13 23.78
N GLY A 105 0.78 20.91 24.68
CA GLY A 105 0.04 21.96 25.37
C GLY A 105 -1.09 21.47 26.23
N GLY A 106 -1.02 20.22 26.69
CA GLY A 106 -2.10 19.65 27.48
C GLY A 106 -3.23 19.03 26.69
N ARG A 107 -3.10 18.99 25.35
CA ARG A 107 -4.20 18.55 24.50
C ARG A 107 -3.71 17.47 23.57
N CYS A 108 -4.66 16.72 22.99
CA CYS A 108 -4.35 15.69 22.01
C CYS A 108 -5.03 16.00 20.68
N TYR A 109 -4.34 15.64 19.59
CA TYR A 109 -4.71 16.09 18.26
C TYR A 109 -4.88 14.89 17.35
N ASN A 110 -6.08 14.76 16.81
CA ASN A 110 -6.45 13.74 15.83
C ASN A 110 -6.33 14.27 14.43
N TRP A 111 -5.91 13.40 13.50
CA TRP A 111 -6.05 13.77 12.09
C TRP A 111 -6.12 12.53 11.21
N PHE A 112 -6.55 12.75 9.97
CA PHE A 112 -6.82 11.65 9.04
C PHE A 112 -5.54 11.21 8.36
N ASP A 113 -5.08 9.96 8.67
CA ASP A 113 -3.88 9.36 8.08
C ASP A 113 -3.73 7.93 8.59
N PRO A 114 -3.62 6.94 7.69
CA PRO A 114 -3.66 7.05 6.25
C PRO A 114 -5.10 7.03 5.78
N TRP A 115 -5.27 7.18 4.47
CA TRP A 115 -6.57 7.10 3.82
C TRP A 115 -6.69 5.82 3.00
N GLY A 116 -7.90 5.28 2.95
CA GLY A 116 -8.21 4.34 1.89
C GLY A 116 -8.06 4.99 0.53
N GLN A 117 -8.14 4.14 -0.50
CA GLN A 117 -7.96 4.57 -1.88
C GLN A 117 -9.25 5.14 -2.48
N GLY A 118 -10.35 5.08 -1.75
CA GLY A 118 -11.66 5.57 -2.16
C GLY A 118 -12.45 4.54 -2.93
N THR A 119 -13.78 4.65 -2.85
CA THR A 119 -14.70 3.77 -3.57
C THR A 119 -15.74 4.64 -4.26
N LEU A 120 -15.78 4.58 -5.59
CA LEU A 120 -16.72 5.40 -6.36
C LEU A 120 -18.05 4.63 -6.43
N VAL A 121 -19.07 5.18 -5.80
CA VAL A 121 -20.41 4.61 -5.83
C VAL A 121 -21.25 5.46 -6.77
N THR A 122 -21.74 4.86 -7.85
CA THR A 122 -22.57 5.58 -8.82
C THR A 122 -24.02 5.18 -8.57
N VAL A 123 -24.86 6.14 -8.25
CA VAL A 123 -26.29 5.88 -8.04
C VAL A 123 -26.97 6.08 -9.38
N SER A 124 -27.47 4.99 -9.97
CA SER A 124 -28.06 5.02 -11.31
C SER A 124 -28.83 3.72 -11.55
N SER A 125 -29.82 3.77 -12.43
CA SER A 125 -30.50 2.54 -12.80
C SER A 125 -29.96 1.92 -14.10
N ALA A 126 -28.94 2.55 -14.71
CA ALA A 126 -28.29 1.96 -15.87
C ALA A 126 -27.45 0.75 -15.48
N SER A 127 -27.29 -0.18 -16.41
CA SER A 127 -26.61 -1.44 -16.16
C SER A 127 -25.11 -1.28 -16.31
N THR A 128 -24.37 -2.13 -15.62
CA THR A 128 -22.94 -2.20 -15.80
C THR A 128 -22.61 -2.69 -17.19
N LYS A 129 -21.52 -2.17 -17.75
CA LYS A 129 -21.09 -2.55 -19.08
C LYS A 129 -19.60 -2.34 -19.18
N GLY A 130 -18.87 -3.38 -19.60
CA GLY A 130 -17.45 -3.32 -19.75
C GLY A 130 -17.03 -2.62 -21.03
N PRO A 131 -15.80 -2.16 -21.07
CA PRO A 131 -15.34 -1.35 -22.20
C PRO A 131 -14.76 -2.17 -23.33
N SER A 132 -14.83 -1.60 -24.53
CA SER A 132 -14.03 -2.03 -25.67
C SER A 132 -12.76 -1.17 -25.74
N VAL A 133 -11.64 -1.79 -26.10
CA VAL A 133 -10.35 -1.12 -26.11
C VAL A 133 -9.78 -1.19 -27.52
N PHE A 134 -9.49 -0.04 -28.11
CA PHE A 134 -8.94 0.07 -29.44
C PHE A 134 -7.60 0.77 -29.42
N PRO A 135 -6.68 0.40 -30.31
CA PRO A 135 -5.38 1.07 -30.34
C PRO A 135 -5.45 2.42 -31.02
N LEU A 136 -4.61 3.34 -30.54
CA LEU A 136 -4.31 4.61 -31.21
C LEU A 136 -2.86 4.48 -31.71
N ALA A 137 -2.70 4.02 -32.96
CA ALA A 137 -1.37 3.63 -33.42
C ALA A 137 -0.52 4.86 -33.74
N PRO A 138 0.80 4.80 -33.48
CA PRO A 138 1.67 5.95 -33.71
C PRO A 138 1.78 6.34 -35.17
N GLY A 145 10.36 10.61 -37.26
CA GLY A 145 11.41 11.34 -36.59
C GLY A 145 10.96 12.17 -35.38
N GLY A 146 11.74 12.10 -34.31
CA GLY A 146 11.54 12.96 -33.12
C GLY A 146 10.71 12.19 -32.06
N THR A 147 9.55 12.73 -31.70
CA THR A 147 8.65 12.19 -30.70
C THR A 147 7.44 11.60 -31.41
N ALA A 148 7.02 10.42 -30.98
CA ALA A 148 5.76 9.85 -31.47
C ALA A 148 4.74 9.82 -30.34
N ALA A 149 3.46 9.82 -30.73
CA ALA A 149 2.35 9.62 -29.81
C ALA A 149 1.58 8.37 -30.17
N LEU A 150 1.23 7.57 -29.16
CA LEU A 150 0.39 6.38 -29.31
C LEU A 150 -0.52 6.26 -28.10
N GLY A 151 -1.50 5.36 -28.19
CA GLY A 151 -2.45 5.30 -27.11
C GLY A 151 -3.43 4.16 -27.22
N CYS A 152 -4.42 4.20 -26.32
CA CYS A 152 -5.56 3.31 -26.29
C CYS A 152 -6.83 4.10 -26.08
N LEU A 153 -7.83 3.83 -26.90
CA LEU A 153 -9.18 4.37 -26.77
C LEU A 153 -10.06 3.35 -26.06
N VAL A 154 -10.63 3.75 -24.93
CA VAL A 154 -11.40 2.86 -24.08
C VAL A 154 -12.85 3.32 -24.17
N LYS A 155 -13.68 2.60 -24.90
CA LYS A 155 -15.02 3.05 -25.26
C LYS A 155 -16.16 2.24 -24.64
N ASP A 156 -17.25 2.94 -24.37
CA ASP A 156 -18.56 2.39 -24.11
C ASP A 156 -18.65 1.54 -22.86
N TYR A 157 -18.34 2.10 -21.69
CA TYR A 157 -18.44 1.39 -20.44
C TYR A 157 -19.29 2.17 -19.46
N PHE A 158 -19.75 1.46 -18.42
CA PHE A 158 -20.55 2.05 -17.35
C PHE A 158 -20.54 1.13 -16.16
N PRO A 159 -20.40 1.66 -14.92
CA PRO A 159 -20.16 3.05 -14.55
C PRO A 159 -18.68 3.44 -14.59
N GLU A 160 -18.35 4.66 -14.17
CA GLU A 160 -16.99 4.99 -13.84
C GLU A 160 -16.61 4.13 -12.62
N PRO A 161 -15.32 3.86 -12.41
CA PRO A 161 -14.22 4.31 -13.24
C PRO A 161 -13.49 3.23 -14.00
N VAL A 162 -12.64 3.66 -14.91
CA VAL A 162 -11.66 2.83 -15.62
C VAL A 162 -10.29 3.33 -15.18
N THR A 163 -9.38 2.40 -14.93
CA THR A 163 -7.98 2.76 -14.77
C THR A 163 -7.18 2.24 -15.97
N VAL A 164 -6.14 2.97 -16.31
CA VAL A 164 -5.26 2.61 -17.40
C VAL A 164 -3.81 2.75 -16.92
N SER A 165 -3.01 1.74 -17.19
CA SER A 165 -1.57 1.78 -16.97
C SER A 165 -0.92 1.34 -18.27
N TRP A 166 0.38 1.61 -18.39
CA TRP A 166 1.18 1.20 -19.53
C TRP A 166 2.25 0.23 -19.05
N ASN A 167 2.35 -0.92 -19.72
CA ASN A 167 3.31 -1.94 -19.33
C ASN A 167 3.26 -2.18 -17.84
N SER A 168 2.04 -2.37 -17.32
CA SER A 168 1.78 -2.73 -15.93
C SER A 168 2.08 -1.60 -14.97
N GLY A 169 2.35 -0.40 -15.47
CA GLY A 169 2.79 0.70 -14.65
C GLY A 169 4.27 0.96 -14.71
N ALA A 170 5.03 0.15 -15.47
CA ALA A 170 6.45 0.40 -15.62
C ALA A 170 6.71 1.58 -16.55
N LEU A 171 5.75 1.97 -17.37
CA LEU A 171 5.89 3.11 -18.27
C LEU A 171 4.94 4.20 -17.76
N THR A 172 5.51 5.26 -17.16
CA THR A 172 4.73 6.38 -16.64
C THR A 172 5.10 7.74 -17.23
N SER A 173 6.31 7.87 -17.76
CA SER A 173 6.75 9.16 -18.30
C SER A 173 6.02 9.45 -19.61
N GLY A 174 5.48 10.65 -19.73
CA GLY A 174 4.77 11.03 -20.94
C GLY A 174 3.35 10.50 -21.05
N VAL A 175 2.84 9.84 -20.02
CA VAL A 175 1.49 9.30 -20.08
C VAL A 175 0.48 10.39 -19.72
N HIS A 176 -0.60 10.46 -20.50
CA HIS A 176 -1.75 11.28 -20.17
C HIS A 176 -2.98 10.39 -20.36
N THR A 177 -3.69 10.13 -19.27
CA THR A 177 -4.95 9.42 -19.30
C THR A 177 -6.03 10.46 -19.08
N PHE A 178 -6.83 10.68 -20.10
CA PHE A 178 -7.80 11.76 -20.07
C PHE A 178 -8.99 11.41 -19.20
N PRO A 179 -9.56 12.43 -18.54
CA PRO A 179 -10.85 12.26 -17.88
C PRO A 179 -11.86 11.68 -18.85
N ALA A 180 -12.71 10.80 -18.33
CA ALA A 180 -13.77 10.19 -19.11
C ALA A 180 -14.78 11.24 -19.50
N VAL A 181 -15.39 11.03 -20.65
CA VAL A 181 -16.48 11.85 -21.18
C VAL A 181 -17.71 10.97 -21.25
N LEU A 182 -18.85 11.54 -20.89
CA LEU A 182 -20.13 10.83 -20.97
C LEU A 182 -20.70 11.03 -22.36
N GLN A 183 -20.84 9.93 -23.12
CA GLN A 183 -21.38 10.00 -24.47
C GLN A 183 -22.89 10.09 -24.41
N SER A 184 -23.49 10.46 -25.54
CA SER A 184 -24.93 10.68 -25.59
C SER A 184 -25.68 9.37 -25.52
N SER A 185 -25.02 8.27 -25.84
CA SER A 185 -25.54 6.93 -25.57
C SER A 185 -25.68 6.62 -24.09
N GLY A 186 -25.18 7.46 -23.20
CA GLY A 186 -25.21 7.16 -21.78
C GLY A 186 -24.01 6.40 -21.30
N LEU A 187 -23.06 6.13 -22.16
CA LEU A 187 -21.86 5.39 -21.79
C LEU A 187 -20.63 6.28 -21.82
N TYR A 188 -19.64 5.92 -21.01
CA TYR A 188 -18.42 6.68 -20.88
C TYR A 188 -17.38 6.25 -21.91
N SER A 189 -16.46 7.16 -22.19
CA SER A 189 -15.36 6.92 -23.11
C SER A 189 -14.17 7.76 -22.66
N LEU A 190 -12.98 7.31 -23.04
CA LEU A 190 -11.74 7.89 -22.53
C LEU A 190 -10.59 7.41 -23.39
N SER A 191 -9.54 8.20 -23.45
CA SER A 191 -8.32 7.82 -24.13
C SER A 191 -7.16 7.95 -23.16
N SER A 192 -6.19 7.07 -23.32
CA SER A 192 -4.90 7.19 -22.65
C SER A 192 -3.81 7.23 -23.72
N VAL A 193 -2.92 8.22 -23.62
CA VAL A 193 -1.88 8.36 -24.62
C VAL A 193 -0.54 8.50 -23.93
N VAL A 194 0.50 8.29 -24.70
CA VAL A 194 1.86 8.36 -24.19
C VAL A 194 2.72 8.84 -25.35
N THR A 195 3.64 9.75 -25.07
CA THR A 195 4.62 10.15 -26.06
C THR A 195 5.94 9.42 -25.78
N VAL A 196 6.52 8.88 -26.84
CA VAL A 196 7.74 8.06 -26.78
C VAL A 196 8.66 8.50 -27.89
N PRO A 197 9.96 8.23 -27.76
CA PRO A 197 10.87 8.49 -28.88
C PRO A 197 10.45 7.69 -30.10
N SER A 198 10.48 8.32 -31.27
CA SER A 198 10.01 7.65 -32.47
C SER A 198 10.96 6.52 -32.87
N SER A 199 12.23 6.64 -32.49
CA SER A 199 13.21 5.61 -32.77
C SER A 199 12.91 4.31 -32.04
N SER A 200 12.12 4.38 -30.97
CA SER A 200 11.79 3.21 -30.19
C SER A 200 10.67 2.38 -30.82
N LEU A 201 9.94 2.95 -31.77
CA LEU A 201 8.82 2.22 -32.34
C LEU A 201 9.34 0.98 -33.05
N GLY A 202 8.53 -0.08 -33.04
CA GLY A 202 8.99 -1.33 -33.63
C GLY A 202 10.09 -2.04 -32.89
N THR A 203 10.71 -1.42 -31.89
CA THR A 203 11.61 -2.09 -30.95
C THR A 203 10.98 -2.28 -29.58
N GLN A 204 10.41 -1.22 -29.02
CA GLN A 204 9.84 -1.25 -27.68
C GLN A 204 8.37 -1.63 -27.78
N THR A 205 7.96 -2.56 -26.93
CA THR A 205 6.58 -2.97 -26.83
C THR A 205 5.81 -2.00 -25.93
N TYR A 206 4.62 -1.63 -26.37
CA TYR A 206 3.72 -0.75 -25.62
C TYR A 206 2.39 -1.45 -25.46
N ILE A 207 2.01 -1.66 -24.20
CA ILE A 207 0.78 -2.36 -23.84
C ILE A 207 0.02 -1.49 -22.86
N CYS A 208 -1.24 -1.23 -23.14
CA CYS A 208 -2.10 -0.55 -22.18
C CYS A 208 -2.91 -1.60 -21.43
N ASN A 209 -2.95 -1.45 -20.11
CA ASN A 209 -3.72 -2.30 -19.22
C ASN A 209 -4.95 -1.55 -18.75
N VAL A 210 -6.12 -2.04 -19.13
CA VAL A 210 -7.39 -1.38 -18.86
C VAL A 210 -8.12 -2.21 -17.81
N ASN A 211 -8.59 -1.55 -16.76
CA ASN A 211 -9.30 -2.24 -15.70
C ASN A 211 -10.60 -1.50 -15.38
N HIS A 212 -11.71 -2.20 -15.52
CA HIS A 212 -13.05 -1.72 -15.15
C HIS A 212 -13.56 -2.66 -14.07
N LYS A 213 -13.16 -2.42 -12.82
CA LYS A 213 -13.56 -3.29 -11.73
C LYS A 213 -15.07 -3.50 -11.65
N PRO A 214 -15.94 -2.52 -11.92
CA PRO A 214 -17.38 -2.81 -11.80
C PRO A 214 -17.83 -3.97 -12.65
N SER A 215 -17.23 -4.19 -13.82
CA SER A 215 -17.64 -5.30 -14.68
C SER A 215 -16.65 -6.46 -14.65
N ASN A 216 -15.65 -6.39 -13.77
CA ASN A 216 -14.56 -7.37 -13.71
C ASN A 216 -13.93 -7.59 -15.08
N THR A 217 -13.56 -6.48 -15.73
CA THR A 217 -12.92 -6.50 -17.04
C THR A 217 -11.46 -6.05 -16.88
N LYS A 218 -10.52 -6.94 -17.16
CA LYS A 218 -9.10 -6.61 -17.22
C LYS A 218 -8.58 -6.96 -18.60
N VAL A 219 -8.34 -5.94 -19.43
CA VAL A 219 -7.94 -6.12 -20.82
C VAL A 219 -6.59 -5.47 -21.05
N ASP A 220 -5.73 -6.15 -21.81
CA ASP A 220 -4.46 -5.63 -22.31
C ASP A 220 -4.55 -5.43 -23.81
N LYS A 221 -4.00 -4.34 -24.31
CA LYS A 221 -3.94 -4.10 -25.76
C LYS A 221 -2.53 -3.68 -26.13
N ARG A 222 -1.89 -4.46 -27.00
CA ARG A 222 -0.60 -4.10 -27.56
C ARG A 222 -0.84 -3.09 -28.67
N VAL A 223 -0.13 -1.97 -28.63
CA VAL A 223 -0.30 -0.90 -29.61
C VAL A 223 0.95 -0.89 -30.47
N GLU A 224 0.81 -1.21 -31.74
CA GLU A 224 1.92 -1.27 -32.68
C GLU A 224 1.69 -0.34 -33.89
N PRO A 225 2.76 0.08 -34.54
CA PRO A 225 2.63 1.08 -35.62
C PRO A 225 1.94 0.61 -36.89
N ASP B 1 -21.86 20.35 12.89
CA ASP B 1 -22.29 21.47 13.78
C ASP B 1 -21.29 22.62 13.70
N ILE B 2 -19.99 22.36 13.80
CA ILE B 2 -19.04 23.48 13.72
C ILE B 2 -18.74 23.78 12.25
N GLN B 3 -19.25 24.90 11.76
CA GLN B 3 -19.15 25.21 10.33
C GLN B 3 -17.83 25.91 10.04
N MET B 4 -17.15 25.44 9.01
CA MET B 4 -15.87 25.96 8.56
C MET B 4 -16.12 26.69 7.24
N THR B 5 -15.53 27.86 7.11
CA THR B 5 -15.70 28.71 5.93
C THR B 5 -14.31 28.95 5.38
N GLN B 6 -14.07 28.54 4.15
CA GLN B 6 -12.76 28.62 3.54
C GLN B 6 -12.83 29.61 2.40
N SER B 7 -11.79 30.43 2.29
CA SER B 7 -11.72 31.34 1.16
C SER B 7 -10.26 31.59 0.79
N PRO B 8 -9.98 31.93 -0.48
CA PRO B 8 -10.97 31.99 -1.60
C PRO B 8 -11.35 30.60 -2.05
N SER B 9 -12.33 30.45 -2.91
CA SER B 9 -12.62 29.13 -3.45
C SER B 9 -11.57 28.69 -4.48
N SER B 10 -10.88 29.64 -5.09
CA SER B 10 -9.77 29.33 -5.97
C SER B 10 -8.84 30.54 -6.11
N LEU B 11 -7.62 30.25 -6.56
CA LEU B 11 -6.65 31.30 -6.79
C LEU B 11 -5.67 30.79 -7.83
N SER B 12 -4.96 31.72 -8.48
CA SER B 12 -3.89 31.33 -9.38
C SER B 12 -2.72 32.26 -9.13
N ALA B 13 -1.51 31.72 -9.17
CA ALA B 13 -0.32 32.48 -8.89
C ALA B 13 0.85 31.86 -9.66
N SER B 14 1.92 32.63 -9.76
CA SER B 14 3.08 32.20 -10.49
C SER B 14 4.00 31.47 -9.53
N VAL B 15 4.87 30.64 -10.10
CA VAL B 15 5.89 29.98 -9.30
C VAL B 15 6.71 31.03 -8.55
N GLY B 16 6.98 30.77 -7.29
CA GLY B 16 7.67 31.71 -6.43
C GLY B 16 6.78 32.68 -5.67
N ASP B 17 5.51 32.82 -6.05
CA ASP B 17 4.65 33.77 -5.36
C ASP B 17 4.28 33.26 -3.97
N ARG B 18 3.92 34.19 -3.09
CA ARG B 18 3.39 33.86 -1.78
C ARG B 18 1.88 33.73 -1.90
N VAL B 19 1.36 32.60 -1.40
CA VAL B 19 -0.06 32.26 -1.47
C VAL B 19 -0.57 32.09 -0.05
N THR B 20 -1.72 32.69 0.23
CA THR B 20 -2.35 32.61 1.55
C THR B 20 -3.79 32.18 1.42
N ILE B 21 -4.19 31.21 2.23
CA ILE B 21 -5.54 30.65 2.23
C ILE B 21 -6.08 30.77 3.65
N THR B 22 -7.36 31.05 3.76
CA THR B 22 -8.00 31.40 5.01
C THR B 22 -9.09 30.39 5.35
N CYS B 23 -9.21 30.13 6.64
CA CYS B 23 -10.20 29.23 7.21
C CYS B 23 -10.78 29.94 8.43
N ARG B 24 -12.11 29.98 8.51
CA ARG B 24 -12.79 30.58 9.64
C ARG B 24 -13.72 29.53 10.23
N ALA B 25 -13.64 29.34 11.54
CA ALA B 25 -14.55 28.45 12.24
C ALA B 25 -15.71 29.22 12.87
N GLY B 26 -16.87 28.56 12.92
CA GLY B 26 -18.06 29.19 13.48
C GLY B 26 -18.02 29.33 14.98
N GLN B 27 -17.21 28.55 15.66
CA GLN B 27 -17.00 28.69 17.08
C GLN B 27 -15.52 28.49 17.38
N ASN B 28 -15.12 28.84 18.60
CA ASN B 28 -13.75 28.61 19.01
C ASN B 28 -13.39 27.14 18.92
N ILE B 29 -12.27 26.83 18.26
CA ILE B 29 -11.79 25.46 18.18
C ILE B 29 -10.35 25.34 18.67
N ASN B 30 -9.90 26.32 19.49
CA ASN B 30 -8.56 26.39 19.98
C ASN B 30 -7.58 26.23 18.83
N ASN B 31 -6.68 25.24 18.92
CA ASN B 31 -5.81 24.98 17.76
C ASN B 31 -6.08 23.61 17.14
N TYR B 32 -7.31 23.10 17.33
CA TYR B 32 -7.68 21.78 16.81
C TYR B 32 -8.06 21.91 15.33
N LEU B 33 -7.04 22.00 14.49
CA LEU B 33 -7.25 22.34 13.10
C LEU B 33 -6.15 21.75 12.23
N ASN B 34 -6.56 21.05 11.19
CA ASN B 34 -5.67 20.39 10.26
C ASN B 34 -5.88 20.99 8.88
N TRP B 35 -4.83 20.97 8.07
CA TRP B 35 -4.92 21.27 6.65
C TRP B 35 -4.48 20.06 5.85
N TYR B 36 -5.25 19.73 4.81
CA TYR B 36 -4.91 18.67 3.86
C TYR B 36 -4.66 19.24 2.47
N GLN B 37 -3.89 18.50 1.69
CA GLN B 37 -3.63 18.80 0.29
C GLN B 37 -4.16 17.62 -0.52
N GLN B 38 -5.00 17.90 -1.50
CA GLN B 38 -5.48 16.83 -2.37
C GLN B 38 -5.07 17.10 -3.81
N LYS B 39 -4.27 16.23 -4.35
CA LYS B 39 -3.89 16.31 -5.74
C LYS B 39 -4.87 15.54 -6.60
N PRO B 40 -4.89 15.82 -7.91
CA PRO B 40 -5.91 15.20 -8.78
C PRO B 40 -5.78 13.67 -8.73
N GLY B 41 -6.93 13.00 -8.60
CA GLY B 41 -6.99 11.56 -8.58
C GLY B 41 -6.46 10.89 -7.33
N LYS B 42 -6.23 11.63 -6.25
CA LYS B 42 -5.62 11.05 -5.07
C LYS B 42 -6.47 11.38 -3.85
N ALA B 43 -6.24 10.58 -2.79
CA ALA B 43 -6.77 10.92 -1.48
C ALA B 43 -6.05 12.16 -0.98
N PRO B 44 -6.69 12.98 -0.13
CA PRO B 44 -5.99 14.08 0.52
C PRO B 44 -4.88 13.55 1.39
N LYS B 45 -3.90 14.44 1.64
CA LYS B 45 -2.74 14.19 2.47
C LYS B 45 -2.64 15.33 3.47
N VAL B 46 -2.42 15.03 4.74
CA VAL B 46 -2.27 16.07 5.74
C VAL B 46 -0.96 16.81 5.51
N LEU B 47 -1.02 18.14 5.60
CA LEU B 47 0.15 18.99 5.57
C LEU B 47 0.45 19.64 6.91
N ILE B 48 -0.60 20.07 7.62
CA ILE B 48 -0.47 20.86 8.85
C ILE B 48 -1.41 20.27 9.90
N TYR B 49 -0.87 20.07 11.12
CA TYR B 49 -1.68 19.62 12.23
C TYR B 49 -1.58 20.62 13.36
N ALA B 50 -2.60 20.60 14.22
CA ALA B 50 -2.68 21.52 15.35
C ALA B 50 -2.39 22.96 14.91
N ALA B 51 -3.02 23.33 13.80
CA ALA B 51 -2.98 24.67 13.26
C ALA B 51 -1.67 25.17 12.68
N SER B 52 -0.54 24.78 13.23
CA SER B 52 0.71 25.43 12.86
C SER B 52 1.92 24.53 12.78
N ASN B 53 1.75 23.21 12.79
CA ASN B 53 2.84 22.26 12.74
C ASN B 53 2.88 21.51 11.41
N LEU B 54 4.05 21.49 10.79
CA LEU B 54 4.25 20.80 9.54
C LEU B 54 4.34 19.29 9.75
N GLN B 55 3.56 18.55 8.98
CA GLN B 55 3.75 17.11 8.90
C GLN B 55 5.17 16.79 8.46
N SER B 56 5.75 15.71 9.00
CA SER B 56 7.09 15.33 8.61
C SER B 56 7.12 15.01 7.12
N GLY B 57 8.20 15.39 6.46
CA GLY B 57 8.31 15.24 5.04
C GLY B 57 7.78 16.39 4.22
N VAL B 58 6.98 17.28 4.80
CA VAL B 58 6.42 18.38 4.02
C VAL B 58 7.40 19.54 3.89
N PRO B 59 7.57 20.12 2.71
CA PRO B 59 8.55 21.20 2.57
C PRO B 59 8.19 22.43 3.41
N SER B 60 9.23 23.14 3.82
CA SER B 60 9.11 24.21 4.80
C SER B 60 8.51 25.47 4.21
N ARG B 61 8.29 25.50 2.88
CA ARG B 61 7.55 26.60 2.29
C ARG B 61 6.09 26.61 2.77
N PHE B 62 5.60 25.49 3.28
CA PHE B 62 4.29 25.47 3.88
C PHE B 62 4.33 25.93 5.34
N SER B 63 3.31 26.68 5.74
CA SER B 63 3.13 26.94 7.16
C SER B 63 1.68 27.23 7.45
N GLY B 64 1.34 27.21 8.74
CA GLY B 64 0.01 27.55 9.17
C GLY B 64 0.07 28.40 10.41
N SER B 65 -0.97 29.19 10.61
CA SER B 65 -1.10 29.86 11.90
C SER B 65 -2.58 30.10 12.20
N GLY B 66 -2.84 30.39 13.45
CA GLY B 66 -4.17 30.71 13.90
C GLY B 66 -4.47 29.96 15.16
N SER B 67 -5.27 30.59 16.02
CA SER B 67 -5.80 29.96 17.22
C SER B 67 -7.14 30.62 17.50
N GLY B 68 -8.16 29.82 17.79
CA GLY B 68 -9.48 30.34 18.05
C GLY B 68 -10.46 30.10 16.91
N THR B 69 -10.67 31.13 16.10
CA THR B 69 -11.56 30.98 14.95
C THR B 69 -10.92 31.24 13.59
N ASP B 70 -9.82 31.99 13.52
CA ASP B 70 -9.23 32.41 12.25
C ASP B 70 -7.87 31.72 12.03
N PHE B 71 -7.74 31.09 10.87
CA PHE B 71 -6.60 30.24 10.54
C PHE B 71 -6.18 30.56 9.11
N THR B 72 -4.89 30.40 8.85
CA THR B 72 -4.37 30.60 7.51
C THR B 72 -3.36 29.53 7.20
N LEU B 73 -3.36 29.09 5.95
CA LEU B 73 -2.30 28.27 5.40
C LEU B 73 -1.51 29.16 4.43
N THR B 74 -0.19 29.13 4.53
CA THR B 74 0.64 29.95 3.67
C THR B 74 1.64 29.10 2.92
N ILE B 75 1.76 29.34 1.62
CA ILE B 75 2.86 28.83 0.81
C ILE B 75 3.78 30.00 0.49
N SER B 76 5.01 29.95 0.98
CA SER B 76 5.87 31.11 0.85
C SER B 76 6.39 31.29 -0.57
N SER B 77 6.55 30.19 -1.31
CA SER B 77 7.14 30.20 -2.65
C SER B 77 6.48 29.08 -3.45
N LEU B 78 5.38 29.42 -4.13
CA LEU B 78 4.58 28.42 -4.82
C LEU B 78 5.39 27.63 -5.82
N GLN B 79 5.19 26.32 -5.82
CA GLN B 79 5.92 25.44 -6.73
C GLN B 79 4.92 24.74 -7.64
N PRO B 80 5.36 24.29 -8.82
CA PRO B 80 4.42 23.60 -9.72
C PRO B 80 3.73 22.41 -9.08
N GLU B 81 4.47 21.65 -8.24
CA GLU B 81 3.83 20.48 -7.65
C GLU B 81 2.81 20.84 -6.59
N ASP B 82 2.66 22.12 -6.25
CA ASP B 82 1.67 22.56 -5.28
C ASP B 82 0.29 22.72 -5.92
N PHE B 83 0.17 22.51 -7.23
CA PHE B 83 -1.14 22.44 -7.86
C PHE B 83 -2.01 21.39 -7.17
N ALA B 84 -3.13 21.82 -6.59
CA ALA B 84 -3.94 20.95 -5.72
C ALA B 84 -5.11 21.78 -5.19
N THR B 85 -5.99 21.07 -4.49
CA THR B 85 -7.00 21.70 -3.63
C THR B 85 -6.62 21.46 -2.17
N TYR B 86 -6.72 22.52 -1.37
CA TYR B 86 -6.39 22.51 0.06
C TYR B 86 -7.67 22.63 0.88
N TYR B 87 -7.76 21.83 1.93
CA TYR B 87 -8.90 21.80 2.81
C TYR B 87 -8.49 21.97 4.27
N CYS B 88 -9.23 22.81 5.00
CA CYS B 88 -9.04 22.81 6.46
C CYS B 88 -10.07 21.85 7.05
N GLN B 89 -9.81 21.39 8.27
CA GLN B 89 -10.66 20.42 8.98
C GLN B 89 -10.49 20.61 10.48
N GLN B 90 -11.59 20.80 11.20
CA GLN B 90 -11.50 20.98 12.65
C GLN B 90 -11.66 19.63 13.35
N SER B 91 -10.90 19.46 14.43
CA SER B 91 -10.89 18.26 15.25
C SER B 91 -11.25 18.57 16.71
N HIS B 92 -11.97 19.66 16.90
CA HIS B 92 -12.37 20.06 18.25
C HIS B 92 -13.52 19.19 18.75
N SER B 93 -14.46 18.89 17.86
CA SER B 93 -15.62 18.08 18.18
C SER B 93 -15.54 16.73 17.49
N THR B 94 -16.17 15.75 18.11
CA THR B 94 -16.16 14.40 17.57
C THR B 94 -16.79 14.38 16.19
N VAL B 95 -17.80 15.20 15.96
CA VAL B 95 -18.32 15.43 14.61
C VAL B 95 -17.30 16.30 13.88
N ARG B 96 -16.51 15.68 13.02
CA ARG B 96 -15.52 16.43 12.24
C ARG B 96 -16.21 17.21 11.12
N THR B 97 -15.58 18.30 10.69
CA THR B 97 -16.11 19.10 9.58
C THR B 97 -14.96 19.70 8.76
N PHE B 98 -15.23 19.90 7.49
CA PHE B 98 -14.27 20.40 6.52
C PHE B 98 -14.69 21.77 6.03
N GLY B 99 -13.70 22.58 5.69
CA GLY B 99 -13.95 23.76 4.88
C GLY B 99 -14.25 23.35 3.45
N GLN B 100 -14.69 24.34 2.65
CA GLN B 100 -15.16 24.01 1.31
C GLN B 100 -14.04 23.71 0.34
N GLY B 101 -12.80 24.05 0.68
CA GLY B 101 -11.67 23.82 -0.19
C GLY B 101 -11.23 25.09 -0.90
N THR B 102 -9.95 25.14 -1.27
CA THR B 102 -9.36 26.18 -2.10
C THR B 102 -8.53 25.51 -3.18
N LYS B 103 -8.92 25.72 -4.44
CA LYS B 103 -8.17 25.19 -5.58
C LYS B 103 -7.04 26.16 -5.91
N VAL B 104 -5.83 25.64 -6.02
CA VAL B 104 -4.65 26.45 -6.31
C VAL B 104 -4.17 26.09 -7.70
N GLU B 105 -4.15 27.09 -8.58
CA GLU B 105 -3.73 26.91 -9.95
C GLU B 105 -2.44 27.68 -10.18
N ILE B 106 -1.65 27.22 -11.15
CA ILE B 106 -0.31 27.74 -11.39
C ILE B 106 -0.27 28.50 -12.72
N LYS B 107 0.15 29.75 -12.68
CA LYS B 107 0.39 30.53 -13.90
C LYS B 107 1.82 30.28 -14.37
N ARG B 108 1.98 30.05 -15.69
CA ARG B 108 3.29 29.83 -16.30
C ARG B 108 3.33 30.51 -17.65
N THR B 109 4.45 30.39 -18.35
CA THR B 109 4.56 31.03 -19.65
C THR B 109 3.75 30.24 -20.70
N VAL B 110 3.44 30.90 -21.80
CA VAL B 110 2.73 30.25 -22.89
C VAL B 110 3.53 29.10 -23.46
N ALA B 111 2.85 28.00 -23.76
CA ALA B 111 3.51 26.87 -24.41
C ALA B 111 2.58 26.34 -25.48
N ALA B 112 3.09 26.20 -26.71
CA ALA B 112 2.31 25.73 -27.83
C ALA B 112 2.08 24.22 -27.74
N PRO B 113 0.93 23.75 -28.20
CA PRO B 113 0.69 22.30 -28.20
C PRO B 113 1.42 21.60 -29.31
N SER B 114 1.77 20.34 -29.06
CA SER B 114 2.17 19.39 -30.10
C SER B 114 0.90 18.69 -30.52
N VAL B 115 0.67 18.59 -31.82
CA VAL B 115 -0.61 18.12 -32.34
C VAL B 115 -0.43 16.77 -33.00
N PHE B 116 -1.33 15.84 -32.70
CA PHE B 116 -1.31 14.49 -33.26
C PHE B 116 -2.72 14.08 -33.66
N ILE B 117 -2.82 13.31 -34.74
CA ILE B 117 -4.11 12.80 -35.20
C ILE B 117 -3.99 11.29 -35.35
N PHE B 118 -5.06 10.59 -34.97
CA PHE B 118 -5.11 9.13 -35.01
C PHE B 118 -6.33 8.70 -35.80
N PRO B 119 -6.18 7.95 -36.87
CA PRO B 119 -7.35 7.42 -37.58
C PRO B 119 -7.97 6.30 -36.78
N PRO B 120 -9.24 5.98 -37.02
CA PRO B 120 -9.86 4.86 -36.31
C PRO B 120 -9.15 3.56 -36.62
N SER B 121 -9.18 2.65 -35.67
CA SER B 121 -8.61 1.34 -35.89
C SER B 121 -9.51 0.51 -36.78
N ASP B 122 -8.90 -0.41 -37.54
CA ASP B 122 -9.70 -1.34 -38.34
C ASP B 122 -10.61 -2.18 -37.46
N GLU B 123 -10.23 -2.44 -36.20
CA GLU B 123 -11.08 -3.20 -35.30
C GLU B 123 -12.35 -2.42 -35.00
N GLN B 124 -12.22 -1.13 -34.73
CA GLN B 124 -13.40 -0.35 -34.37
C GLN B 124 -14.36 -0.27 -35.54
N LEU B 125 -13.84 -0.15 -36.77
CA LEU B 125 -14.70 0.02 -37.94
C LEU B 125 -15.59 -1.20 -38.15
N LYS B 126 -15.05 -2.40 -37.88
CA LYS B 126 -15.86 -3.61 -37.95
C LYS B 126 -17.10 -3.50 -37.08
N SER B 127 -16.99 -2.82 -35.93
CA SER B 127 -18.14 -2.66 -35.05
C SER B 127 -19.12 -1.60 -35.55
N GLY B 128 -18.79 -0.88 -36.60
CA GLY B 128 -19.72 0.07 -37.17
C GLY B 128 -19.52 1.52 -36.83
N THR B 129 -18.52 1.86 -36.01
CA THR B 129 -18.29 3.24 -35.60
C THR B 129 -16.83 3.59 -35.83
N ALA B 130 -16.61 4.86 -36.19
CA ALA B 130 -15.27 5.40 -36.39
C ALA B 130 -15.03 6.52 -35.38
N SER B 131 -13.99 6.37 -34.58
CA SER B 131 -13.51 7.40 -33.67
C SER B 131 -12.20 7.96 -34.23
N VAL B 132 -12.19 9.26 -34.54
CA VAL B 132 -10.99 9.95 -35.00
C VAL B 132 -10.52 10.83 -33.87
N VAL B 133 -9.24 10.76 -33.52
CA VAL B 133 -8.74 11.38 -32.31
C VAL B 133 -7.62 12.35 -32.66
N CYS B 134 -7.77 13.57 -32.16
CA CYS B 134 -6.79 14.65 -32.27
C CYS B 134 -6.27 14.93 -30.87
N LEU B 135 -4.95 14.98 -30.73
CA LEU B 135 -4.30 15.17 -29.44
C LEU B 135 -3.54 16.49 -29.46
N LEU B 136 -3.79 17.33 -28.46
CA LEU B 136 -2.96 18.50 -28.20
C LEU B 136 -2.17 18.19 -26.92
N ASN B 137 -0.85 18.16 -27.02
CA ASN B 137 -0.04 17.73 -25.89
C ASN B 137 0.82 18.85 -25.30
N ASN B 138 0.72 19.02 -23.98
CA ASN B 138 1.62 19.85 -23.18
C ASN B 138 1.62 21.33 -23.60
N PHE B 139 0.48 21.98 -23.43
CA PHE B 139 0.36 23.38 -23.80
C PHE B 139 -0.16 24.21 -22.63
N TYR B 140 -0.02 25.54 -22.78
CA TYR B 140 -0.47 26.50 -21.79
C TYR B 140 -0.72 27.80 -22.51
N PRO B 141 -1.81 28.52 -22.28
CA PRO B 141 -2.88 28.23 -21.32
C PRO B 141 -3.89 27.24 -21.86
N ARG B 142 -4.92 26.93 -21.05
CA ARG B 142 -5.79 25.80 -21.37
C ARG B 142 -6.67 26.13 -22.57
N GLU B 143 -6.97 27.40 -22.80
CA GLU B 143 -7.88 27.76 -23.88
C GLU B 143 -7.28 27.40 -25.24
N ALA B 144 -8.06 26.70 -26.06
CA ALA B 144 -7.60 26.23 -27.36
C ALA B 144 -8.85 26.00 -28.20
N LYS B 145 -8.69 26.13 -29.51
CA LYS B 145 -9.79 25.91 -30.44
C LYS B 145 -9.41 24.75 -31.35
N VAL B 146 -10.23 23.70 -31.35
CA VAL B 146 -9.97 22.51 -32.16
C VAL B 146 -11.15 22.36 -33.12
N GLN B 147 -10.86 22.36 -34.41
CA GLN B 147 -11.90 22.29 -35.43
C GLN B 147 -11.63 21.10 -36.32
N TRP B 148 -12.65 20.29 -36.54
CA TRP B 148 -12.56 19.17 -37.44
C TRP B 148 -13.03 19.60 -38.83
N LYS B 149 -12.29 19.22 -39.85
CA LYS B 149 -12.67 19.40 -41.23
C LYS B 149 -12.65 18.04 -41.90
N VAL B 150 -13.75 17.70 -42.58
CA VAL B 150 -13.85 16.47 -43.36
C VAL B 150 -14.08 16.86 -44.82
N ASP B 151 -13.15 16.49 -45.70
CA ASP B 151 -13.14 16.98 -47.08
C ASP B 151 -13.33 18.49 -47.10
N ASN B 152 -12.65 19.16 -46.19
CA ASN B 152 -12.71 20.62 -46.00
C ASN B 152 -14.09 21.11 -45.59
N ALA B 153 -14.94 20.25 -45.08
CA ALA B 153 -16.23 20.67 -44.53
C ALA B 153 -16.10 20.79 -43.00
N LEU B 154 -16.28 22.01 -42.48
CA LEU B 154 -16.24 22.22 -41.04
C LEU B 154 -17.29 21.37 -40.36
N GLN B 155 -16.87 20.52 -39.43
CA GLN B 155 -17.79 19.69 -38.69
C GLN B 155 -18.35 20.43 -37.50
N SER B 156 -19.56 20.03 -37.08
CA SER B 156 -20.23 20.62 -35.93
C SER B 156 -21.06 19.56 -35.26
N GLY B 157 -21.00 19.51 -33.92
CA GLY B 157 -21.86 18.65 -33.14
C GLY B 157 -21.53 17.17 -33.14
N ASN B 158 -20.43 16.75 -33.76
CA ASN B 158 -20.09 15.33 -33.76
C ASN B 158 -18.73 15.07 -33.11
N SER B 159 -18.30 15.93 -32.20
CA SER B 159 -17.03 15.73 -31.52
C SER B 159 -17.12 16.13 -30.06
N GLN B 160 -16.27 15.51 -29.24
CA GLN B 160 -16.21 15.79 -27.81
C GLN B 160 -14.74 15.95 -27.38
N GLU B 161 -14.51 16.83 -26.44
CA GLU B 161 -13.18 17.11 -25.95
C GLU B 161 -13.01 16.59 -24.53
N SER B 162 -11.76 16.31 -24.19
CA SER B 162 -11.37 16.08 -22.80
C SER B 162 -10.06 16.81 -22.55
N VAL B 163 -9.93 17.40 -21.37
CA VAL B 163 -8.73 18.14 -21.01
C VAL B 163 -8.24 17.69 -19.64
N THR B 164 -6.92 17.51 -19.54
CA THR B 164 -6.33 17.09 -18.30
C THR B 164 -6.26 18.27 -17.33
N GLU B 165 -6.05 17.93 -16.06
CA GLU B 165 -5.62 18.86 -15.04
C GLU B 165 -4.18 19.27 -15.30
N GLN B 166 -3.79 20.38 -14.68
CA GLN B 166 -2.46 20.92 -14.84
C GLN B 166 -1.43 19.91 -14.38
N ASP B 167 -0.37 19.76 -15.15
CA ASP B 167 0.71 18.82 -14.85
C ASP B 167 1.52 19.28 -13.62
N SER B 168 1.84 18.32 -12.75
CA SER B 168 2.45 18.70 -11.48
C SER B 168 3.91 19.10 -11.65
N LYS B 169 4.52 18.74 -12.78
CA LYS B 169 5.89 19.15 -13.06
C LYS B 169 6.02 20.41 -13.93
N ASP B 170 5.31 20.48 -15.05
CA ASP B 170 5.49 21.57 -16.01
C ASP B 170 4.25 22.46 -16.18
N SER B 171 3.19 22.20 -15.42
CA SER B 171 2.02 23.05 -15.30
C SER B 171 1.27 23.20 -16.62
N THR B 172 1.52 22.29 -17.57
CA THR B 172 0.81 22.31 -18.84
C THR B 172 -0.43 21.44 -18.79
N TYR B 173 -1.25 21.58 -19.83
CA TYR B 173 -2.44 20.80 -20.09
C TYR B 173 -2.19 19.92 -21.31
N SER B 174 -3.00 18.88 -21.43
CA SER B 174 -3.14 18.15 -22.68
C SER B 174 -4.64 17.99 -22.93
N LEU B 175 -5.00 17.91 -24.20
CA LEU B 175 -6.40 17.87 -24.58
C LEU B 175 -6.57 16.87 -25.71
N SER B 176 -7.71 16.19 -25.69
CA SER B 176 -8.09 15.34 -26.80
C SER B 176 -9.41 15.84 -27.40
N SER B 177 -9.56 15.65 -28.70
CA SER B 177 -10.81 15.88 -29.40
C SER B 177 -11.17 14.64 -30.19
N THR B 178 -12.36 14.10 -29.99
CA THR B 178 -12.74 12.85 -30.62
C THR B 178 -13.94 13.10 -31.53
N LEU B 179 -13.75 12.90 -32.83
CA LEU B 179 -14.80 12.96 -33.83
C LEU B 179 -15.38 11.57 -34.02
N THR B 180 -16.68 11.44 -33.86
CA THR B 180 -17.31 10.12 -33.91
C THR B 180 -18.29 10.09 -35.08
N LEU B 181 -18.08 9.12 -35.97
CA LEU B 181 -18.88 8.91 -37.17
C LEU B 181 -19.36 7.47 -37.25
N SER B 182 -20.35 7.23 -38.10
CA SER B 182 -20.65 5.88 -38.52
C SER B 182 -19.58 5.38 -39.51
N LYS B 183 -19.38 4.06 -39.55
CA LYS B 183 -18.51 3.50 -40.59
C LYS B 183 -18.97 4.02 -41.96
N ALA B 184 -20.28 3.94 -42.21
CA ALA B 184 -20.83 4.43 -43.46
C ALA B 184 -20.35 5.83 -43.78
N ASP B 185 -20.69 6.80 -42.92
CA ASP B 185 -20.29 8.18 -43.17
C ASP B 185 -18.78 8.31 -43.25
N TYR B 186 -18.04 7.61 -42.39
CA TYR B 186 -16.59 7.73 -42.39
C TYR B 186 -16.02 7.37 -43.76
N GLU B 187 -16.59 6.37 -44.42
CA GLU B 187 -16.04 5.89 -45.68
C GLU B 187 -16.52 6.71 -46.88
N LYS B 188 -17.42 7.66 -46.68
CA LYS B 188 -17.84 8.54 -47.75
C LYS B 188 -16.89 9.72 -47.98
N HIS B 189 -15.83 9.87 -47.19
CA HIS B 189 -14.95 11.03 -47.32
C HIS B 189 -13.50 10.57 -47.24
N LYS B 190 -12.58 11.43 -47.67
CA LYS B 190 -11.18 11.05 -47.76
C LYS B 190 -10.28 11.79 -46.78
N VAL B 191 -10.40 13.10 -46.68
CA VAL B 191 -9.47 13.91 -45.89
C VAL B 191 -10.03 14.13 -44.49
N TYR B 192 -9.27 13.74 -43.47
CA TYR B 192 -9.63 14.00 -42.07
C TYR B 192 -8.58 14.92 -41.45
N ALA B 193 -9.03 16.07 -40.94
CA ALA B 193 -8.14 17.11 -40.48
C ALA B 193 -8.69 17.73 -39.21
N CYS B 194 -7.84 17.85 -38.18
CA CYS B 194 -8.13 18.68 -37.04
C CYS B 194 -7.19 19.87 -37.10
N GLU B 195 -7.74 21.06 -36.88
CA GLU B 195 -7.02 22.32 -36.99
C GLU B 195 -7.02 22.96 -35.61
N VAL B 196 -5.87 23.44 -35.18
CA VAL B 196 -5.68 23.88 -33.81
C VAL B 196 -5.29 25.34 -33.81
N THR B 197 -5.98 26.12 -33.00
CA THR B 197 -5.66 27.50 -32.73
C THR B 197 -5.35 27.65 -31.25
N HIS B 198 -4.25 28.35 -30.96
CA HIS B 198 -3.79 28.51 -29.61
C HIS B 198 -2.88 29.72 -29.55
N GLN B 199 -2.86 30.37 -28.39
CA GLN B 199 -2.05 31.57 -28.22
C GLN B 199 -0.58 31.34 -28.55
N GLY B 200 -0.08 30.14 -28.27
CA GLY B 200 1.32 29.88 -28.55
C GLY B 200 1.66 29.55 -29.98
N LEU B 201 0.67 29.51 -30.86
CA LEU B 201 0.87 29.23 -32.27
C LEU B 201 0.62 30.52 -33.06
N SER B 202 1.57 30.89 -33.92
CA SER B 202 1.43 32.12 -34.69
C SER B 202 0.30 31.99 -35.70
N SER B 203 0.17 30.83 -36.34
CA SER B 203 -0.97 30.52 -37.19
C SER B 203 -1.45 29.11 -36.88
N PRO B 204 -2.74 28.85 -37.09
CA PRO B 204 -3.28 27.52 -36.75
C PRO B 204 -2.45 26.39 -37.33
N VAL B 205 -2.41 25.27 -36.60
CA VAL B 205 -1.71 24.07 -37.02
C VAL B 205 -2.76 23.05 -37.43
N THR B 206 -2.53 22.39 -38.56
CA THR B 206 -3.42 21.37 -39.07
C THR B 206 -2.67 20.06 -39.20
N LYS B 207 -3.25 19.01 -38.64
CA LYS B 207 -2.81 17.64 -38.86
C LYS B 207 -3.95 16.88 -39.54
N SER B 208 -3.58 16.05 -40.52
CA SER B 208 -4.58 15.36 -41.31
C SER B 208 -4.02 14.04 -41.84
N PHE B 209 -4.94 13.16 -42.22
CA PHE B 209 -4.58 11.94 -42.92
C PHE B 209 -5.61 11.73 -44.03
N ASN B 210 -5.32 10.78 -44.90
CA ASN B 210 -6.27 10.40 -45.94
C ASN B 210 -6.73 8.97 -45.67
N ARG B 211 -8.05 8.77 -45.64
CA ARG B 211 -8.60 7.46 -45.29
C ARG B 211 -7.93 6.35 -46.09
N GLY B 212 -7.45 5.35 -45.39
CA GLY B 212 -6.77 4.22 -46.02
C GLY B 212 -5.32 4.50 -46.36
N GLU B 213 -5.06 5.56 -47.11
CA GLU B 213 -3.69 5.91 -47.49
C GLU B 213 -2.83 6.13 -46.24
N GLN C 1 13.66 -4.40 45.99
CA GLN C 1 14.71 -3.34 45.93
C GLN C 1 15.54 -3.43 44.64
N VAL C 2 15.27 -4.39 43.78
CA VAL C 2 15.79 -4.30 42.42
C VAL C 2 15.18 -3.04 41.77
N GLN C 3 15.99 -2.32 41.02
CA GLN C 3 15.51 -1.15 40.30
C GLN C 3 16.09 -1.17 38.89
N LEU C 4 15.36 -0.58 37.97
CA LEU C 4 15.71 -0.60 36.56
C LEU C 4 15.94 0.84 36.10
N VAL C 5 17.10 1.06 35.48
CA VAL C 5 17.50 2.37 34.99
C VAL C 5 17.71 2.27 33.49
N GLN C 6 17.08 3.16 32.74
CA GLN C 6 17.08 3.15 31.28
C GLN C 6 18.00 4.23 30.73
N SER C 7 18.42 4.02 29.49
CA SER C 7 19.17 5.03 28.76
C SER C 7 18.32 6.26 28.50
N GLY C 8 18.98 7.33 28.10
CA GLY C 8 18.34 8.63 28.05
C GLY C 8 17.53 8.87 26.79
N ALA C 9 16.67 9.87 26.85
CA ALA C 9 15.88 10.32 25.73
C ALA C 9 16.78 10.74 24.58
N GLU C 10 16.32 10.52 23.36
CA GLU C 10 17.11 10.94 22.21
C GLU C 10 16.21 11.06 21.00
N VAL C 11 16.68 11.82 20.02
CA VAL C 11 16.03 11.98 18.72
C VAL C 11 16.72 11.01 17.77
N LYS C 12 15.92 10.34 16.93
CA LYS C 12 16.44 9.40 15.95
C LYS C 12 15.78 9.73 14.61
N LYS C 13 16.56 9.64 13.54
CA LYS C 13 16.05 9.96 12.21
C LYS C 13 15.20 8.83 11.66
N PRO C 14 14.16 9.15 10.89
CA PRO C 14 13.37 8.11 10.24
C PRO C 14 14.28 7.12 9.53
N GLY C 15 13.91 5.84 9.61
CA GLY C 15 14.67 4.78 8.98
C GLY C 15 15.81 4.24 9.78
N SER C 16 16.26 4.96 10.79
CA SER C 16 17.34 4.48 11.63
C SER C 16 16.81 3.42 12.61
N SER C 17 17.70 2.94 13.47
CA SER C 17 17.37 2.01 14.54
C SER C 17 17.76 2.63 15.87
N VAL C 18 16.92 2.42 16.89
CA VAL C 18 17.26 2.86 18.24
C VAL C 18 17.44 1.62 19.11
N LYS C 19 18.42 1.69 20.00
CA LYS C 19 18.67 0.62 20.97
C LYS C 19 18.55 1.21 22.37
N VAL C 20 17.54 0.78 23.11
CA VAL C 20 17.29 1.31 24.46
C VAL C 20 17.84 0.32 25.46
N SER C 21 18.52 0.80 26.49
CA SER C 21 19.12 -0.06 27.50
C SER C 21 18.30 -0.01 28.78
N CYS C 22 18.36 -1.10 29.53
CA CYS C 22 17.69 -1.25 30.82
C CYS C 22 18.68 -1.98 31.73
N LYS C 23 19.19 -1.28 32.73
CA LYS C 23 20.17 -1.87 33.63
C LYS C 23 19.55 -2.14 34.99
N ALA C 24 19.66 -3.39 35.45
CA ALA C 24 19.08 -3.83 36.71
C ALA C 24 20.12 -3.73 37.82
N SER C 25 19.70 -3.18 38.96
CA SER C 25 20.54 -2.99 40.14
C SER C 25 19.74 -3.40 41.37
N GLY C 26 20.42 -4.04 42.32
CA GLY C 26 19.88 -4.12 43.66
C GLY C 26 19.01 -5.33 44.01
N GLY C 27 18.78 -6.24 43.09
CA GLY C 27 17.95 -7.39 43.42
C GLY C 27 18.74 -8.47 44.14
N THR C 28 18.16 -9.68 44.19
CA THR C 28 18.91 -10.86 44.59
C THR C 28 19.11 -11.85 43.46
N LEU C 29 18.46 -11.67 42.32
CA LEU C 29 18.64 -12.61 41.21
C LEU C 29 19.72 -12.12 40.26
N ASN C 30 20.24 -13.06 39.47
CA ASN C 30 21.26 -12.73 38.49
C ASN C 30 20.65 -12.23 37.19
N SER C 31 19.43 -12.63 36.89
CA SER C 31 18.72 -12.19 35.71
C SER C 31 17.22 -12.29 35.98
N TYR C 32 16.43 -11.60 35.16
CA TYR C 32 15.02 -11.40 35.45
C TYR C 32 14.19 -11.58 34.19
N GLU C 33 12.91 -11.83 34.38
CA GLU C 33 11.91 -11.63 33.33
C GLU C 33 11.83 -10.14 33.05
N ILE C 34 12.35 -9.71 31.90
CA ILE C 34 12.33 -8.30 31.52
C ILE C 34 11.35 -8.14 30.35
N THR C 35 10.49 -7.14 30.45
CA THR C 35 9.44 -6.89 29.46
C THR C 35 9.53 -5.46 28.96
N TRP C 36 9.09 -5.23 27.71
CA TRP C 36 9.18 -3.92 27.08
C TRP C 36 7.81 -3.49 26.61
N VAL C 37 7.46 -2.25 26.98
CA VAL C 37 6.16 -1.64 26.74
C VAL C 37 6.40 -0.25 26.20
N ARG C 38 5.60 0.19 25.23
CA ARG C 38 5.74 1.58 24.84
C ARG C 38 4.41 2.32 24.98
N GLN C 39 4.53 3.64 25.04
CA GLN C 39 3.36 4.53 25.19
C GLN C 39 3.57 5.73 24.26
N ALA C 40 2.88 5.72 23.13
CA ALA C 40 2.94 6.83 22.19
C ALA C 40 2.08 8.00 22.68
N PRO C 41 2.25 9.16 22.05
CA PRO C 41 1.45 10.33 22.46
C PRO C 41 -0.04 10.02 22.45
N GLY C 42 -0.71 10.40 23.53
CA GLY C 42 -2.15 10.29 23.57
C GLY C 42 -2.70 8.91 23.33
N GLN C 43 -1.89 7.88 23.57
CA GLN C 43 -2.31 6.51 23.35
C GLN C 43 -2.06 5.72 24.63
N GLY C 44 -2.49 4.49 24.62
CA GLY C 44 -2.38 3.61 25.76
C GLY C 44 -1.03 2.95 25.85
N LEU C 45 -1.00 1.83 26.54
CA LEU C 45 0.20 1.03 26.65
C LEU C 45 0.17 -0.01 25.56
N GLU C 46 1.31 -0.25 24.95
CA GLU C 46 1.44 -1.24 23.90
C GLU C 46 2.62 -2.14 24.22
N TRP C 47 2.34 -3.43 24.39
CA TRP C 47 3.34 -4.41 24.74
C TRP C 47 4.16 -4.76 23.51
N MET C 48 5.47 -4.80 23.66
CA MET C 48 6.36 -5.10 22.54
C MET C 48 6.98 -6.49 22.58
N GLY C 49 7.51 -6.89 23.71
CA GLY C 49 8.15 -8.19 23.81
C GLY C 49 8.78 -8.32 25.18
N GLY C 50 9.33 -9.51 25.42
CA GLY C 50 9.97 -9.82 26.68
C GLY C 50 11.11 -10.80 26.48
N ILE C 51 11.88 -10.97 27.56
CA ILE C 51 12.99 -11.92 27.60
C ILE C 51 13.02 -12.57 28.98
N THR C 52 13.23 -13.89 29.01
CA THR C 52 13.19 -14.64 30.26
C THR C 52 14.54 -14.60 30.95
N PRO C 53 14.62 -15.12 32.18
CA PRO C 53 15.92 -15.14 32.88
C PRO C 53 16.97 -16.01 32.23
N ILE C 54 16.59 -16.94 31.38
CA ILE C 54 17.55 -17.70 30.57
C ILE C 54 17.57 -17.20 29.12
N PHE C 55 17.02 -16.02 28.86
CA PHE C 55 17.29 -15.26 27.63
C PHE C 55 16.54 -15.80 26.42
N GLU C 56 15.40 -16.40 26.66
CA GLU C 56 14.46 -16.72 25.58
C GLU C 56 13.53 -15.53 25.37
N THR C 57 13.29 -15.21 24.11
CA THR C 57 12.59 -13.98 23.76
C THR C 57 11.22 -14.29 23.17
N THR C 58 10.29 -13.39 23.43
CA THR C 58 8.95 -13.45 22.87
C THR C 58 8.61 -12.03 22.37
N TYR C 59 8.17 -11.93 21.12
CA TYR C 59 7.81 -10.62 20.57
C TYR C 59 6.34 -10.63 20.19
N ALA C 60 5.68 -9.50 20.37
CA ALA C 60 4.35 -9.34 19.75
C ALA C 60 4.49 -9.37 18.23
N GLN C 61 3.75 -10.27 17.58
CA GLN C 61 3.88 -10.41 16.14
C GLN C 61 3.51 -9.12 15.42
N LYS C 62 2.68 -8.28 16.05
CA LYS C 62 2.22 -7.04 15.40
C LYS C 62 3.39 -6.14 15.02
N PHE C 63 4.51 -6.25 15.72
CA PHE C 63 5.67 -5.46 15.37
C PHE C 63 6.41 -6.03 14.18
N GLN C 64 5.85 -7.06 13.56
CA GLN C 64 6.52 -7.81 12.51
C GLN C 64 7.88 -8.16 13.09
N GLY C 65 8.98 -7.90 12.40
CA GLY C 65 10.25 -8.28 12.98
C GLY C 65 11.07 -7.11 13.42
N ARG C 66 10.43 -5.99 13.74
CA ARG C 66 11.18 -4.77 13.97
C ARG C 66 11.82 -4.69 15.36
N VAL C 67 11.43 -5.55 16.30
CA VAL C 67 11.97 -5.50 17.66
C VAL C 67 12.91 -6.68 17.89
N THR C 68 14.04 -6.38 18.54
CA THR C 68 15.05 -7.34 18.94
C THR C 68 15.42 -7.03 20.38
N ILE C 69 15.25 -8.01 21.26
CA ILE C 69 15.63 -7.87 22.68
C ILE C 69 16.85 -8.75 22.94
N THR C 70 17.87 -8.18 23.55
CA THR C 70 19.10 -8.90 23.84
C THR C 70 19.52 -8.62 25.27
N ALA C 71 20.45 -9.43 25.76
CA ALA C 71 20.91 -9.34 27.13
C ALA C 71 22.43 -9.38 27.18
N ASP C 72 22.99 -8.55 28.05
CA ASP C 72 24.41 -8.53 28.40
C ASP C 72 24.43 -8.94 29.88
N GLU C 73 24.54 -10.25 30.13
CA GLU C 73 24.49 -10.79 31.49
C GLU C 73 25.56 -10.18 32.39
N SER C 74 26.74 -9.91 31.84
CA SER C 74 27.86 -9.45 32.67
C SER C 74 27.60 -8.09 33.26
N THR C 75 26.74 -7.28 32.63
CA THR C 75 26.46 -5.94 33.11
C THR C 75 25.03 -5.79 33.62
N SER C 76 24.28 -6.90 33.67
CA SER C 76 22.91 -6.87 34.17
C SER C 76 22.05 -5.91 33.34
N THR C 77 22.25 -5.93 32.04
CA THR C 77 21.61 -4.97 31.16
C THR C 77 20.79 -5.70 30.10
N THR C 78 19.62 -5.16 29.81
CA THR C 78 18.76 -5.63 28.73
C THR C 78 18.65 -4.51 27.70
N TYR C 79 18.56 -4.92 26.46
CA TYR C 79 18.52 -3.98 25.35
C TYR C 79 17.32 -4.30 24.50
N MET C 80 16.60 -3.28 24.07
CA MET C 80 15.50 -3.39 23.12
C MET C 80 15.87 -2.55 21.91
N GLU C 81 15.93 -3.17 20.75
CA GLU C 81 16.26 -2.47 19.52
C GLU C 81 15.03 -2.42 18.64
N LEU C 82 14.69 -1.23 18.16
CA LEU C 82 13.57 -1.06 17.25
C LEU C 82 14.09 -0.43 15.97
N SER C 83 13.85 -1.10 14.85
CA SER C 83 14.45 -0.76 13.56
C SER C 83 13.42 -0.12 12.63
N SER C 84 13.93 0.46 11.54
CA SER C 84 13.08 1.08 10.51
C SER C 84 12.09 2.04 11.15
N LEU C 85 12.61 2.94 11.96
CA LEU C 85 11.78 3.85 12.73
C LEU C 85 11.01 4.78 11.82
N ARG C 86 9.78 5.09 12.21
CA ARG C 86 8.91 6.03 11.54
C ARG C 86 8.41 7.03 12.58
N PRO C 87 7.92 8.18 12.15
CA PRO C 87 7.43 9.17 13.12
C PRO C 87 6.39 8.63 14.09
N GLU C 88 5.62 7.65 13.67
CA GLU C 88 4.61 7.06 14.55
C GLU C 88 5.24 6.31 15.72
N ASP C 89 6.53 5.99 15.63
CA ASP C 89 7.24 5.29 16.71
C ASP C 89 7.70 6.21 17.83
N THR C 90 7.50 7.50 17.70
CA THR C 90 7.75 8.44 18.79
C THR C 90 6.91 8.01 19.97
N ALA C 91 7.58 7.75 21.09
CA ALA C 91 6.90 7.15 22.23
C ALA C 91 7.86 7.08 23.41
N VAL C 92 7.29 6.94 24.60
CA VAL C 92 8.08 6.56 25.76
C VAL C 92 8.19 5.03 25.76
N TYR C 93 9.41 4.53 25.75
CA TYR C 93 9.68 3.10 25.75
C TYR C 93 10.06 2.71 27.18
N TYR C 94 9.28 1.80 27.76
CA TYR C 94 9.53 1.34 29.13
C TYR C 94 10.04 -0.09 29.12
N CYS C 95 11.00 -0.36 30.02
CA CYS C 95 11.25 -1.72 30.48
C CYS C 95 10.57 -1.90 31.83
N ALA C 96 10.26 -3.13 32.18
CA ALA C 96 9.76 -3.48 33.49
C ALA C 96 10.13 -4.94 33.77
N ARG C 97 10.27 -5.26 35.07
CA ARG C 97 10.34 -6.66 35.46
C ARG C 97 8.93 -7.26 35.48
N ASP C 98 8.78 -8.42 34.85
CA ASP C 98 7.52 -9.11 34.72
C ASP C 98 7.65 -10.49 35.34
N GLY C 99 8.14 -10.54 36.60
CA GLY C 99 8.35 -11.82 37.24
C GLY C 99 7.11 -12.38 37.88
N VAL C 100 7.19 -13.66 38.27
CA VAL C 100 6.16 -14.25 39.09
C VAL C 100 6.20 -13.60 40.45
N ARG C 101 5.06 -13.09 40.91
CA ARG C 101 5.00 -12.33 42.14
C ARG C 101 4.09 -12.95 43.17
N TYR C 102 3.22 -13.86 42.78
CA TYR C 102 2.16 -14.36 43.63
C TYR C 102 1.76 -15.69 43.02
N CYS C 103 1.59 -16.68 43.85
CA CYS C 103 1.01 -17.96 43.42
C CYS C 103 -0.15 -18.28 44.38
N GLY C 104 -1.27 -18.71 43.80
CA GLY C 104 -2.44 -19.06 44.58
C GLY C 104 -3.39 -19.80 43.69
N GLY C 105 -4.24 -20.58 44.38
CA GLY C 105 -5.20 -21.42 43.70
C GLY C 105 -4.64 -22.33 42.61
N GLY C 106 -3.38 -22.70 42.80
CA GLY C 106 -2.71 -23.62 41.89
C GLY C 106 -2.09 -22.99 40.69
N ARG C 107 -2.06 -21.66 40.63
CA ARG C 107 -1.54 -20.93 39.48
C ARG C 107 -0.55 -19.88 39.95
N CYS C 108 0.26 -19.38 39.01
CA CYS C 108 1.23 -18.33 39.27
C CYS C 108 0.91 -17.10 38.44
N TYR C 109 1.06 -15.94 39.05
CA TYR C 109 0.65 -14.66 38.47
C TYR C 109 1.86 -13.77 38.31
N ASN C 110 2.03 -13.27 37.08
CA ASN C 110 3.11 -12.35 36.72
C ASN C 110 2.52 -10.94 36.69
N TRP C 111 3.37 -9.96 36.98
CA TRP C 111 2.99 -8.60 36.69
C TRP C 111 4.18 -7.67 36.67
N PHE C 112 3.94 -6.48 36.11
CA PHE C 112 5.03 -5.54 35.81
C PHE C 112 5.33 -4.74 37.05
N ASP C 113 6.52 -4.95 37.63
CA ASP C 113 6.98 -4.21 38.81
C ASP C 113 8.41 -4.65 39.15
N PRO C 114 9.35 -3.71 39.31
CA PRO C 114 9.19 -2.27 39.09
C PRO C 114 9.25 -1.97 37.61
N TRP C 115 9.05 -0.70 37.27
CA TRP C 115 9.22 -0.17 35.93
C TRP C 115 10.48 0.65 35.86
N GLY C 116 11.16 0.63 34.72
CA GLY C 116 12.15 1.65 34.44
C GLY C 116 11.48 3.02 34.39
N GLN C 117 12.31 4.06 34.33
CA GLN C 117 11.78 5.42 34.27
C GLN C 117 11.28 5.79 32.88
N GLY C 118 11.54 4.97 31.88
CA GLY C 118 11.12 5.28 30.52
C GLY C 118 12.16 6.05 29.72
N THR C 119 12.14 5.81 28.40
CA THR C 119 13.03 6.48 27.46
C THR C 119 12.19 7.10 26.36
N LEU C 120 12.21 8.44 26.27
CA LEU C 120 11.45 9.11 25.21
C LEU C 120 12.29 9.14 23.93
N VAL C 121 11.86 8.37 22.94
CA VAL C 121 12.48 8.35 21.62
C VAL C 121 11.62 9.21 20.70
N THR C 122 12.21 10.27 20.16
CA THR C 122 11.52 11.15 19.23
C THR C 122 12.06 10.87 17.84
N VAL C 123 11.21 10.45 16.93
CA VAL C 123 11.65 10.13 15.59
C VAL C 123 11.43 11.35 14.71
N SER C 124 12.53 11.95 14.24
CA SER C 124 12.38 13.13 13.39
C SER C 124 13.74 13.50 12.82
N SER C 125 13.69 14.35 11.79
CA SER C 125 14.89 14.80 11.09
C SER C 125 15.58 15.93 11.83
N ALA C 126 14.90 16.57 12.78
CA ALA C 126 15.41 17.78 13.39
C ALA C 126 16.59 17.48 14.31
N SER C 127 17.41 18.50 14.52
CA SER C 127 18.61 18.34 15.33
C SER C 127 18.33 18.65 16.80
N THR C 128 19.18 18.09 17.66
CA THR C 128 19.10 18.35 19.10
C THR C 128 19.56 19.77 19.41
N LYS C 129 18.87 20.40 20.35
CA LYS C 129 19.10 21.80 20.66
C LYS C 129 18.76 22.05 22.11
N GLY C 130 19.71 22.62 22.86
CA GLY C 130 19.51 22.95 24.24
C GLY C 130 18.68 24.21 24.40
N PRO C 131 18.04 24.36 25.56
CA PRO C 131 17.10 25.48 25.74
C PRO C 131 17.75 26.76 26.25
N SER C 132 17.07 27.86 26.01
CA SER C 132 17.33 29.09 26.73
C SER C 132 16.37 29.17 27.92
N VAL C 133 16.84 29.74 29.03
CA VAL C 133 16.04 29.88 30.24
C VAL C 133 15.97 31.34 30.61
N PHE C 134 14.75 31.84 30.81
CA PHE C 134 14.54 33.24 31.10
C PHE C 134 13.68 33.36 32.35
N PRO C 135 13.94 34.35 33.19
CA PRO C 135 13.17 34.50 34.42
C PRO C 135 11.84 35.20 34.17
N LEU C 136 10.81 34.70 34.84
CA LEU C 136 9.50 35.37 34.91
C LEU C 136 9.42 36.02 36.29
N ALA C 137 9.80 37.26 36.37
CA ALA C 137 9.98 37.86 37.69
C ALA C 137 8.63 38.23 38.32
N PRO C 138 8.48 38.00 39.62
CA PRO C 138 7.29 38.52 40.31
C PRO C 138 7.30 40.02 40.42
N SER C 139 6.11 40.59 40.52
CA SER C 139 5.96 42.04 40.53
C SER C 139 4.53 42.32 40.96
N SER C 140 4.17 43.59 41.00
CA SER C 140 2.79 43.97 41.26
C SER C 140 1.84 43.30 40.29
N LYS C 141 2.30 43.03 39.06
CA LYS C 141 1.45 42.50 38.01
C LYS C 141 1.25 41.00 38.12
N SER C 142 1.99 40.34 39.00
CA SER C 142 1.81 38.93 39.28
C SER C 142 1.59 38.69 40.76
N THR C 143 1.02 39.68 41.45
CA THR C 143 0.69 39.56 42.87
C THR C 143 -0.78 39.90 43.08
N SER C 144 -1.50 39.02 43.77
CA SER C 144 -2.84 39.38 44.25
C SER C 144 -3.17 38.63 45.54
N GLY C 145 -3.80 39.35 46.47
CA GLY C 145 -4.25 38.75 47.71
C GLY C 145 -3.12 38.20 48.56
N GLY C 146 -1.96 38.82 48.51
CA GLY C 146 -0.82 38.34 49.29
C GLY C 146 -0.06 37.20 48.67
N THR C 147 -0.45 36.74 47.48
CA THR C 147 0.22 35.66 46.79
C THR C 147 0.94 36.23 45.56
N ALA C 148 2.19 35.84 45.40
CA ALA C 148 3.02 36.26 44.27
C ALA C 148 3.30 35.06 43.38
N ALA C 149 3.21 35.26 42.07
CA ALA C 149 3.57 34.24 41.10
C ALA C 149 4.89 34.62 40.42
N LEU C 150 5.72 33.62 40.20
CA LEU C 150 7.01 33.79 39.53
C LEU C 150 7.27 32.50 38.76
N GLY C 151 8.28 32.53 37.89
CA GLY C 151 8.52 31.37 37.05
C GLY C 151 9.78 31.45 36.22
N CYS C 152 9.90 30.47 35.33
CA CYS C 152 11.00 30.35 34.37
C CYS C 152 10.41 29.96 33.04
N LEU C 153 10.81 30.66 32.00
CA LEU C 153 10.49 30.34 30.61
C LEU C 153 11.64 29.57 29.98
N VAL C 154 11.38 28.31 29.61
CA VAL C 154 12.36 27.42 29.00
C VAL C 154 12.04 27.32 27.52
N LYS C 155 12.85 27.97 26.68
CA LYS C 155 12.49 28.19 25.29
C LYS C 155 13.46 27.56 24.28
N ASP C 156 12.88 27.08 23.18
CA ASP C 156 13.60 26.74 21.95
C ASP C 156 14.53 25.54 22.14
N TYR C 157 13.98 24.42 22.57
CA TYR C 157 14.75 23.19 22.66
C TYR C 157 14.12 22.09 21.81
N PHE C 158 14.92 21.06 21.57
CA PHE C 158 14.49 19.88 20.83
C PHE C 158 15.49 18.80 21.20
N PRO C 159 15.05 17.55 21.39
CA PRO C 159 13.68 17.06 21.50
C PRO C 159 13.14 17.21 22.93
N GLU C 160 11.95 16.69 23.23
CA GLU C 160 11.55 16.54 24.60
C GLU C 160 12.39 15.43 25.25
N PRO C 161 12.53 15.43 26.57
CA PRO C 161 11.89 16.33 27.50
C PRO C 161 12.86 17.23 28.23
N VAL C 162 12.27 18.24 28.86
CA VAL C 162 12.93 19.11 29.84
C VAL C 162 12.36 18.77 31.21
N THR C 163 13.20 18.79 32.24
CA THR C 163 12.72 18.74 33.60
C THR C 163 13.06 20.05 34.31
N VAL C 164 12.18 20.46 35.22
CA VAL C 164 12.35 21.67 36.01
C VAL C 164 12.06 21.35 37.48
N SER C 165 12.97 21.76 38.36
CA SER C 165 12.74 21.77 39.81
C SER C 165 12.96 23.19 40.29
N TRP C 166 12.50 23.48 41.51
CA TRP C 166 12.74 24.77 42.14
C TRP C 166 13.52 24.59 43.44
N ASN C 167 14.47 25.49 43.68
CA ASN C 167 15.35 25.43 44.84
C ASN C 167 15.83 23.99 45.06
N SER C 168 16.35 23.42 43.98
CA SER C 168 16.97 22.10 43.97
C SER C 168 16.06 21.03 44.54
N GLY C 169 14.76 21.20 44.37
CA GLY C 169 13.81 20.22 44.82
C GLY C 169 13.14 20.54 46.13
N ALA C 170 13.64 21.52 46.86
CA ALA C 170 13.02 21.91 48.13
C ALA C 170 11.63 22.50 47.92
N LEU C 171 11.44 23.27 46.86
CA LEU C 171 10.19 23.99 46.60
C LEU C 171 9.38 23.19 45.59
N THR C 172 8.30 22.59 46.07
CA THR C 172 7.39 21.81 45.25
C THR C 172 5.95 22.22 45.37
N SER C 173 5.51 22.86 46.45
CA SER C 173 4.13 23.24 46.62
C SER C 173 3.84 24.43 45.72
N GLY C 174 2.72 24.38 45.05
CA GLY C 174 2.31 25.44 44.15
C GLY C 174 3.02 25.50 42.82
N VAL C 175 3.85 24.52 42.49
CA VAL C 175 4.58 24.50 41.22
C VAL C 175 3.67 23.99 40.11
N HIS C 176 3.65 24.68 38.98
CA HIS C 176 3.02 24.18 37.77
C HIS C 176 4.03 24.28 36.64
N THR C 177 4.50 23.13 36.16
CA THR C 177 5.34 23.03 34.97
C THR C 177 4.44 22.64 33.80
N PHE C 178 4.25 23.53 32.90
CA PHE C 178 3.29 23.28 31.85
C PHE C 178 3.81 22.31 30.79
N PRO C 179 2.89 21.55 30.20
CA PRO C 179 3.23 20.78 29.01
C PRO C 179 3.88 21.68 27.97
N ALA C 180 4.89 21.13 27.31
CA ALA C 180 5.58 21.86 26.28
C ALA C 180 4.68 22.00 25.06
N VAL C 181 4.89 23.11 24.35
CA VAL C 181 4.19 23.43 23.12
C VAL C 181 5.20 23.48 21.98
N LEU C 182 4.83 22.90 20.85
CA LEU C 182 5.68 22.95 19.67
C LEU C 182 5.45 24.28 18.97
N GLN C 183 6.51 25.07 18.84
CA GLN C 183 6.41 26.33 18.11
C GLN C 183 6.59 26.10 16.61
N SER C 184 6.21 27.09 15.82
CA SER C 184 6.23 26.94 14.36
C SER C 184 7.66 26.76 13.86
N SER C 185 8.66 27.12 14.67
CA SER C 185 10.04 26.87 14.33
C SER C 185 10.42 25.39 14.43
N GLY C 186 9.53 24.54 14.91
CA GLY C 186 9.90 23.17 15.17
C GLY C 186 10.56 22.94 16.51
N LEU C 187 10.67 23.95 17.35
CA LEU C 187 11.33 23.87 18.64
C LEU C 187 10.26 23.95 19.73
N TYR C 188 10.51 23.27 20.83
CA TYR C 188 9.56 23.25 21.94
C TYR C 188 9.82 24.43 22.89
N SER C 189 8.78 24.80 23.62
CA SER C 189 8.86 25.81 24.65
C SER C 189 7.87 25.46 25.76
N LEU C 190 8.16 25.97 26.96
CA LEU C 190 7.39 25.67 28.16
C LEU C 190 7.71 26.69 29.22
N SER C 191 6.75 26.93 30.11
CA SER C 191 6.98 27.70 31.33
C SER C 191 6.80 26.83 32.57
N SER C 192 7.56 27.16 33.61
CA SER C 192 7.34 26.62 34.94
C SER C 192 7.04 27.77 35.88
N VAL C 193 5.92 27.69 36.60
CA VAL C 193 5.53 28.78 37.50
C VAL C 193 5.29 28.23 38.90
N VAL C 194 5.34 29.13 39.87
CA VAL C 194 5.07 28.78 41.27
C VAL C 194 4.50 30.00 41.95
N THR C 195 3.55 29.77 42.86
CA THR C 195 2.99 30.83 43.68
C THR C 195 3.61 30.76 45.06
N VAL C 196 4.02 31.91 45.59
CA VAL C 196 4.61 31.96 46.92
C VAL C 196 3.95 33.09 47.68
N PRO C 197 4.11 33.11 49.00
CA PRO C 197 3.65 34.28 49.76
C PRO C 197 4.43 35.53 49.35
N SER C 198 3.70 36.61 49.09
CA SER C 198 4.35 37.88 48.72
C SER C 198 5.34 38.33 49.77
N SER C 199 5.07 38.06 51.05
CA SER C 199 5.98 38.46 52.11
C SER C 199 7.35 37.82 51.97
N SER C 200 7.48 36.75 51.18
CA SER C 200 8.75 36.04 51.05
C SER C 200 9.65 36.64 49.97
N LEU C 201 9.14 37.49 49.09
CA LEU C 201 9.94 37.97 47.99
C LEU C 201 11.18 38.72 48.47
N GLY C 202 11.10 39.35 49.65
CA GLY C 202 12.26 40.07 50.16
C GLY C 202 13.33 39.22 50.79
N THR C 203 13.01 37.97 51.16
CA THR C 203 13.88 37.18 52.01
C THR C 203 14.17 35.78 51.49
N GLN C 204 13.41 35.26 50.54
CA GLN C 204 13.57 33.90 50.05
C GLN C 204 14.17 33.92 48.66
N THR C 205 15.23 33.14 48.46
CA THR C 205 15.80 32.95 47.14
C THR C 205 14.99 31.93 46.35
N TYR C 206 14.72 32.24 45.10
CA TYR C 206 14.01 31.34 44.19
C TYR C 206 14.87 31.10 42.96
N ILE C 207 15.21 29.84 42.74
CA ILE C 207 16.01 29.41 41.60
C ILE C 207 15.26 28.26 40.94
N CYS C 208 15.14 28.30 39.62
CA CYS C 208 14.62 27.17 38.87
C CYS C 208 15.80 26.42 38.29
N ASN C 209 15.73 25.09 38.37
CA ASN C 209 16.79 24.20 37.93
C ASN C 209 16.26 23.43 36.72
N VAL C 210 16.85 23.69 35.56
CA VAL C 210 16.37 23.18 34.29
C VAL C 210 17.40 22.18 33.78
N ASN C 211 16.94 20.98 33.46
CA ASN C 211 17.77 19.97 32.81
C ASN C 211 17.17 19.59 31.47
N HIS C 212 17.99 19.67 30.42
CA HIS C 212 17.66 19.10 29.11
C HIS C 212 18.77 18.08 28.81
N LYS C 213 18.53 16.81 29.14
CA LYS C 213 19.55 15.79 29.07
C LYS C 213 19.94 15.42 27.65
N PRO C 214 19.01 15.45 26.67
CA PRO C 214 19.42 15.17 25.29
C PRO C 214 20.59 16.03 24.83
N SER C 215 20.64 17.31 25.21
CA SER C 215 21.74 18.18 24.85
C SER C 215 22.77 18.34 25.97
N ASN C 216 22.63 17.59 27.05
CA ASN C 216 23.48 17.77 28.24
C ASN C 216 23.51 19.24 28.68
N THR C 217 22.33 19.82 28.83
CA THR C 217 22.20 21.21 29.26
C THR C 217 21.65 21.25 30.68
N LYS C 218 22.35 21.94 31.57
CA LYS C 218 21.92 22.18 32.94
C LYS C 218 22.01 23.67 33.21
N VAL C 219 20.90 24.27 33.61
CA VAL C 219 20.84 25.70 33.88
C VAL C 219 20.11 25.91 35.20
N ASP C 220 20.70 26.71 36.08
CA ASP C 220 20.05 27.24 37.26
C ASP C 220 19.85 28.73 37.05
N LYS C 221 18.62 29.21 37.20
CA LYS C 221 18.30 30.61 36.93
C LYS C 221 17.69 31.21 38.18
N ARG C 222 18.36 32.20 38.74
CA ARG C 222 17.80 32.95 39.85
C ARG C 222 16.68 33.84 39.34
N VAL C 223 15.54 33.81 40.02
CA VAL C 223 14.41 34.65 39.65
C VAL C 223 14.21 35.68 40.76
N GLU C 224 14.35 36.96 40.43
CA GLU C 224 14.30 38.02 41.42
C GLU C 224 13.19 39.01 41.13
N PRO C 225 12.63 39.64 42.16
CA PRO C 225 11.59 40.65 41.94
C PRO C 225 12.14 41.84 41.15
N LYS C 226 11.28 42.46 40.35
CA LYS C 226 11.74 43.56 39.49
C LYS C 226 11.79 44.85 40.31
N ASP D 1 -2.07 -11.50 20.60
CA ASP D 1 -3.09 -12.53 20.28
C ASP D 1 -4.35 -12.30 21.10
N ILE D 2 -4.26 -12.27 22.44
CA ILE D 2 -5.47 -12.14 23.25
C ILE D 2 -5.89 -10.68 23.32
N GLN D 3 -7.01 -10.35 22.68
CA GLN D 3 -7.46 -8.98 22.62
C GLN D 3 -8.23 -8.58 23.87
N MET D 4 -7.84 -7.45 24.45
CA MET D 4 -8.50 -6.88 25.62
C MET D 4 -9.27 -5.64 25.19
N THR D 5 -10.51 -5.52 25.65
CA THR D 5 -11.38 -4.39 25.33
C THR D 5 -11.76 -3.71 26.63
N GLN D 6 -11.34 -2.47 26.80
CA GLN D 6 -11.63 -1.71 28.00
C GLN D 6 -12.70 -0.66 27.69
N SER D 7 -13.64 -0.45 28.61
CA SER D 7 -14.61 0.63 28.44
C SER D 7 -15.08 1.11 29.80
N PRO D 8 -15.54 2.34 29.89
CA PRO D 8 -15.52 3.35 28.79
C PRO D 8 -14.09 3.84 28.51
N SER D 9 -13.90 4.61 27.44
CA SER D 9 -12.57 5.17 27.19
C SER D 9 -12.24 6.28 28.19
N SER D 10 -13.28 6.96 28.71
CA SER D 10 -13.08 7.97 29.73
C SER D 10 -14.40 8.16 30.46
N LEU D 11 -14.31 8.77 31.64
CA LEU D 11 -15.49 9.08 32.43
C LEU D 11 -15.17 10.21 33.39
N SER D 12 -16.23 10.83 33.89
CA SER D 12 -16.16 11.95 34.82
C SER D 12 -17.10 11.63 35.96
N ALA D 13 -16.64 11.85 37.18
CA ALA D 13 -17.45 11.58 38.35
C ALA D 13 -17.00 12.52 39.45
N SER D 14 -17.91 12.78 40.41
CA SER D 14 -17.61 13.67 41.51
C SER D 14 -16.94 12.91 42.64
N VAL D 15 -16.29 13.66 43.55
CA VAL D 15 -15.68 13.02 44.70
C VAL D 15 -16.77 12.34 45.51
N GLY D 16 -16.45 11.17 46.05
CA GLY D 16 -17.41 10.34 46.73
C GLY D 16 -18.25 9.44 45.84
N ASP D 17 -18.22 9.63 44.54
CA ASP D 17 -19.01 8.78 43.65
C ASP D 17 -18.40 7.37 43.59
N ARG D 18 -19.22 6.43 43.16
CA ARG D 18 -18.79 5.07 42.89
C ARG D 18 -18.50 4.94 41.40
N VAL D 19 -17.32 4.44 41.07
CA VAL D 19 -16.86 4.33 39.69
C VAL D 19 -16.54 2.87 39.38
N THR D 20 -17.05 2.38 38.25
CA THR D 20 -16.70 1.04 37.82
C THR D 20 -16.27 1.08 36.37
N ILE D 21 -15.17 0.44 36.08
CA ILE D 21 -14.67 0.33 34.71
C ILE D 21 -14.55 -1.14 34.35
N THR D 22 -14.61 -1.39 33.05
CA THR D 22 -14.82 -2.73 32.52
C THR D 22 -13.70 -3.12 31.57
N CYS D 23 -13.39 -4.42 31.60
CA CYS D 23 -12.36 -5.05 30.77
C CYS D 23 -12.92 -6.38 30.31
N ARG D 24 -12.88 -6.62 29.00
CA ARG D 24 -13.33 -7.87 28.42
C ARG D 24 -12.20 -8.52 27.65
N ALA D 25 -11.97 -9.79 27.90
CA ALA D 25 -10.94 -10.55 27.20
C ALA D 25 -11.57 -11.31 26.05
N GLY D 26 -10.89 -11.33 24.90
CA GLY D 26 -11.42 -12.04 23.75
C GLY D 26 -11.44 -13.54 23.89
N GLN D 27 -10.85 -14.08 24.95
CA GLN D 27 -10.95 -15.51 25.22
C GLN D 27 -10.72 -15.69 26.72
N ASN D 28 -11.08 -16.87 27.22
CA ASN D 28 -10.99 -17.12 28.66
C ASN D 28 -9.56 -16.91 29.13
N ILE D 29 -9.39 -16.13 30.21
CA ILE D 29 -8.05 -15.95 30.76
C ILE D 29 -8.05 -16.25 32.26
N ASN D 30 -9.06 -16.96 32.73
CA ASN D 30 -9.14 -17.37 34.15
C ASN D 30 -9.13 -16.09 34.98
N ASN D 31 -8.22 -15.94 35.92
CA ASN D 31 -8.07 -14.70 36.67
C ASN D 31 -6.68 -14.12 36.46
N TYR D 32 -6.04 -14.46 35.34
CA TYR D 32 -4.73 -13.89 35.01
C TYR D 32 -4.90 -12.46 34.46
N LEU D 33 -5.24 -11.56 35.36
CA LEU D 33 -5.58 -10.19 34.94
C LEU D 33 -5.08 -9.23 35.99
N ASN D 34 -4.39 -8.19 35.52
CA ASN D 34 -3.86 -7.13 36.35
C ASN D 34 -4.46 -5.80 35.95
N TRP D 35 -4.59 -4.91 36.92
CA TRP D 35 -4.94 -3.52 36.64
C TRP D 35 -3.78 -2.63 37.06
N TYR D 36 -3.53 -1.58 36.27
CA TYR D 36 -2.52 -0.58 36.61
C TYR D 36 -3.16 0.81 36.60
N GLN D 37 -2.63 1.66 37.46
CA GLN D 37 -2.98 3.06 37.56
C GLN D 37 -1.81 3.88 37.04
N GLN D 38 -2.09 4.80 36.13
CA GLN D 38 -1.03 5.68 35.62
C GLN D 38 -1.41 7.14 35.86
N LYS D 39 -0.64 7.83 36.71
CA LYS D 39 -0.89 9.23 37.00
C LYS D 39 -0.06 10.11 36.09
N PRO D 40 -0.45 11.38 35.94
CA PRO D 40 0.20 12.24 34.94
C PRO D 40 1.70 12.36 35.16
N GLY D 41 2.46 12.05 34.11
CA GLY D 41 3.90 12.12 34.16
C GLY D 41 4.61 11.00 34.89
N LYS D 42 3.95 9.87 35.14
CA LYS D 42 4.59 8.77 35.84
C LYS D 42 4.41 7.47 35.08
N ALA D 43 5.25 6.51 35.39
CA ALA D 43 5.06 5.15 34.89
C ALA D 43 3.80 4.55 35.53
N PRO D 44 3.16 3.62 34.84
CA PRO D 44 2.04 2.92 35.47
C PRO D 44 2.50 2.17 36.70
N LYS D 45 1.56 1.96 37.63
CA LYS D 45 1.81 1.26 38.90
C LYS D 45 0.71 0.22 39.07
N VAL D 46 1.12 -1.01 39.43
CA VAL D 46 0.16 -2.09 39.58
C VAL D 46 -0.75 -1.76 40.74
N LEU D 47 -2.02 -2.04 40.57
CA LEU D 47 -3.07 -1.73 41.53
C LEU D 47 -3.77 -2.99 42.00
N ILE D 48 -4.06 -3.89 41.08
CA ILE D 48 -4.78 -5.12 41.37
C ILE D 48 -4.10 -6.24 40.60
N TYR D 49 -3.89 -7.38 41.29
CA TYR D 49 -3.36 -8.58 40.65
C TYR D 49 -4.33 -9.76 40.81
N ALA D 50 -4.20 -10.71 39.90
CA ALA D 50 -5.07 -11.89 39.87
C ALA D 50 -6.52 -11.49 39.99
N ALA D 51 -6.92 -10.49 39.18
CA ALA D 51 -8.29 -10.03 39.04
C ALA D 51 -8.89 -9.30 40.24
N SER D 52 -8.52 -9.71 41.47
CA SER D 52 -9.25 -9.18 42.62
C SER D 52 -8.45 -8.96 43.90
N ASN D 53 -7.12 -8.97 43.87
CA ASN D 53 -6.31 -8.69 45.03
C ASN D 53 -5.66 -7.32 44.92
N LEU D 54 -5.81 -6.53 46.00
CA LEU D 54 -5.19 -5.23 46.06
C LEU D 54 -3.70 -5.35 46.36
N GLN D 55 -2.90 -4.69 45.54
CA GLN D 55 -1.50 -4.50 45.85
C GLN D 55 -1.36 -3.83 47.21
N SER D 56 -0.35 -4.23 47.96
CA SER D 56 -0.12 -3.67 49.29
C SER D 56 0.06 -2.16 49.21
N GLY D 57 -0.61 -1.45 50.11
CA GLY D 57 -0.57 0.00 50.15
C GLY D 57 -1.67 0.69 49.35
N VAL D 58 -2.41 -0.05 48.54
CA VAL D 58 -3.51 0.55 47.77
C VAL D 58 -4.71 0.73 48.69
N PRO D 59 -5.35 1.89 48.65
CA PRO D 59 -6.48 2.13 49.56
C PRO D 59 -7.65 1.19 49.29
N SER D 60 -8.44 0.94 50.33
CA SER D 60 -9.48 -0.07 50.29
C SER D 60 -10.68 0.30 49.43
N ARG D 61 -10.83 1.57 49.04
CA ARG D 61 -11.90 1.93 48.12
C ARG D 61 -11.74 1.25 46.77
N PHE D 62 -10.54 0.80 46.43
CA PHE D 62 -10.30 0.06 45.20
C PHE D 62 -10.66 -1.42 45.39
N SER D 63 -11.23 -2.01 44.35
CA SER D 63 -11.45 -3.44 44.36
C SER D 63 -11.59 -3.90 42.92
N GLY D 64 -11.42 -5.19 42.70
CA GLY D 64 -11.54 -5.77 41.39
C GLY D 64 -12.27 -7.09 41.48
N SER D 65 -12.94 -7.44 40.38
CA SER D 65 -13.53 -8.77 40.33
C SER D 65 -13.64 -9.26 38.89
N GLY D 66 -13.84 -10.57 38.75
CA GLY D 66 -14.07 -11.20 37.48
C GLY D 66 -13.28 -12.47 37.34
N SER D 67 -13.80 -13.39 36.53
CA SER D 67 -13.07 -14.60 36.14
C SER D 67 -13.63 -15.08 34.81
N GLY D 68 -12.75 -15.42 33.88
CA GLY D 68 -13.17 -15.87 32.57
C GLY D 68 -12.85 -14.83 31.53
N THR D 69 -13.86 -14.03 31.14
CA THR D 69 -13.69 -12.99 30.14
C THR D 69 -14.05 -11.59 30.59
N ASP D 70 -14.81 -11.44 31.67
CA ASP D 70 -15.39 -10.15 32.04
C ASP D 70 -14.85 -9.75 33.39
N PHE D 71 -14.25 -8.56 33.45
CA PHE D 71 -13.56 -8.08 34.64
C PHE D 71 -13.96 -6.65 34.89
N THR D 72 -13.97 -6.28 36.16
CA THR D 72 -14.33 -4.93 36.55
C THR D 72 -13.37 -4.43 37.59
N LEU D 73 -13.11 -3.14 37.53
CA LEU D 73 -12.40 -2.40 38.56
C LEU D 73 -13.36 -1.38 39.14
N THR D 74 -13.40 -1.33 40.47
CA THR D 74 -14.34 -0.44 41.13
C THR D 74 -13.61 0.45 42.12
N ILE D 75 -13.95 1.73 42.09
CA ILE D 75 -13.57 2.70 43.10
C ILE D 75 -14.87 3.05 43.84
N SER D 76 -14.94 2.74 45.12
CA SER D 76 -16.23 2.87 45.82
C SER D 76 -16.56 4.32 46.15
N SER D 77 -15.54 5.15 46.40
CA SER D 77 -15.71 6.55 46.79
C SER D 77 -14.59 7.37 46.16
N LEU D 78 -14.84 7.83 44.93
CA LEU D 78 -13.78 8.50 44.16
C LEU D 78 -13.17 9.65 44.95
N GLN D 79 -11.84 9.70 44.97
CA GLN D 79 -11.11 10.80 45.58
C GLN D 79 -10.32 11.59 44.55
N PRO D 80 -9.99 12.84 44.85
CA PRO D 80 -9.24 13.65 43.89
C PRO D 80 -7.98 12.99 43.38
N GLU D 81 -7.21 12.34 44.26
CA GLU D 81 -5.95 11.71 43.86
C GLU D 81 -6.18 10.49 42.98
N ASP D 82 -7.41 10.09 42.74
CA ASP D 82 -7.65 8.99 41.82
C ASP D 82 -7.68 9.43 40.37
N PHE D 83 -7.55 10.72 40.09
CA PHE D 83 -7.37 11.16 38.72
C PHE D 83 -6.19 10.43 38.09
N ALA D 84 -6.44 9.72 37.00
CA ALA D 84 -5.46 8.84 36.41
C ALA D 84 -6.10 8.09 35.24
N THR D 85 -5.28 7.37 34.50
CA THR D 85 -5.75 6.40 33.52
C THR D 85 -5.46 4.99 34.03
N TYR D 86 -6.44 4.12 33.89
CA TYR D 86 -6.42 2.76 34.43
C TYR D 86 -6.39 1.78 33.27
N TYR D 87 -5.47 0.83 33.33
CA TYR D 87 -5.32 -0.16 32.28
C TYR D 87 -5.43 -1.56 32.87
N CYS D 88 -6.14 -2.45 32.17
CA CYS D 88 -6.08 -3.88 32.46
C CYS D 88 -5.01 -4.52 31.58
N GLN D 89 -4.58 -5.72 31.97
CA GLN D 89 -3.48 -6.42 31.28
C GLN D 89 -3.61 -7.90 31.57
N GLN D 90 -3.66 -8.74 30.54
CA GLN D 90 -3.75 -10.17 30.81
C GLN D 90 -2.37 -10.81 30.85
N SER D 91 -2.23 -11.83 31.71
CA SER D 91 -0.99 -12.57 31.93
C SER D 91 -1.20 -14.06 31.70
N HIS D 92 -2.26 -14.39 30.99
CA HIS D 92 -2.57 -15.78 30.67
C HIS D 92 -1.58 -16.33 29.68
N SER D 93 -1.22 -15.53 28.68
CA SER D 93 -0.31 -15.97 27.64
C SER D 93 0.99 -15.19 27.70
N THR D 94 2.04 -15.84 27.18
CA THR D 94 3.37 -15.24 27.18
C THR D 94 3.37 -13.93 26.43
N VAL D 95 2.54 -13.80 25.39
CA VAL D 95 2.35 -12.53 24.68
C VAL D 95 1.35 -11.73 25.52
N ARG D 96 1.88 -10.81 26.30
CA ARG D 96 1.05 -9.98 27.14
C ARG D 96 0.30 -8.99 26.25
N THR D 97 -0.87 -8.56 26.73
CA THR D 97 -1.63 -7.52 26.04
C THR D 97 -2.29 -6.59 27.05
N PHE D 98 -2.56 -5.38 26.60
CA PHE D 98 -3.20 -4.37 27.43
C PHE D 98 -4.55 -3.98 26.84
N GLY D 99 -5.47 -3.59 27.73
CA GLY D 99 -6.65 -2.85 27.31
C GLY D 99 -6.28 -1.44 26.87
N GLN D 100 -7.23 -0.78 26.21
CA GLN D 100 -6.95 0.53 25.65
C GLN D 100 -6.87 1.60 26.72
N GLY D 101 -7.32 1.33 27.92
CA GLY D 101 -7.22 2.31 28.99
C GLY D 101 -8.54 3.01 29.24
N THR D 102 -8.75 3.44 30.50
CA THR D 102 -9.88 4.27 30.89
C THR D 102 -9.35 5.46 31.67
N LYS D 103 -9.58 6.67 31.16
CA LYS D 103 -9.21 7.89 31.87
C LYS D 103 -10.35 8.32 32.80
N VAL D 104 -10.00 8.56 34.06
CA VAL D 104 -10.96 8.95 35.09
C VAL D 104 -10.73 10.42 35.41
N GLU D 105 -11.75 11.24 35.18
CA GLU D 105 -11.74 12.66 35.45
C GLU D 105 -12.67 12.98 36.61
N ILE D 106 -12.35 14.04 37.34
CA ILE D 106 -13.10 14.42 38.53
C ILE D 106 -13.95 15.64 38.23
N LYS D 107 -15.26 15.51 38.44
CA LYS D 107 -16.18 16.63 38.45
C LYS D 107 -16.10 17.37 39.78
N ARG D 108 -16.10 18.70 39.72
CA ARG D 108 -16.09 19.50 40.92
C ARG D 108 -16.83 20.82 40.68
N THR D 109 -16.84 21.67 41.71
CA THR D 109 -17.54 22.93 41.62
C THR D 109 -16.67 23.96 40.89
N VAL D 110 -17.34 24.99 40.33
CA VAL D 110 -16.61 26.04 39.64
C VAL D 110 -15.63 26.73 40.57
N ALA D 111 -14.47 27.06 40.03
CA ALA D 111 -13.39 27.70 40.78
C ALA D 111 -12.75 28.71 39.86
N ALA D 112 -12.72 29.94 40.28
CA ALA D 112 -12.24 31.04 39.44
C ALA D 112 -10.72 31.03 39.39
N PRO D 113 -10.13 31.36 38.24
CA PRO D 113 -8.67 31.48 38.18
C PRO D 113 -8.19 32.75 38.86
N SER D 114 -7.04 32.67 39.50
CA SER D 114 -6.20 33.84 39.71
C SER D 114 -5.49 34.14 38.40
N VAL D 115 -5.30 35.42 38.10
CA VAL D 115 -4.66 35.80 36.85
C VAL D 115 -3.43 36.63 37.17
N PHE D 116 -2.33 36.30 36.50
CA PHE D 116 -1.06 36.99 36.64
C PHE D 116 -0.48 37.26 35.26
N ILE D 117 0.36 38.28 35.15
CA ILE D 117 0.99 38.59 33.87
C ILE D 117 2.46 38.88 34.11
N PHE D 118 3.27 38.48 33.14
CA PHE D 118 4.72 38.57 33.20
C PHE D 118 5.23 39.29 31.97
N PRO D 119 5.79 40.49 32.10
CA PRO D 119 6.40 41.13 30.93
C PRO D 119 7.73 40.44 30.61
N PRO D 120 8.19 40.49 29.36
CA PRO D 120 9.45 39.82 29.03
C PRO D 120 10.61 40.45 29.77
N SER D 121 11.60 39.64 30.13
CA SER D 121 12.79 40.16 30.78
C SER D 121 13.64 40.89 29.76
N ASP D 122 14.42 41.84 30.25
CA ASP D 122 15.46 42.46 29.42
C ASP D 122 16.45 41.43 28.94
N GLU D 123 16.67 40.37 29.72
CA GLU D 123 17.55 39.31 29.27
C GLU D 123 16.98 38.64 28.04
N GLN D 124 15.67 38.33 28.04
CA GLN D 124 15.08 37.68 26.87
C GLN D 124 15.18 38.59 25.64
N LEU D 125 14.97 39.89 25.83
CA LEU D 125 14.98 40.79 24.68
C LEU D 125 16.31 40.73 23.93
N LYS D 126 17.43 40.57 24.66
CA LYS D 126 18.73 40.45 24.00
C LYS D 126 18.76 39.27 23.03
N SER D 127 17.95 38.24 23.27
CA SER D 127 17.84 37.15 22.31
C SER D 127 17.01 37.54 21.10
N GLY D 128 16.47 38.76 21.05
CA GLY D 128 15.72 39.23 19.91
C GLY D 128 14.23 38.98 19.96
N THR D 129 13.74 38.26 20.97
CA THR D 129 12.33 37.91 21.07
C THR D 129 11.75 38.36 22.40
N ALA D 130 10.49 38.76 22.38
CA ALA D 130 9.73 39.12 23.57
C ALA D 130 8.60 38.12 23.77
N SER D 131 8.63 37.40 24.89
CA SER D 131 7.54 36.53 25.28
C SER D 131 6.78 37.19 26.43
N VAL D 132 5.48 37.41 26.23
CA VAL D 132 4.63 37.90 27.32
C VAL D 132 3.75 36.75 27.80
N VAL D 133 3.81 36.43 29.09
CA VAL D 133 3.14 35.26 29.63
C VAL D 133 1.99 35.69 30.53
N CYS D 134 0.81 35.15 30.25
CA CYS D 134 -0.38 35.33 31.06
C CYS D 134 -0.74 34.00 31.69
N LEU D 135 -0.91 33.99 33.01
CA LEU D 135 -1.11 32.77 33.78
C LEU D 135 -2.50 32.77 34.41
N LEU D 136 -3.27 31.73 34.12
CA LEU D 136 -4.51 31.48 34.84
C LEU D 136 -4.26 30.29 35.77
N ASN D 137 -4.46 30.50 37.07
CA ASN D 137 -4.02 29.53 38.06
C ASN D 137 -5.17 28.93 38.84
N ASN D 138 -5.24 27.60 38.83
CA ASN D 138 -6.08 26.81 39.74
C ASN D 138 -7.57 27.11 39.57
N PHE D 139 -8.10 26.70 38.42
CA PHE D 139 -9.49 26.99 38.12
C PHE D 139 -10.19 25.72 37.63
N TYR D 140 -11.49 25.81 37.54
CA TYR D 140 -12.35 24.72 37.10
C TYR D 140 -13.67 25.33 36.65
N PRO D 141 -14.22 24.94 35.49
CA PRO D 141 -13.67 23.94 34.57
C PRO D 141 -12.54 24.45 33.67
N ARG D 142 -12.05 23.58 32.79
CA ARG D 142 -10.89 23.89 31.98
C ARG D 142 -11.19 24.97 30.96
N GLU D 143 -12.40 24.97 30.42
CA GLU D 143 -12.79 25.94 29.41
C GLU D 143 -12.53 27.37 29.92
N ALA D 144 -11.79 28.12 29.13
CA ALA D 144 -11.50 29.51 29.44
C ALA D 144 -11.16 30.20 28.14
N LYS D 145 -11.41 31.51 28.08
CA LYS D 145 -11.06 32.30 26.91
C LYS D 145 -10.05 33.36 27.32
N VAL D 146 -8.90 33.38 26.65
CA VAL D 146 -7.81 34.30 26.95
C VAL D 146 -7.50 35.05 25.67
N GLN D 147 -7.66 36.37 25.71
CA GLN D 147 -7.45 37.23 24.58
C GLN D 147 -6.40 38.28 24.90
N TRP D 148 -5.52 38.50 23.94
CA TRP D 148 -4.47 39.49 24.05
C TRP D 148 -4.87 40.76 23.30
N LYS D 149 -4.63 41.90 23.91
CA LYS D 149 -4.83 43.20 23.30
C LYS D 149 -3.53 43.99 23.47
N VAL D 150 -3.03 44.56 22.38
CA VAL D 150 -1.82 45.39 22.38
C VAL D 150 -2.24 46.78 21.93
N ASP D 151 -1.96 47.79 22.72
CA ASP D 151 -2.52 49.14 22.51
C ASP D 151 -3.98 49.06 22.11
N ASN D 152 -4.70 48.21 22.84
CA ASN D 152 -6.13 47.95 22.67
C ASN D 152 -6.51 47.30 21.33
N ALA D 153 -5.54 46.83 20.56
CA ALA D 153 -5.82 46.06 19.36
C ALA D 153 -5.81 44.57 19.70
N LEU D 154 -6.94 43.90 19.47
CA LEU D 154 -7.05 42.46 19.64
C LEU D 154 -6.07 41.72 18.72
N GLN D 155 -5.36 40.77 19.30
CA GLN D 155 -4.29 40.03 18.66
C GLN D 155 -4.82 38.72 18.08
N SER D 156 -4.15 38.24 17.02
CA SER D 156 -4.55 36.97 16.42
C SER D 156 -3.34 36.26 15.85
N GLY D 157 -3.22 34.96 16.13
CA GLY D 157 -2.22 34.14 15.49
C GLY D 157 -0.83 34.22 16.09
N ASN D 158 -0.62 35.06 17.10
CA ASN D 158 0.70 35.23 17.70
C ASN D 158 0.76 34.78 19.16
N SER D 159 -0.13 33.87 19.59
CA SER D 159 -0.08 33.35 20.95
C SER D 159 -0.37 31.86 20.96
N GLN D 160 0.21 31.16 21.94
CA GLN D 160 -0.03 29.74 22.14
C GLN D 160 -0.38 29.47 23.60
N GLU D 161 -1.25 28.49 23.84
CA GLU D 161 -1.55 28.13 25.22
C GLU D 161 -1.01 26.75 25.62
N SER D 162 -0.90 26.56 26.93
CA SER D 162 -0.68 25.23 27.49
C SER D 162 -1.57 25.12 28.71
N VAL D 163 -2.11 23.93 28.97
CA VAL D 163 -3.02 23.71 30.08
C VAL D 163 -2.61 22.43 30.80
N THR D 164 -2.59 22.49 32.12
CA THR D 164 -2.17 21.35 32.92
C THR D 164 -3.27 20.31 32.99
N GLU D 165 -2.93 19.13 33.51
CA GLU D 165 -3.95 18.16 33.87
C GLU D 165 -4.54 18.52 35.24
N GLN D 166 -5.62 17.84 35.61
CA GLN D 166 -6.30 18.15 36.88
C GLN D 166 -5.36 17.92 38.05
N ASP D 167 -5.35 18.84 39.00
CA ASP D 167 -4.52 18.74 40.18
C ASP D 167 -4.97 17.57 41.01
N SER D 168 -4.01 16.91 41.65
CA SER D 168 -4.32 15.70 42.39
C SER D 168 -4.98 15.99 43.74
N LYS D 169 -4.90 17.22 44.24
CA LYS D 169 -5.54 17.56 45.50
C LYS D 169 -6.82 18.38 45.35
N ASP D 170 -6.88 19.39 44.50
CA ASP D 170 -8.10 20.19 44.38
C ASP D 170 -8.77 20.08 43.02
N SER D 171 -8.23 19.27 42.10
CA SER D 171 -8.85 18.90 40.84
C SER D 171 -9.03 20.07 39.87
N THR D 172 -8.24 21.12 40.03
CA THR D 172 -8.30 22.27 39.16
C THR D 172 -7.27 22.18 38.03
N TYR D 173 -7.35 23.14 37.11
CA TYR D 173 -6.42 23.34 36.01
C TYR D 173 -5.65 24.65 36.17
N SER D 174 -4.47 24.71 35.57
CA SER D 174 -3.80 25.98 35.30
C SER D 174 -3.50 26.11 33.80
N LEU D 175 -3.36 27.35 33.36
CA LEU D 175 -3.26 27.65 31.93
C LEU D 175 -2.33 28.83 31.71
N SER D 176 -1.43 28.67 30.75
CA SER D 176 -0.54 29.74 30.32
C SER D 176 -0.93 30.16 28.91
N SER D 177 -0.91 31.48 28.65
CA SER D 177 -1.04 31.99 27.30
C SER D 177 0.18 32.87 27.06
N THR D 178 0.95 32.55 26.03
CA THR D 178 2.23 33.21 25.75
C THR D 178 2.11 33.96 24.43
N LEU D 179 2.25 35.28 24.49
CA LEU D 179 2.26 36.15 23.32
C LEU D 179 3.71 36.34 22.91
N THR D 180 4.04 36.04 21.65
CA THR D 180 5.43 36.05 21.22
C THR D 180 5.60 37.04 20.08
N LEU D 181 6.45 38.03 20.29
CA LEU D 181 6.71 39.08 19.34
C LEU D 181 8.21 39.23 19.17
N SER D 182 8.62 39.83 18.06
CA SER D 182 10.00 40.22 17.91
C SER D 182 10.31 41.33 18.89
N LYS D 183 11.58 41.42 19.30
CA LYS D 183 12.00 42.56 20.10
C LYS D 183 11.53 43.86 19.47
N ALA D 184 11.70 43.99 18.14
CA ALA D 184 11.32 45.22 17.45
C ALA D 184 9.84 45.55 17.65
N ASP D 185 8.95 44.60 17.34
CA ASP D 185 7.52 44.88 17.44
C ASP D 185 7.10 45.11 18.90
N TYR D 186 7.75 44.43 19.85
CA TYR D 186 7.41 44.64 21.25
C TYR D 186 7.65 46.08 21.66
N GLU D 187 8.79 46.63 21.27
CA GLU D 187 9.14 48.00 21.66
C GLU D 187 8.48 49.06 20.79
N LYS D 188 7.57 48.65 19.92
CA LYS D 188 6.73 49.61 19.19
C LYS D 188 5.41 49.91 19.88
N HIS D 189 5.06 49.21 20.94
CA HIS D 189 3.75 49.36 21.55
C HIS D 189 3.90 49.60 23.04
N LYS D 190 2.84 50.13 23.65
CA LYS D 190 2.87 50.52 25.06
C LYS D 190 2.11 49.55 25.96
N VAL D 191 0.82 49.39 25.73
CA VAL D 191 -0.05 48.66 26.64
C VAL D 191 -0.16 47.22 26.18
N TYR D 192 0.17 46.28 27.08
CA TYR D 192 0.01 44.86 26.83
C TYR D 192 -0.97 44.30 27.84
N ALA D 193 -2.04 43.67 27.36
CA ALA D 193 -3.10 43.22 28.25
C ALA D 193 -3.61 41.84 27.86
N CYS D 194 -3.78 40.94 28.85
CA CYS D 194 -4.52 39.70 28.63
C CYS D 194 -5.86 39.77 29.36
N GLU D 195 -6.92 39.38 28.66
CA GLU D 195 -8.28 39.45 29.15
C GLU D 195 -8.80 38.02 29.28
N VAL D 196 -9.31 37.67 30.46
CA VAL D 196 -9.68 36.30 30.76
C VAL D 196 -11.17 36.26 31.06
N THR D 197 -11.90 35.42 30.33
CA THR D 197 -13.29 35.16 30.63
C THR D 197 -13.39 33.69 31.04
N HIS D 198 -14.10 33.44 32.13
CA HIS D 198 -14.25 32.11 32.69
C HIS D 198 -15.53 32.10 33.51
N GLN D 199 -16.15 30.92 33.56
CA GLN D 199 -17.41 30.74 34.28
C GLN D 199 -17.36 31.18 35.73
N GLY D 200 -16.20 31.11 36.37
CA GLY D 200 -16.13 31.58 37.74
C GLY D 200 -16.02 33.07 37.93
N LEU D 201 -15.76 33.82 36.86
CA LEU D 201 -15.62 35.26 36.95
C LEU D 201 -16.92 35.94 36.49
N SER D 202 -17.35 36.95 37.25
CA SER D 202 -18.59 37.64 36.91
C SER D 202 -18.46 38.36 35.57
N SER D 203 -17.30 38.96 35.31
CA SER D 203 -17.04 39.58 34.03
C SER D 203 -15.56 39.42 33.72
N PRO D 204 -15.16 39.57 32.46
CA PRO D 204 -13.76 39.34 32.09
C PRO D 204 -12.78 40.12 32.97
N VAL D 205 -11.75 39.43 33.42
CA VAL D 205 -10.67 40.04 34.18
C VAL D 205 -9.55 40.38 33.21
N THR D 206 -8.99 41.58 33.35
CA THR D 206 -7.83 41.98 32.59
C THR D 206 -6.63 42.19 33.51
N LYS D 207 -5.48 41.72 33.07
CA LYS D 207 -4.19 42.08 33.66
C LYS D 207 -3.37 42.73 32.57
N SER D 208 -2.77 43.87 32.88
CA SER D 208 -2.05 44.60 31.84
C SER D 208 -0.86 45.29 32.47
N PHE D 209 0.03 45.74 31.59
CA PHE D 209 1.17 46.54 31.99
C PHE D 209 1.51 47.47 30.83
N ASN D 210 2.29 48.50 31.14
CA ASN D 210 2.83 49.40 30.13
C ASN D 210 4.32 49.10 30.02
N ARG D 211 4.80 48.96 28.78
CA ARG D 211 6.20 48.58 28.59
C ARG D 211 7.11 49.63 29.19
N GLY D 212 8.05 49.20 30.02
CA GLY D 212 8.94 50.12 30.70
C GLY D 212 8.23 50.97 31.73
N GLN E 1 -7.30 -16.61 -40.40
CA GLN E 1 -7.96 -15.57 -39.59
C GLN E 1 -8.94 -16.13 -38.57
N VAL E 2 -9.53 -17.30 -38.86
CA VAL E 2 -10.29 -17.98 -37.83
C VAL E 2 -9.34 -18.23 -36.66
N GLN E 3 -9.83 -18.05 -35.44
CA GLN E 3 -9.09 -18.40 -34.24
C GLN E 3 -9.98 -19.29 -33.39
N LEU E 4 -9.37 -20.17 -32.63
CA LEU E 4 -10.10 -21.14 -31.81
C LEU E 4 -9.71 -20.85 -30.37
N VAL E 5 -10.71 -20.60 -29.53
CA VAL E 5 -10.49 -20.29 -28.11
C VAL E 5 -11.16 -21.37 -27.26
N GLN E 6 -10.37 -22.02 -26.41
CA GLN E 6 -10.86 -23.13 -25.59
C GLN E 6 -11.21 -22.64 -24.19
N SER E 7 -12.04 -23.42 -23.51
CA SER E 7 -12.33 -23.17 -22.11
C SER E 7 -11.10 -23.40 -21.24
N GLY E 8 -11.19 -22.94 -19.99
CA GLY E 8 -10.03 -22.84 -19.13
C GLY E 8 -9.63 -24.16 -18.46
N ALA E 9 -8.38 -24.19 -17.99
CA ALA E 9 -7.89 -25.32 -17.24
C ALA E 9 -8.76 -25.55 -15.99
N GLU E 10 -8.90 -26.80 -15.60
CA GLU E 10 -9.64 -27.09 -14.38
C GLU E 10 -9.21 -28.46 -13.85
N VAL E 11 -9.42 -28.63 -12.53
CA VAL E 11 -9.27 -29.93 -11.90
C VAL E 11 -10.62 -30.62 -11.91
N LYS E 12 -10.60 -31.92 -12.18
CA LYS E 12 -11.81 -32.75 -12.21
C LYS E 12 -11.59 -33.98 -11.34
N LYS E 13 -12.60 -34.37 -10.57
CA LYS E 13 -12.52 -35.57 -9.75
C LYS E 13 -12.47 -36.83 -10.63
N PRO E 14 -11.74 -37.85 -10.20
CA PRO E 14 -11.78 -39.12 -10.93
C PRO E 14 -13.20 -39.67 -10.98
N GLY E 15 -13.55 -40.25 -12.11
CA GLY E 15 -14.90 -40.71 -12.33
C GLY E 15 -15.85 -39.68 -12.89
N SER E 16 -15.50 -38.40 -12.83
CA SER E 16 -16.38 -37.39 -13.41
C SER E 16 -16.23 -37.35 -14.93
N SER E 17 -16.98 -36.44 -15.54
CA SER E 17 -16.91 -36.12 -16.97
C SER E 17 -16.42 -34.68 -17.11
N VAL E 18 -15.63 -34.41 -18.13
CA VAL E 18 -15.24 -33.05 -18.45
C VAL E 18 -15.69 -32.74 -19.86
N LYS E 19 -16.18 -31.52 -20.06
CA LYS E 19 -16.66 -31.03 -21.35
C LYS E 19 -15.81 -29.83 -21.73
N VAL E 20 -14.97 -29.98 -22.74
CA VAL E 20 -14.06 -28.93 -23.16
C VAL E 20 -14.69 -28.22 -24.35
N SER E 21 -14.72 -26.90 -24.31
CA SER E 21 -15.34 -26.15 -25.40
C SER E 21 -14.26 -25.57 -26.32
N CYS E 22 -14.66 -25.37 -27.59
CA CYS E 22 -13.78 -24.78 -28.59
C CYS E 22 -14.62 -23.81 -29.41
N LYS E 23 -14.37 -22.51 -29.29
CA LYS E 23 -15.21 -21.51 -29.96
C LYS E 23 -14.45 -20.88 -31.11
N ALA E 24 -15.00 -20.98 -32.31
CA ALA E 24 -14.37 -20.41 -33.49
C ALA E 24 -14.89 -19.01 -33.78
N SER E 25 -13.97 -18.09 -34.09
CA SER E 25 -14.35 -16.74 -34.47
C SER E 25 -13.35 -16.22 -35.49
N GLY E 26 -13.79 -15.26 -36.30
CA GLY E 26 -12.90 -14.53 -37.19
C GLY E 26 -12.68 -15.13 -38.56
N GLY E 27 -13.29 -16.27 -38.88
CA GLY E 27 -13.19 -16.84 -40.20
C GLY E 27 -14.30 -16.33 -41.09
N THR E 28 -14.50 -17.01 -42.23
CA THR E 28 -15.64 -16.74 -43.09
C THR E 28 -16.67 -17.85 -43.07
N LEU E 29 -16.34 -19.03 -42.58
CA LEU E 29 -17.26 -20.14 -42.62
C LEU E 29 -18.08 -20.21 -41.34
N ASN E 30 -19.26 -20.81 -41.46
CA ASN E 30 -20.16 -20.98 -40.34
C ASN E 30 -19.82 -22.19 -39.49
N SER E 31 -19.19 -23.21 -40.08
CA SER E 31 -18.78 -24.42 -39.38
C SER E 31 -17.55 -24.95 -40.10
N TYR E 32 -16.73 -25.67 -39.35
CA TYR E 32 -15.42 -26.12 -39.78
C TYR E 32 -15.23 -27.61 -39.48
N GLU E 33 -14.27 -28.20 -40.14
CA GLU E 33 -13.66 -29.48 -39.78
C GLU E 33 -12.88 -29.25 -38.48
N ILE E 34 -13.43 -29.69 -37.34
CA ILE E 34 -12.76 -29.51 -36.06
C ILE E 34 -12.27 -30.85 -35.52
N THR E 35 -11.06 -30.85 -35.01
CA THR E 35 -10.38 -32.07 -34.57
C THR E 35 -9.92 -31.89 -33.13
N TRP E 36 -9.87 -33.01 -32.40
CA TRP E 36 -9.49 -32.99 -30.99
C TRP E 36 -8.30 -33.92 -30.75
N VAL E 37 -7.33 -33.42 -30.01
CA VAL E 37 -6.04 -34.05 -29.79
C VAL E 37 -5.69 -33.83 -28.33
N ARG E 38 -5.09 -34.82 -27.69
CA ARG E 38 -4.60 -34.56 -26.34
C ARG E 38 -3.14 -34.95 -26.23
N GLN E 39 -2.51 -34.37 -25.22
CA GLN E 39 -1.11 -34.63 -24.94
C GLN E 39 -0.93 -34.70 -23.44
N ALA E 40 -0.72 -35.91 -22.93
CA ALA E 40 -0.36 -36.08 -21.52
C ALA E 40 1.08 -35.61 -21.30
N PRO E 41 1.42 -35.18 -20.09
CA PRO E 41 2.79 -34.73 -19.82
C PRO E 41 3.82 -35.74 -20.28
N GLY E 42 4.87 -35.24 -20.92
CA GLY E 42 5.96 -36.06 -21.38
C GLY E 42 5.57 -37.16 -22.34
N GLN E 43 4.45 -36.98 -23.04
CA GLN E 43 3.96 -37.98 -23.96
C GLN E 43 3.63 -37.29 -25.29
N GLY E 44 3.25 -38.11 -26.26
CA GLY E 44 3.04 -37.64 -27.61
C GLY E 44 1.63 -37.12 -27.84
N LEU E 45 1.42 -36.65 -29.04
CA LEU E 45 0.09 -36.26 -29.47
C LEU E 45 -0.75 -37.50 -29.68
N GLU E 46 -1.99 -37.45 -29.19
CA GLU E 46 -2.93 -38.55 -29.30
C GLU E 46 -4.23 -38.04 -29.91
N TRP E 47 -4.57 -38.55 -31.09
CA TRP E 47 -5.79 -38.13 -31.74
C TRP E 47 -6.99 -38.79 -31.08
N MET E 48 -8.03 -38.00 -30.85
CA MET E 48 -9.23 -38.46 -30.17
C MET E 48 -10.43 -38.59 -31.11
N GLY E 49 -10.69 -37.58 -31.92
CA GLY E 49 -11.86 -37.60 -32.78
C GLY E 49 -12.03 -36.26 -33.47
N GLY E 50 -13.09 -36.20 -34.28
CA GLY E 50 -13.34 -35.02 -35.08
C GLY E 50 -14.78 -34.92 -35.51
N ILE E 51 -15.16 -33.73 -35.96
CA ILE E 51 -16.50 -33.46 -36.42
C ILE E 51 -16.40 -32.60 -37.69
N THR E 52 -17.21 -32.95 -38.70
CA THR E 52 -17.16 -32.30 -39.99
C THR E 52 -18.03 -31.06 -39.98
N PRO E 53 -17.97 -30.25 -41.03
CA PRO E 53 -18.81 -29.05 -41.07
C PRO E 53 -20.29 -29.35 -41.06
N ILE E 54 -20.71 -30.54 -41.46
CA ILE E 54 -22.12 -30.93 -41.35
C ILE E 54 -22.34 -31.86 -40.17
N PHE E 55 -21.39 -31.88 -39.23
CA PHE E 55 -21.62 -32.38 -37.87
C PHE E 55 -21.66 -33.91 -37.80
N GLU E 56 -20.93 -34.58 -38.70
CA GLU E 56 -20.67 -36.00 -38.60
C GLU E 56 -19.41 -36.22 -37.77
N THR E 57 -19.48 -37.13 -36.81
CA THR E 57 -18.38 -37.37 -35.90
C THR E 57 -17.64 -38.65 -36.25
N THR E 58 -16.35 -38.67 -35.92
CA THR E 58 -15.49 -39.84 -36.06
C THR E 58 -14.61 -39.87 -34.84
N TYR E 59 -14.45 -41.05 -34.22
CA TYR E 59 -13.63 -41.21 -33.02
C TYR E 59 -12.55 -42.24 -33.25
N ALA E 60 -11.40 -42.05 -32.61
CA ALA E 60 -10.42 -43.12 -32.54
C ALA E 60 -11.02 -44.29 -31.78
N GLN E 61 -10.77 -45.53 -32.24
CA GLN E 61 -11.43 -46.68 -31.62
C GLN E 61 -11.08 -46.77 -30.13
N LYS E 62 -9.86 -46.41 -29.75
CA LYS E 62 -9.49 -46.46 -28.34
C LYS E 62 -10.17 -45.37 -27.53
N PHE E 63 -10.78 -44.39 -28.16
CA PHE E 63 -11.50 -43.35 -27.46
C PHE E 63 -12.99 -43.38 -27.73
N GLN E 64 -13.46 -44.26 -28.65
CA GLN E 64 -14.88 -44.34 -28.97
C GLN E 64 -15.75 -44.55 -27.72
N GLY E 65 -15.28 -45.38 -26.78
CA GLY E 65 -16.08 -45.65 -25.60
C GLY E 65 -16.43 -44.42 -24.78
N ARG E 66 -15.54 -43.41 -24.77
CA ARG E 66 -15.60 -42.40 -23.73
C ARG E 66 -15.68 -40.97 -24.23
N VAL E 67 -15.47 -40.73 -25.52
CA VAL E 67 -15.41 -39.38 -26.08
C VAL E 67 -16.68 -39.15 -26.88
N THR E 68 -17.28 -37.99 -26.66
CA THR E 68 -18.43 -37.53 -27.42
C THR E 68 -18.14 -36.10 -27.87
N ILE E 69 -18.19 -35.85 -29.18
CA ILE E 69 -17.98 -34.52 -29.75
C ILE E 69 -19.33 -33.98 -30.21
N THR E 70 -19.65 -32.77 -29.82
CA THR E 70 -20.92 -32.14 -30.17
C THR E 70 -20.69 -30.71 -30.65
N ALA E 71 -21.73 -30.13 -31.25
CA ALA E 71 -21.62 -28.77 -31.76
C ALA E 71 -22.87 -27.97 -31.44
N ASP E 72 -22.65 -26.69 -31.12
CA ASP E 72 -23.67 -25.67 -30.93
C ASP E 72 -23.44 -24.71 -32.10
N GLU E 73 -24.16 -24.94 -33.20
CA GLU E 73 -23.96 -24.14 -34.40
C GLU E 73 -24.18 -22.66 -34.11
N SER E 74 -25.13 -22.33 -33.24
CA SER E 74 -25.50 -20.94 -33.02
C SER E 74 -24.38 -20.15 -32.37
N THR E 75 -23.50 -20.80 -31.62
CA THR E 75 -22.39 -20.12 -30.99
C THR E 75 -21.05 -20.41 -31.67
N SER E 76 -21.08 -21.09 -32.82
CA SER E 76 -19.87 -21.60 -33.47
C SER E 76 -18.92 -22.25 -32.47
N THR E 77 -19.49 -23.12 -31.64
CA THR E 77 -18.72 -23.80 -30.60
C THR E 77 -18.83 -25.31 -30.79
N THR E 78 -17.69 -25.99 -30.59
CA THR E 78 -17.59 -27.43 -30.60
C THR E 78 -17.26 -27.89 -29.18
N TYR E 79 -17.77 -29.04 -28.78
CA TYR E 79 -17.55 -29.56 -27.43
C TYR E 79 -16.95 -30.95 -27.52
N MET E 80 -16.01 -31.22 -26.62
CA MET E 80 -15.45 -32.55 -26.45
C MET E 80 -15.72 -32.94 -25.01
N GLU E 81 -16.51 -33.98 -24.82
CA GLU E 81 -16.76 -34.54 -23.51
C GLU E 81 -16.03 -35.87 -23.37
N LEU E 82 -15.28 -36.01 -22.28
CA LEU E 82 -14.57 -37.24 -21.95
C LEU E 82 -15.06 -37.71 -20.59
N SER E 83 -15.53 -38.95 -20.52
CA SER E 83 -16.24 -39.45 -19.35
C SER E 83 -15.35 -40.42 -18.57
N SER E 84 -15.78 -40.71 -17.36
CA SER E 84 -15.11 -41.70 -16.51
C SER E 84 -13.61 -41.41 -16.41
N LEU E 85 -13.32 -40.19 -15.99
CA LEU E 85 -11.94 -39.72 -15.95
C LEU E 85 -11.13 -40.52 -14.96
N ARG E 86 -9.91 -40.87 -15.36
CA ARG E 86 -8.93 -41.47 -14.46
C ARG E 86 -7.70 -40.57 -14.41
N PRO E 87 -6.80 -40.76 -13.45
CA PRO E 87 -5.66 -39.83 -13.33
C PRO E 87 -4.77 -39.79 -14.56
N GLU E 88 -4.67 -40.90 -15.29
CA GLU E 88 -3.95 -40.96 -16.55
C GLU E 88 -4.53 -40.04 -17.62
N ASP E 89 -5.76 -39.51 -17.45
CA ASP E 89 -6.32 -38.58 -18.42
C ASP E 89 -5.87 -37.13 -18.22
N THR E 90 -5.11 -36.85 -17.15
CA THR E 90 -4.49 -35.55 -17.01
C THR E 90 -3.69 -35.23 -18.25
N ALA E 91 -4.05 -34.15 -18.92
CA ALA E 91 -3.46 -33.83 -20.20
C ALA E 91 -3.91 -32.45 -20.67
N VAL E 92 -3.20 -31.93 -21.66
CA VAL E 92 -3.71 -30.79 -22.42
C VAL E 92 -4.56 -31.34 -23.56
N TYR E 93 -5.80 -30.88 -23.64
CA TYR E 93 -6.72 -31.22 -24.71
C TYR E 93 -6.74 -30.04 -25.66
N TYR E 94 -6.41 -30.29 -26.93
CA TYR E 94 -6.38 -29.24 -27.94
C TYR E 94 -7.51 -29.51 -28.92
N CYS E 95 -8.19 -28.44 -29.39
CA CYS E 95 -8.96 -28.50 -30.63
C CYS E 95 -8.07 -27.94 -31.74
N ALA E 96 -8.38 -28.29 -32.97
CA ALA E 96 -7.74 -27.66 -34.11
C ALA E 96 -8.66 -27.76 -35.31
N ARG E 97 -8.54 -26.78 -36.20
CA ARG E 97 -9.19 -26.90 -37.50
C ARG E 97 -8.41 -27.86 -38.37
N ASP E 98 -9.10 -28.84 -38.97
CA ASP E 98 -8.47 -29.82 -39.84
C ASP E 98 -9.03 -29.72 -41.24
N GLY E 99 -8.98 -28.57 -41.82
CA GLY E 99 -9.59 -28.37 -43.12
C GLY E 99 -8.68 -28.73 -44.28
N VAL E 100 -9.30 -28.84 -45.46
CA VAL E 100 -8.56 -28.95 -46.71
C VAL E 100 -7.89 -27.61 -46.97
N ARG E 101 -6.57 -27.63 -46.99
CA ARG E 101 -5.79 -26.41 -47.13
C ARG E 101 -5.00 -26.40 -48.44
N TYR E 102 -4.94 -27.53 -49.14
CA TYR E 102 -4.19 -27.57 -50.39
C TYR E 102 -4.72 -28.71 -51.23
N CYS E 103 -4.80 -28.49 -52.53
CA CYS E 103 -5.10 -29.54 -53.49
C CYS E 103 -4.03 -29.49 -54.56
N GLY E 104 -3.46 -30.66 -54.84
CA GLY E 104 -2.47 -30.80 -55.89
C GLY E 104 -2.41 -32.22 -56.35
N GLY E 105 -2.02 -32.42 -57.61
CA GLY E 105 -1.87 -33.75 -58.14
C GLY E 105 -3.14 -34.59 -58.18
N GLY E 106 -4.30 -33.95 -58.19
CA GLY E 106 -5.58 -34.63 -58.18
C GLY E 106 -6.09 -35.02 -56.81
N ARG E 107 -5.42 -34.59 -55.75
CA ARG E 107 -5.76 -34.98 -54.40
C ARG E 107 -5.87 -33.74 -53.52
N CYS E 108 -6.62 -33.86 -52.45
CA CYS E 108 -6.75 -32.79 -51.47
C CYS E 108 -6.17 -33.22 -50.13
N TYR E 109 -5.61 -32.24 -49.42
CA TYR E 109 -4.77 -32.46 -48.25
C TYR E 109 -5.27 -31.63 -47.08
N ASN E 110 -5.61 -32.31 -45.99
CA ASN E 110 -6.02 -31.68 -44.75
C ASN E 110 -4.80 -31.58 -43.82
N TRP E 111 -4.81 -30.58 -42.95
CA TRP E 111 -3.88 -30.58 -41.84
C TRP E 111 -4.42 -29.65 -40.76
N PHE E 112 -3.79 -29.73 -39.58
CA PHE E 112 -4.28 -29.05 -38.37
C PHE E 112 -3.71 -27.63 -38.34
N ASP E 113 -4.57 -26.63 -38.44
CA ASP E 113 -4.19 -25.23 -38.44
C ASP E 113 -5.46 -24.38 -38.54
N PRO E 114 -5.67 -23.43 -37.62
CA PRO E 114 -4.90 -23.20 -36.39
C PRO E 114 -5.32 -24.18 -35.31
N TRP E 115 -4.61 -24.10 -34.18
CA TRP E 115 -4.85 -24.87 -32.97
C TRP E 115 -5.50 -23.97 -31.95
N GLY E 116 -6.37 -24.53 -31.13
CA GLY E 116 -6.74 -23.86 -29.88
C GLY E 116 -5.51 -23.72 -29.00
N GLN E 117 -5.67 -23.01 -27.90
CA GLN E 117 -4.55 -22.77 -27.00
C GLN E 117 -4.29 -23.94 -26.05
N GLY E 118 -5.18 -24.93 -26.01
CA GLY E 118 -5.10 -26.08 -25.13
C GLY E 118 -5.89 -25.88 -23.86
N THR E 119 -6.39 -26.99 -23.29
CA THR E 119 -7.04 -26.95 -21.99
C THR E 119 -6.37 -28.01 -21.11
N LEU E 120 -5.68 -27.59 -20.06
CA LEU E 120 -5.06 -28.54 -19.13
C LEU E 120 -6.13 -29.02 -18.14
N VAL E 121 -6.55 -30.27 -18.32
CA VAL E 121 -7.48 -30.92 -17.40
C VAL E 121 -6.65 -31.83 -16.46
N THR E 122 -6.74 -31.56 -15.17
CA THR E 122 -6.01 -32.28 -14.13
C THR E 122 -7.03 -33.17 -13.41
N VAL E 123 -6.83 -34.48 -13.45
CA VAL E 123 -7.73 -35.41 -12.78
C VAL E 123 -7.18 -35.67 -11.38
N SER E 124 -7.89 -35.19 -10.35
CA SER E 124 -7.39 -35.24 -8.98
C SER E 124 -8.54 -34.97 -8.02
N SER E 125 -8.37 -35.46 -6.79
CA SER E 125 -9.31 -35.15 -5.71
C SER E 125 -9.02 -33.82 -5.03
N ALA E 126 -7.83 -33.24 -5.27
CA ALA E 126 -7.44 -32.04 -4.54
C ALA E 126 -8.24 -30.83 -5.00
N SER E 127 -8.34 -29.84 -4.11
CA SER E 127 -9.12 -28.64 -4.40
C SER E 127 -8.26 -27.57 -5.07
N THR E 128 -8.93 -26.69 -5.77
CA THR E 128 -8.29 -25.54 -6.39
C THR E 128 -7.83 -24.56 -5.34
N LYS E 129 -6.64 -24.01 -5.54
CA LYS E 129 -6.11 -23.04 -4.60
C LYS E 129 -5.25 -22.05 -5.36
N GLY E 130 -5.46 -20.76 -5.10
CA GLY E 130 -4.70 -19.71 -5.76
C GLY E 130 -3.36 -19.46 -5.11
N PRO E 131 -2.41 -18.91 -5.86
CA PRO E 131 -1.04 -18.78 -5.35
C PRO E 131 -0.84 -17.53 -4.52
N SER E 132 0.24 -17.55 -3.74
CA SER E 132 0.86 -16.37 -3.17
C SER E 132 2.08 -16.01 -4.02
N VAL E 133 2.36 -14.73 -4.14
CA VAL E 133 3.46 -14.26 -4.98
C VAL E 133 4.41 -13.45 -4.12
N PHE E 134 5.69 -13.81 -4.17
CA PHE E 134 6.70 -13.09 -3.40
C PHE E 134 7.82 -12.61 -4.30
N PRO E 135 8.49 -11.53 -3.92
CA PRO E 135 9.58 -11.02 -4.76
C PRO E 135 10.89 -11.74 -4.51
N LEU E 136 11.66 -11.94 -5.57
CA LEU E 136 13.08 -12.29 -5.50
C LEU E 136 13.84 -10.99 -5.79
N ALA E 137 14.18 -10.28 -4.74
CA ALA E 137 14.75 -8.94 -4.90
C ALA E 137 16.15 -9.00 -5.50
N PRO E 138 16.52 -8.04 -6.34
CA PRO E 138 17.86 -8.06 -6.93
C PRO E 138 18.89 -7.70 -5.89
N SER E 139 19.94 -8.51 -5.80
CA SER E 139 21.09 -8.23 -4.93
C SER E 139 21.37 -6.76 -5.12
N SER E 144 32.28 -10.02 -13.95
CA SER E 144 30.90 -9.56 -13.81
C SER E 144 30.42 -8.75 -15.00
N GLY E 145 29.16 -8.98 -15.38
CA GLY E 145 28.49 -8.16 -16.35
C GLY E 145 27.78 -6.99 -15.70
N GLY E 146 27.20 -6.15 -16.53
CA GLY E 146 26.41 -5.06 -15.99
C GLY E 146 25.01 -5.55 -15.73
N THR E 147 24.90 -6.58 -14.89
CA THR E 147 23.76 -7.48 -14.94
C THR E 147 23.28 -7.86 -13.54
N ALA E 148 21.97 -7.77 -13.34
CA ALA E 148 21.34 -8.17 -12.09
C ALA E 148 20.20 -9.14 -12.38
N ALA E 149 20.01 -10.08 -11.46
CA ALA E 149 18.93 -11.04 -11.53
C ALA E 149 17.87 -10.72 -10.47
N LEU E 150 16.60 -10.75 -10.89
CA LEU E 150 15.47 -10.59 -9.97
C LEU E 150 14.35 -11.52 -10.42
N GLY E 151 13.30 -11.61 -9.62
CA GLY E 151 12.25 -12.56 -9.97
C GLY E 151 11.03 -12.44 -9.09
N CYS E 152 10.11 -13.37 -9.32
CA CYS E 152 8.94 -13.57 -8.49
C CYS E 152 8.86 -15.05 -8.15
N LEU E 153 8.50 -15.34 -6.91
CA LEU E 153 8.24 -16.70 -6.46
C LEU E 153 6.72 -16.90 -6.33
N VAL E 154 6.20 -17.87 -7.05
CA VAL E 154 4.77 -18.14 -7.09
C VAL E 154 4.54 -19.42 -6.32
N LYS E 155 4.01 -19.30 -5.10
CA LYS E 155 3.99 -20.42 -4.18
C LYS E 155 2.58 -20.89 -3.87
N ASP E 156 2.41 -22.22 -3.84
CA ASP E 156 1.28 -22.94 -3.27
C ASP E 156 -0.05 -22.80 -4.00
N TYR E 157 -0.10 -23.30 -5.21
CA TYR E 157 -1.30 -23.26 -6.02
C TYR E 157 -1.62 -24.68 -6.50
N PHE E 158 -2.87 -24.87 -6.90
CA PHE E 158 -3.31 -26.10 -7.54
C PHE E 158 -4.56 -25.79 -8.33
N PRO E 159 -4.80 -26.44 -9.49
CA PRO E 159 -3.89 -27.27 -10.26
C PRO E 159 -2.98 -26.38 -11.09
N GLU E 160 -2.22 -26.97 -11.99
CA GLU E 160 -1.53 -26.19 -13.02
C GLU E 160 -2.56 -25.64 -13.99
N PRO E 161 -2.20 -24.64 -14.79
CA PRO E 161 -0.93 -23.93 -14.80
C PRO E 161 -1.05 -22.51 -14.24
N VAL E 162 0.12 -21.92 -14.06
CA VAL E 162 0.32 -20.51 -13.76
C VAL E 162 1.09 -19.93 -14.93
N THR E 163 0.76 -18.70 -15.32
CA THR E 163 1.56 -17.99 -16.30
C THR E 163 2.18 -16.76 -15.65
N VAL E 164 3.35 -16.38 -16.13
CA VAL E 164 4.07 -15.22 -15.62
C VAL E 164 4.58 -14.43 -16.82
N SER E 165 4.25 -13.14 -16.87
CA SER E 165 4.87 -12.19 -17.75
C SER E 165 5.57 -11.13 -16.91
N TRP E 166 6.38 -10.30 -17.57
CA TRP E 166 7.00 -9.15 -16.93
C TRP E 166 6.58 -7.88 -17.67
N ASN E 167 6.13 -6.88 -16.89
CA ASN E 167 5.67 -5.60 -17.45
C ASN E 167 4.70 -5.85 -18.60
N SER E 168 3.78 -6.77 -18.35
CA SER E 168 2.68 -7.10 -19.26
C SER E 168 3.10 -7.95 -20.44
N GLY E 169 4.34 -8.39 -20.48
CA GLY E 169 4.85 -8.98 -21.71
C GLY E 169 5.76 -8.07 -22.50
N ALA E 170 5.98 -6.83 -22.04
CA ALA E 170 6.88 -5.91 -22.72
C ALA E 170 8.34 -6.24 -22.48
N LEU E 171 8.63 -6.93 -21.38
CA LEU E 171 9.99 -7.35 -21.06
C LEU E 171 10.09 -8.86 -21.28
N THR E 172 10.81 -9.25 -22.32
CA THR E 172 10.98 -10.66 -22.61
C THR E 172 12.42 -11.12 -22.59
N SER E 173 13.36 -10.25 -22.94
CA SER E 173 14.77 -10.64 -22.99
C SER E 173 15.26 -11.01 -21.59
N GLY E 174 15.95 -12.15 -21.50
CA GLY E 174 16.51 -12.58 -20.26
C GLY E 174 15.56 -13.17 -19.26
N VAL E 175 14.34 -13.52 -19.66
CA VAL E 175 13.35 -14.07 -18.75
C VAL E 175 13.47 -15.59 -18.75
N HIS E 176 13.42 -16.17 -17.55
CA HIS E 176 13.27 -17.61 -17.39
C HIS E 176 12.18 -17.91 -16.38
N THR E 177 11.11 -18.54 -16.83
CA THR E 177 10.00 -18.98 -15.98
C THR E 177 10.14 -20.48 -15.83
N PHE E 178 10.42 -20.92 -14.62
CA PHE E 178 10.79 -22.31 -14.44
C PHE E 178 9.56 -23.19 -14.47
N PRO E 179 9.71 -24.43 -14.95
CA PRO E 179 8.63 -25.40 -14.76
C PRO E 179 8.27 -25.49 -13.29
N ALA E 180 7.00 -25.72 -13.02
CA ALA E 180 6.50 -25.83 -11.67
C ALA E 180 6.98 -27.14 -11.06
N VAL E 181 7.09 -27.11 -9.74
CA VAL E 181 7.48 -28.25 -8.94
C VAL E 181 6.34 -28.58 -7.98
N LEU E 182 6.03 -29.87 -7.87
CA LEU E 182 5.03 -30.35 -6.94
C LEU E 182 5.67 -30.52 -5.59
N GLN E 183 5.17 -29.79 -4.60
CA GLN E 183 5.70 -29.83 -3.26
C GLN E 183 5.05 -30.99 -2.50
N SER E 184 5.70 -31.41 -1.40
CA SER E 184 5.20 -32.56 -0.66
C SER E 184 3.84 -32.25 -0.05
N SER E 185 3.47 -30.99 0.07
CA SER E 185 2.12 -30.62 0.50
C SER E 185 1.06 -30.93 -0.56
N GLY E 186 1.47 -31.31 -1.78
CA GLY E 186 0.54 -31.48 -2.86
C GLY E 186 0.22 -30.21 -3.63
N LEU E 187 0.87 -29.11 -3.31
CA LEU E 187 0.71 -27.86 -4.05
C LEU E 187 1.93 -27.56 -4.90
N TYR E 188 1.69 -26.83 -5.99
CA TYR E 188 2.74 -26.46 -6.90
C TYR E 188 3.43 -25.17 -6.48
N SER E 189 4.63 -24.99 -7.00
CA SER E 189 5.40 -23.80 -6.78
C SER E 189 6.26 -23.56 -8.02
N LEU E 190 6.61 -22.31 -8.26
CA LEU E 190 7.33 -21.93 -9.46
C LEU E 190 8.03 -20.62 -9.19
N SER E 191 9.13 -20.40 -9.90
CA SER E 191 9.83 -19.14 -9.92
C SER E 191 9.96 -18.63 -11.34
N SER E 192 9.93 -17.31 -11.48
CA SER E 192 10.21 -16.62 -12.74
C SER E 192 11.31 -15.62 -12.44
N VAL E 193 12.37 -15.63 -13.23
CA VAL E 193 13.49 -14.72 -13.00
C VAL E 193 13.81 -14.00 -14.30
N VAL E 194 14.50 -12.89 -14.18
CA VAL E 194 14.91 -12.12 -15.36
C VAL E 194 16.25 -11.48 -15.03
N THR E 195 17.14 -11.44 -16.01
CA THR E 195 18.41 -10.73 -15.85
C THR E 195 18.29 -9.37 -16.54
N VAL E 196 18.66 -8.31 -15.84
CA VAL E 196 18.48 -6.95 -16.35
C VAL E 196 19.77 -6.15 -16.19
N PRO E 197 19.89 -5.03 -16.91
CA PRO E 197 21.05 -4.15 -16.69
C PRO E 197 21.08 -3.68 -15.25
N SER E 198 22.25 -3.84 -14.61
CA SER E 198 22.39 -3.45 -13.22
C SER E 198 22.31 -1.93 -13.08
N SER E 199 22.65 -1.21 -14.15
CA SER E 199 22.50 0.24 -14.11
C SER E 199 21.03 0.66 -14.11
N SER E 200 20.13 -0.24 -14.48
CA SER E 200 18.73 0.11 -14.62
C SER E 200 17.96 0.04 -13.31
N LEU E 201 18.46 -0.69 -12.32
CA LEU E 201 17.79 -0.76 -11.03
C LEU E 201 17.58 0.65 -10.49
N GLY E 202 16.54 0.81 -9.72
CA GLY E 202 16.31 2.13 -9.14
C GLY E 202 15.77 3.17 -10.10
N THR E 203 15.89 2.91 -11.39
CA THR E 203 15.25 3.78 -12.39
C THR E 203 14.19 3.04 -13.21
N GLN E 204 14.46 1.83 -13.66
CA GLN E 204 13.48 1.04 -14.38
C GLN E 204 12.72 0.16 -13.39
N THR E 205 11.41 0.13 -13.52
CA THR E 205 10.60 -0.67 -12.61
C THR E 205 10.27 -2.01 -13.26
N TYR E 206 10.23 -3.06 -12.43
CA TYR E 206 10.03 -4.43 -12.86
C TYR E 206 8.87 -5.02 -12.09
N ILE E 207 7.85 -5.47 -12.83
CA ILE E 207 6.61 -5.98 -12.26
C ILE E 207 6.37 -7.33 -12.91
N CYS E 208 6.09 -8.34 -12.11
CA CYS E 208 5.70 -9.64 -12.65
C CYS E 208 4.19 -9.77 -12.58
N ASN E 209 3.59 -10.16 -13.69
CA ASN E 209 2.16 -10.43 -13.75
C ASN E 209 1.94 -11.94 -13.66
N VAL E 210 1.20 -12.36 -12.63
CA VAL E 210 0.95 -13.77 -12.39
C VAL E 210 -0.52 -14.02 -12.65
N ASN E 211 -0.80 -15.07 -13.42
CA ASN E 211 -2.18 -15.48 -13.64
C ASN E 211 -2.33 -16.95 -13.35
N HIS E 212 -3.32 -17.27 -12.52
CA HIS E 212 -3.72 -18.63 -12.23
C HIS E 212 -5.22 -18.69 -12.51
N LYS E 213 -5.57 -19.05 -13.74
CA LYS E 213 -6.97 -18.97 -14.15
C LYS E 213 -7.86 -19.91 -13.37
N PRO E 214 -7.44 -21.14 -13.01
CA PRO E 214 -8.36 -22.02 -12.28
C PRO E 214 -8.94 -21.39 -11.05
N SER E 215 -8.19 -20.52 -10.38
CA SER E 215 -8.68 -19.83 -9.19
C SER E 215 -9.05 -18.37 -9.44
N ASN E 216 -8.98 -17.93 -10.70
CA ASN E 216 -9.22 -16.53 -11.07
C ASN E 216 -8.31 -15.58 -10.29
N THR E 217 -7.05 -15.97 -10.13
CA THR E 217 -6.07 -15.13 -9.46
C THR E 217 -5.22 -14.39 -10.49
N LYS E 218 -5.30 -13.06 -10.48
CA LYS E 218 -4.40 -12.20 -11.24
C LYS E 218 -3.70 -11.28 -10.25
N VAL E 219 -2.37 -11.37 -10.17
CA VAL E 219 -1.57 -10.61 -9.22
C VAL E 219 -0.43 -9.96 -10.00
N ASP E 220 -0.19 -8.68 -9.71
CA ASP E 220 1.03 -8.01 -10.11
C ASP E 220 1.91 -7.82 -8.88
N LYS E 221 3.21 -8.00 -9.03
CA LYS E 221 4.14 -7.79 -7.93
C LYS E 221 5.30 -6.94 -8.44
N ARG E 222 5.47 -5.76 -7.88
CA ARG E 222 6.60 -4.90 -8.20
C ARG E 222 7.81 -5.43 -7.43
N VAL E 223 8.93 -5.63 -8.12
CA VAL E 223 10.13 -6.18 -7.52
C VAL E 223 11.17 -5.07 -7.41
N GLU E 224 11.60 -4.78 -6.21
CA GLU E 224 12.50 -3.69 -5.92
C GLU E 224 13.72 -4.14 -5.14
N PRO E 225 14.82 -3.41 -5.24
CA PRO E 225 15.95 -3.68 -4.33
C PRO E 225 15.63 -3.26 -2.92
N LYS E 226 16.09 -4.05 -1.95
CA LYS E 226 15.77 -3.81 -0.54
C LYS E 226 16.70 -2.78 0.11
N ASP F 1 -6.50 -46.49 -36.19
CA ASP F 1 -6.21 -47.69 -37.04
C ASP F 1 -4.85 -47.61 -37.71
N ILE F 2 -4.62 -46.67 -38.61
CA ILE F 2 -3.36 -46.67 -39.36
C ILE F 2 -2.22 -46.28 -38.42
N GLN F 3 -1.36 -47.24 -38.10
CA GLN F 3 -0.28 -47.01 -37.14
C GLN F 3 0.90 -46.32 -37.81
N MET F 4 1.37 -45.25 -37.19
CA MET F 4 2.55 -44.51 -37.60
C MET F 4 3.66 -44.84 -36.62
N THR F 5 4.86 -45.10 -37.12
CA THR F 5 6.01 -45.41 -36.29
C THR F 5 7.11 -44.43 -36.63
N GLN F 6 7.59 -43.73 -35.62
CA GLN F 6 8.56 -42.66 -35.77
C GLN F 6 9.82 -43.02 -34.98
N SER F 7 10.97 -42.89 -35.64
CA SER F 7 12.26 -43.08 -35.00
C SER F 7 13.25 -42.02 -35.50
N PRO F 8 14.26 -41.69 -34.68
CA PRO F 8 14.46 -42.17 -33.30
C PRO F 8 13.48 -41.45 -32.36
N SER F 9 13.39 -41.86 -31.10
CA SER F 9 12.57 -41.12 -30.14
C SER F 9 13.22 -39.78 -29.79
N SER F 10 14.54 -39.75 -29.78
CA SER F 10 15.29 -38.54 -29.50
C SER F 10 16.61 -38.62 -30.23
N LEU F 11 17.26 -37.48 -30.38
CA LEU F 11 18.57 -37.37 -31.00
C LEU F 11 19.17 -36.05 -30.56
N SER F 12 20.49 -36.00 -30.52
CA SER F 12 21.23 -34.76 -30.27
C SER F 12 22.19 -34.52 -31.42
N ALA F 13 22.41 -33.26 -31.74
CA ALA F 13 23.31 -32.92 -32.82
C ALA F 13 23.82 -31.51 -32.60
N SER F 14 24.90 -31.16 -33.28
CA SER F 14 25.51 -29.85 -33.16
C SER F 14 24.91 -28.90 -34.18
N VAL F 15 24.97 -27.60 -33.88
CA VAL F 15 24.55 -26.61 -34.85
C VAL F 15 25.30 -26.84 -36.12
N GLY F 16 24.57 -26.88 -37.24
CA GLY F 16 25.15 -27.14 -38.54
C GLY F 16 25.07 -28.58 -38.98
N ASP F 17 24.76 -29.50 -38.09
CA ASP F 17 24.66 -30.89 -38.49
C ASP F 17 23.43 -31.13 -39.36
N ARG F 18 23.43 -32.28 -40.04
CA ARG F 18 22.32 -32.74 -40.86
C ARG F 18 21.52 -33.78 -40.06
N VAL F 19 20.22 -33.54 -39.89
CA VAL F 19 19.37 -34.37 -39.06
C VAL F 19 18.31 -34.98 -39.94
N THR F 20 18.03 -36.27 -39.70
CA THR F 20 17.04 -37.01 -40.44
C THR F 20 16.14 -37.79 -39.48
N ILE F 21 14.85 -37.52 -39.56
CA ILE F 21 13.85 -38.25 -38.81
C ILE F 21 13.02 -39.08 -39.78
N THR F 22 12.60 -40.25 -39.29
CA THR F 22 11.89 -41.24 -40.08
C THR F 22 10.50 -41.49 -39.53
N CYS F 23 9.55 -41.66 -40.43
CA CYS F 23 8.18 -41.99 -40.09
C CYS F 23 7.74 -43.03 -41.12
N ARG F 24 7.32 -44.19 -40.66
CA ARG F 24 6.71 -45.17 -41.55
C ARG F 24 5.27 -45.44 -41.12
N ALA F 25 4.42 -45.70 -42.10
CA ALA F 25 3.02 -45.99 -41.88
C ALA F 25 2.77 -47.49 -42.04
N GLY F 26 1.70 -47.94 -41.39
CA GLY F 26 1.34 -49.34 -41.43
C GLY F 26 0.74 -49.79 -42.74
N GLN F 27 0.29 -48.86 -43.57
CA GLN F 27 -0.22 -49.19 -44.88
C GLN F 27 0.03 -47.97 -45.76
N ASN F 28 -0.10 -48.18 -47.08
CA ASN F 28 0.15 -47.10 -48.03
C ASN F 28 -0.78 -45.94 -47.72
N ILE F 29 -0.21 -44.74 -47.65
CA ILE F 29 -0.98 -43.53 -47.41
C ILE F 29 -0.62 -42.52 -48.48
N ASN F 30 -0.05 -42.98 -49.59
CA ASN F 30 0.36 -42.09 -50.68
C ASN F 30 1.24 -40.97 -50.14
N ASN F 31 0.86 -39.72 -50.37
CA ASN F 31 1.60 -38.59 -49.80
C ASN F 31 0.76 -37.81 -48.79
N TYR F 32 -0.22 -38.47 -48.20
CA TYR F 32 -1.10 -37.81 -47.23
C TYR F 32 -0.44 -37.80 -45.84
N LEU F 33 0.58 -36.97 -45.70
CA LEU F 33 1.40 -36.98 -44.50
C LEU F 33 1.92 -35.59 -44.19
N ASN F 34 1.70 -35.17 -42.95
CA ASN F 34 2.14 -33.88 -42.47
C ASN F 34 3.17 -34.05 -41.36
N TRP F 35 4.02 -33.05 -41.19
CA TRP F 35 4.94 -32.97 -40.06
C TRP F 35 4.62 -31.72 -39.26
N TYR F 36 4.64 -31.84 -37.94
CA TYR F 36 4.47 -30.73 -37.02
C TYR F 36 5.72 -30.53 -36.19
N GLN F 37 5.99 -29.27 -35.88
CA GLN F 37 7.02 -28.92 -34.90
C GLN F 37 6.35 -28.42 -33.63
N GLN F 38 6.81 -28.90 -32.48
CA GLN F 38 6.25 -28.46 -31.21
C GLN F 38 7.38 -27.95 -30.34
N LYS F 39 7.42 -26.66 -30.14
CA LYS F 39 8.44 -26.07 -29.30
C LYS F 39 7.97 -26.05 -27.86
N PRO F 40 8.89 -25.93 -26.91
CA PRO F 40 8.50 -26.05 -25.50
C PRO F 40 7.47 -25.01 -25.12
N GLY F 41 6.39 -25.47 -24.47
CA GLY F 41 5.35 -24.60 -24.00
C GLY F 41 4.39 -24.12 -25.07
N LYS F 42 4.39 -24.72 -26.25
CA LYS F 42 3.55 -24.25 -27.34
C LYS F 42 2.81 -25.41 -28.00
N ALA F 43 1.70 -25.06 -28.64
CA ALA F 43 0.98 -26.03 -29.46
C ALA F 43 1.81 -26.41 -30.68
N PRO F 44 1.60 -27.61 -31.23
CA PRO F 44 2.31 -27.96 -32.46
C PRO F 44 1.95 -27.00 -33.60
N LYS F 45 2.92 -26.78 -34.50
CA LYS F 45 2.75 -25.98 -35.70
C LYS F 45 3.09 -26.83 -36.93
N VAL F 46 2.29 -26.73 -37.98
CA VAL F 46 2.56 -27.51 -39.17
C VAL F 46 3.85 -27.02 -39.78
N LEU F 47 4.66 -27.94 -40.29
CA LEU F 47 5.94 -27.61 -40.90
C LEU F 47 6.00 -28.08 -42.35
N ILE F 48 5.55 -29.31 -42.61
CA ILE F 48 5.54 -29.92 -43.93
C ILE F 48 4.13 -30.46 -44.14
N TYR F 49 3.61 -30.31 -45.37
CA TYR F 49 2.33 -30.89 -45.77
C TYR F 49 2.51 -31.65 -47.07
N ALA F 50 1.64 -32.62 -47.29
CA ALA F 50 1.71 -33.49 -48.47
C ALA F 50 3.11 -34.07 -48.65
N ALA F 51 3.71 -34.43 -47.52
CA ALA F 51 4.95 -35.18 -47.46
C ALA F 51 6.20 -34.35 -47.70
N SER F 52 6.10 -33.32 -48.56
CA SER F 52 7.32 -32.65 -48.99
C SER F 52 7.20 -31.16 -49.30
N ASN F 53 6.09 -30.51 -48.98
CA ASN F 53 5.96 -29.08 -49.21
C ASN F 53 6.08 -28.34 -47.89
N LEU F 54 6.93 -27.32 -47.87
CA LEU F 54 7.17 -26.52 -46.69
C LEU F 54 6.02 -25.55 -46.49
N GLN F 55 5.54 -25.47 -45.26
CA GLN F 55 4.62 -24.40 -44.88
C GLN F 55 5.29 -23.04 -45.10
N SER F 56 4.48 -22.06 -45.49
CA SER F 56 5.00 -20.73 -45.75
C SER F 56 5.66 -20.19 -44.49
N GLY F 57 6.84 -19.61 -44.66
CA GLY F 57 7.60 -19.11 -43.53
C GLY F 57 8.57 -20.08 -42.93
N VAL F 58 8.52 -21.35 -43.30
CA VAL F 58 9.48 -22.31 -42.75
C VAL F 58 10.82 -22.12 -43.45
N PRO F 59 11.94 -22.07 -42.73
CA PRO F 59 13.24 -21.93 -43.40
C PRO F 59 13.56 -23.12 -44.26
N SER F 60 14.38 -22.86 -45.30
CA SER F 60 14.63 -23.82 -46.36
C SER F 60 15.51 -24.98 -45.95
N ARG F 61 16.16 -24.91 -44.77
CA ARG F 61 16.93 -26.05 -44.29
C ARG F 61 16.01 -27.24 -43.98
N PHE F 62 14.72 -27.00 -43.81
CA PHE F 62 13.76 -28.10 -43.62
C PHE F 62 13.34 -28.66 -44.97
N SER F 63 13.17 -29.97 -45.02
CA SER F 63 12.69 -30.64 -46.22
C SER F 63 12.06 -31.96 -45.79
N GLY F 64 11.13 -32.43 -46.62
CA GLY F 64 10.51 -33.72 -46.38
C GLY F 64 10.46 -34.52 -47.66
N SER F 65 10.33 -35.84 -47.50
CA SER F 65 10.37 -36.74 -48.63
C SER F 65 9.61 -38.02 -48.32
N GLY F 66 9.02 -38.59 -49.39
CA GLY F 66 8.44 -39.90 -49.28
C GLY F 66 7.06 -40.03 -49.87
N SER F 67 6.70 -41.24 -50.29
CA SER F 67 5.36 -41.55 -50.75
C SER F 67 5.11 -43.04 -50.52
N GLY F 68 3.96 -43.37 -49.95
CA GLY F 68 3.60 -44.74 -49.71
C GLY F 68 3.60 -45.05 -48.21
N THR F 69 4.73 -45.61 -47.74
CA THR F 69 4.84 -46.02 -46.36
C THR F 69 6.03 -45.42 -45.62
N ASP F 70 7.06 -44.96 -46.33
CA ASP F 70 8.30 -44.49 -45.71
C ASP F 70 8.51 -43.02 -46.00
N PHE F 71 8.70 -42.24 -44.95
CA PHE F 71 8.80 -40.79 -45.05
C PHE F 71 9.96 -40.32 -44.20
N THR F 72 10.56 -39.21 -44.62
CA THR F 72 11.62 -38.62 -43.83
C THR F 72 11.47 -37.10 -43.78
N LEU F 73 11.85 -36.55 -42.66
CA LEU F 73 12.03 -35.12 -42.48
C LEU F 73 13.52 -34.86 -42.33
N THR F 74 14.01 -33.78 -42.93
CA THR F 74 15.44 -33.49 -42.88
C THR F 74 15.70 -32.02 -42.58
N ILE F 75 16.63 -31.80 -41.64
CA ILE F 75 17.14 -30.47 -41.36
C ILE F 75 18.59 -30.46 -41.83
N SER F 76 18.87 -29.63 -42.82
CA SER F 76 20.16 -29.74 -43.50
C SER F 76 21.27 -29.10 -42.69
N SER F 77 20.94 -28.06 -41.92
CA SER F 77 21.90 -27.35 -41.07
C SER F 77 21.18 -27.01 -39.76
N LEU F 78 21.23 -27.95 -38.82
CA LEU F 78 20.53 -27.76 -37.56
C LEU F 78 20.89 -26.40 -36.94
N GLN F 79 19.89 -25.74 -36.39
CA GLN F 79 20.00 -24.44 -35.76
C GLN F 79 19.44 -24.49 -34.34
N PRO F 80 19.89 -23.60 -33.45
CA PRO F 80 19.42 -23.70 -32.05
C PRO F 80 17.92 -23.63 -31.91
N GLU F 81 17.26 -22.81 -32.76
CA GLU F 81 15.82 -22.63 -32.67
C GLU F 81 15.07 -23.84 -33.14
N ASP F 82 15.74 -24.86 -33.66
CA ASP F 82 15.08 -26.10 -34.06
C ASP F 82 14.97 -27.08 -32.90
N PHE F 83 15.46 -26.73 -31.72
CA PHE F 83 15.13 -27.46 -30.51
C PHE F 83 13.61 -27.58 -30.41
N ALA F 84 13.12 -28.81 -30.53
CA ALA F 84 11.69 -29.06 -30.50
C ALA F 84 11.45 -30.56 -30.56
N THR F 85 10.18 -30.95 -30.48
CA THR F 85 9.76 -32.30 -30.84
C THR F 85 8.99 -32.22 -32.16
N TYR F 86 9.23 -33.20 -33.03
CA TYR F 86 8.68 -33.28 -34.36
C TYR F 86 7.78 -34.50 -34.44
N TYR F 87 6.58 -34.32 -35.01
CA TYR F 87 5.61 -35.39 -35.11
C TYR F 87 5.12 -35.54 -36.56
N CYS F 88 5.02 -36.77 -37.02
CA CYS F 88 4.33 -37.02 -38.29
C CYS F 88 2.88 -37.39 -38.04
N GLN F 89 2.06 -37.24 -39.06
CA GLN F 89 0.61 -37.42 -38.96
C GLN F 89 0.06 -37.74 -40.33
N GLN F 90 -0.66 -38.86 -40.43
CA GLN F 90 -1.27 -39.22 -41.70
C GLN F 90 -2.68 -38.65 -41.80
N SER F 91 -3.02 -38.19 -43.00
CA SER F 91 -4.33 -37.64 -43.31
C SER F 91 -5.01 -38.47 -44.37
N HIS F 92 -4.57 -39.71 -44.53
CA HIS F 92 -5.15 -40.60 -45.52
C HIS F 92 -6.52 -41.09 -45.10
N SER F 93 -6.68 -41.46 -43.84
CA SER F 93 -7.98 -41.87 -43.30
C SER F 93 -8.60 -40.79 -42.45
N THR F 94 -9.94 -40.81 -42.40
CA THR F 94 -10.68 -39.93 -41.50
C THR F 94 -10.22 -40.08 -40.06
N VAL F 95 -9.84 -41.29 -39.64
CA VAL F 95 -9.24 -41.49 -38.33
C VAL F 95 -7.79 -41.06 -38.44
N ARG F 96 -7.49 -39.88 -37.91
CA ARG F 96 -6.13 -39.36 -37.99
C ARG F 96 -5.26 -40.06 -36.96
N THR F 97 -3.98 -40.22 -37.29
CA THR F 97 -3.04 -40.81 -36.33
C THR F 97 -1.71 -40.06 -36.42
N PHE F 98 -1.04 -40.00 -35.27
CA PHE F 98 0.29 -39.41 -35.14
C PHE F 98 1.37 -40.47 -34.89
N GLY F 99 2.55 -40.16 -35.32
CA GLY F 99 3.70 -40.88 -34.84
C GLY F 99 4.05 -40.47 -33.44
N GLN F 100 4.96 -41.23 -32.85
CA GLN F 100 5.27 -41.05 -31.44
C GLN F 100 6.06 -39.79 -31.18
N GLY F 101 6.67 -39.22 -32.20
CA GLY F 101 7.41 -38.00 -31.97
C GLY F 101 8.91 -38.25 -31.90
N THR F 102 9.68 -37.24 -32.31
CA THR F 102 11.14 -37.26 -32.18
C THR F 102 11.60 -35.96 -31.54
N LYS F 103 12.26 -36.05 -30.38
CA LYS F 103 12.80 -34.87 -29.73
C LYS F 103 14.22 -34.63 -30.23
N VAL F 104 14.47 -33.39 -30.66
CA VAL F 104 15.77 -32.97 -31.18
C VAL F 104 16.43 -32.07 -30.15
N GLU F 105 17.61 -32.47 -29.66
CA GLU F 105 18.40 -31.72 -28.70
C GLU F 105 19.65 -31.17 -29.37
N ILE F 106 20.13 -30.03 -28.88
CA ILE F 106 21.26 -29.34 -29.47
C ILE F 106 22.50 -29.55 -28.60
N LYS F 107 23.55 -30.14 -29.16
CA LYS F 107 24.85 -30.19 -28.50
C LYS F 107 25.60 -28.88 -28.74
N ARG F 108 26.29 -28.40 -27.72
CA ARG F 108 27.07 -27.18 -27.86
C ARG F 108 28.24 -27.23 -26.89
N THR F 109 28.99 -26.14 -26.78
CA THR F 109 30.17 -26.12 -25.93
C THR F 109 29.80 -25.91 -24.46
N VAL F 110 30.73 -26.32 -23.58
CA VAL F 110 30.50 -26.13 -22.16
C VAL F 110 30.33 -24.64 -21.90
N ALA F 111 29.40 -24.31 -20.99
CA ALA F 111 29.13 -22.94 -20.58
C ALA F 111 28.90 -22.98 -19.08
N ALA F 112 29.65 -22.18 -18.33
CA ALA F 112 29.55 -22.23 -16.88
C ALA F 112 28.35 -21.41 -16.40
N PRO F 113 27.75 -21.78 -15.28
CA PRO F 113 26.60 -21.01 -14.78
C PRO F 113 27.02 -19.72 -14.09
N SER F 114 26.24 -18.67 -14.32
CA SER F 114 26.18 -17.53 -13.42
C SER F 114 25.29 -17.93 -12.25
N VAL F 115 25.75 -17.67 -11.04
CA VAL F 115 25.04 -18.11 -9.84
C VAL F 115 24.59 -16.90 -9.03
N PHE F 116 23.36 -16.99 -8.52
CA PHE F 116 22.77 -15.98 -7.67
C PHE F 116 22.04 -16.64 -6.52
N ILE F 117 21.91 -15.93 -5.42
CA ILE F 117 21.19 -16.41 -4.25
C ILE F 117 20.24 -15.33 -3.82
N PHE F 118 19.07 -15.74 -3.32
CA PHE F 118 17.98 -14.82 -2.98
C PHE F 118 17.48 -15.20 -1.60
N PRO F 119 17.51 -14.31 -0.61
CA PRO F 119 16.93 -14.65 0.69
C PRO F 119 15.43 -14.70 0.61
N PRO F 120 14.76 -15.22 1.64
CA PRO F 120 13.29 -15.10 1.70
C PRO F 120 12.90 -13.65 1.84
N SER F 121 11.71 -13.32 1.31
CA SER F 121 11.15 -12.00 1.46
C SER F 121 10.55 -11.83 2.85
N ASP F 122 10.54 -10.59 3.33
CA ASP F 122 9.88 -10.31 4.60
C ASP F 122 8.41 -10.72 4.55
N GLU F 123 7.77 -10.50 3.40
CA GLU F 123 6.37 -10.87 3.24
C GLU F 123 6.15 -12.37 3.46
N GLN F 124 7.03 -13.22 2.92
CA GLN F 124 6.86 -14.66 3.10
C GLN F 124 7.10 -15.06 4.55
N LEU F 125 8.09 -14.44 5.20
CA LEU F 125 8.38 -14.79 6.58
C LEU F 125 7.17 -14.54 7.49
N LYS F 126 6.35 -13.52 7.18
CA LYS F 126 5.14 -13.30 7.96
C LYS F 126 4.25 -14.55 8.03
N SER F 127 4.27 -15.38 7.00
CA SER F 127 3.40 -16.54 6.90
C SER F 127 4.00 -17.78 7.54
N GLY F 128 5.20 -17.70 8.09
CA GLY F 128 5.78 -18.81 8.80
C GLY F 128 6.70 -19.68 7.98
N THR F 129 6.94 -19.32 6.72
CA THR F 129 7.82 -20.11 5.86
C THR F 129 8.87 -19.23 5.21
N ALA F 130 10.04 -19.83 5.00
CA ALA F 130 11.17 -19.18 4.35
C ALA F 130 11.56 -20.01 3.15
N SER F 131 11.55 -19.40 1.97
CA SER F 131 12.08 -20.01 0.77
C SER F 131 13.37 -19.29 0.40
N VAL F 132 14.44 -20.05 0.22
CA VAL F 132 15.72 -19.50 -0.22
C VAL F 132 15.99 -20.07 -1.61
N VAL F 133 16.31 -19.22 -2.56
CA VAL F 133 16.42 -19.65 -3.94
C VAL F 133 17.84 -19.39 -4.42
N CYS F 134 18.43 -20.43 -5.00
CA CYS F 134 19.70 -20.34 -5.70
C CYS F 134 19.45 -20.52 -7.19
N LEU F 135 19.94 -19.58 -7.97
CA LEU F 135 19.72 -19.56 -9.42
C LEU F 135 21.03 -19.81 -10.15
N LEU F 136 21.02 -20.78 -11.05
CA LEU F 136 22.13 -21.02 -11.97
C LEU F 136 21.66 -20.62 -13.37
N ASN F 137 22.35 -19.67 -13.99
CA ASN F 137 21.84 -19.06 -15.22
C ASN F 137 22.70 -19.40 -16.42
N ASN F 138 22.08 -19.98 -17.44
CA ASN F 138 22.64 -20.06 -18.80
C ASN F 138 23.94 -20.87 -18.85
N PHE F 139 23.77 -22.17 -18.63
CA PHE F 139 24.87 -23.10 -18.54
C PHE F 139 24.61 -24.32 -19.41
N TYR F 140 25.69 -25.00 -19.74
CA TYR F 140 25.64 -26.22 -20.55
C TYR F 140 26.85 -27.08 -20.21
N PRO F 141 26.72 -28.39 -20.01
CA PRO F 141 25.48 -29.18 -20.14
C PRO F 141 24.57 -29.03 -18.95
N ARG F 142 23.48 -29.80 -18.93
CA ARG F 142 22.47 -29.64 -17.89
C ARG F 142 22.92 -30.21 -16.56
N GLU F 143 23.77 -31.23 -16.58
CA GLU F 143 24.24 -31.83 -15.35
C GLU F 143 24.90 -30.76 -14.46
N ALA F 144 24.39 -30.63 -13.24
CA ALA F 144 25.03 -29.78 -12.24
C ALA F 144 24.75 -30.34 -10.85
N LYS F 145 25.54 -29.91 -9.88
CA LYS F 145 25.36 -30.29 -8.48
C LYS F 145 25.16 -29.01 -7.70
N VAL F 146 24.09 -28.95 -6.93
CA VAL F 146 23.80 -27.77 -6.11
C VAL F 146 23.60 -28.24 -4.68
N GLN F 147 24.44 -27.77 -3.77
CA GLN F 147 24.40 -28.15 -2.37
C GLN F 147 24.16 -26.91 -1.52
N TRP F 148 23.24 -27.03 -0.58
CA TRP F 148 22.93 -25.98 0.39
C TRP F 148 23.71 -26.23 1.67
N LYS F 149 24.28 -25.16 2.23
CA LYS F 149 24.92 -25.18 3.54
C LYS F 149 24.29 -24.10 4.39
N VAL F 150 23.90 -24.47 5.61
CA VAL F 150 23.36 -23.52 6.59
C VAL F 150 24.29 -23.54 7.79
N ASP F 151 24.95 -22.41 8.06
CA ASP F 151 26.03 -22.35 9.05
C ASP F 151 27.05 -23.45 8.81
N ASN F 152 27.37 -23.68 7.53
CA ASN F 152 28.31 -24.68 7.05
C ASN F 152 27.80 -26.10 7.21
N ALA F 153 26.58 -26.31 7.69
CA ALA F 153 25.99 -27.64 7.77
C ALA F 153 25.30 -28.01 6.45
N LEU F 154 25.70 -29.14 5.87
CA LEU F 154 25.11 -29.60 4.63
C LEU F 154 23.66 -30.04 4.83
N GLN F 155 22.77 -29.52 3.99
CA GLN F 155 21.36 -29.83 4.06
C GLN F 155 21.03 -31.01 3.14
N SER F 156 20.03 -31.78 3.54
CA SER F 156 19.51 -32.84 2.70
C SER F 156 18.00 -32.90 2.87
N GLY F 157 17.30 -33.22 1.79
CA GLY F 157 15.90 -33.53 1.87
C GLY F 157 14.97 -32.34 2.01
N ASN F 158 15.50 -31.12 2.07
CA ASN F 158 14.66 -29.93 2.21
C ASN F 158 14.85 -28.95 1.05
N SER F 159 15.31 -29.42 -0.10
CA SER F 159 15.40 -28.55 -1.27
C SER F 159 14.83 -29.25 -2.50
N GLN F 160 14.37 -28.45 -3.46
CA GLN F 160 13.81 -28.97 -4.70
C GLN F 160 14.34 -28.13 -5.87
N GLU F 161 14.58 -28.78 -7.01
CA GLU F 161 15.15 -28.11 -8.17
C GLU F 161 14.11 -28.00 -9.28
N SER F 162 14.31 -27.02 -10.14
CA SER F 162 13.65 -26.99 -11.44
C SER F 162 14.66 -26.58 -12.49
N VAL F 163 14.56 -27.16 -13.67
CA VAL F 163 15.47 -26.83 -14.77
C VAL F 163 14.66 -26.56 -16.03
N THR F 164 15.10 -25.56 -16.79
CA THR F 164 14.42 -25.16 -18.00
C THR F 164 14.79 -26.12 -19.13
N GLU F 165 14.11 -25.97 -20.26
CA GLU F 165 14.49 -26.59 -21.51
C GLU F 165 15.56 -25.74 -22.21
N GLN F 166 16.20 -26.33 -23.23
CA GLN F 166 17.28 -25.63 -23.91
C GLN F 166 16.77 -24.35 -24.55
N ASP F 167 17.52 -23.28 -24.37
CA ASP F 167 17.19 -21.98 -24.93
C ASP F 167 17.19 -22.04 -26.45
N SER F 168 16.20 -21.38 -27.04
CA SER F 168 16.08 -21.41 -28.49
C SER F 168 17.18 -20.61 -29.15
N LYS F 169 17.85 -19.71 -28.44
CA LYS F 169 18.92 -18.93 -29.04
C LYS F 169 20.32 -19.47 -28.73
N ASP F 170 20.63 -19.77 -27.48
CA ASP F 170 21.98 -20.22 -27.17
C ASP F 170 22.06 -21.66 -26.65
N SER F 171 20.94 -22.37 -26.59
CA SER F 171 20.91 -23.79 -26.27
C SER F 171 21.39 -24.10 -24.85
N THR F 172 21.35 -23.11 -23.96
CA THR F 172 21.76 -23.36 -22.59
C THR F 172 20.54 -23.69 -21.72
N TYR F 173 20.83 -24.05 -20.47
CA TYR F 173 19.83 -24.33 -19.45
C TYR F 173 19.95 -23.27 -18.36
N SER F 174 18.89 -23.16 -17.58
CA SER F 174 18.95 -22.46 -16.31
C SER F 174 18.27 -23.36 -15.28
N LEU F 175 18.63 -23.19 -14.02
CA LEU F 175 18.22 -24.09 -12.95
C LEU F 175 18.01 -23.29 -11.68
N SER F 176 16.98 -23.67 -10.94
CA SER F 176 16.73 -23.13 -9.61
C SER F 176 16.79 -24.26 -8.60
N SER F 177 17.34 -23.98 -7.43
CA SER F 177 17.20 -24.84 -6.27
C SER F 177 16.57 -24.00 -5.16
N THR F 178 15.49 -24.50 -4.58
CA THR F 178 14.77 -23.77 -3.55
C THR F 178 14.86 -24.52 -2.23
N LEU F 179 15.45 -23.87 -1.24
CA LEU F 179 15.51 -24.42 0.12
C LEU F 179 14.30 -23.92 0.90
N THR F 180 13.56 -24.84 1.52
CA THR F 180 12.36 -24.44 2.25
C THR F 180 12.51 -24.80 3.73
N LEU F 181 12.50 -23.78 4.57
CA LEU F 181 12.54 -23.93 6.02
C LEU F 181 11.34 -23.25 6.67
N SER F 182 11.04 -23.66 7.91
CA SER F 182 10.10 -22.87 8.70
C SER F 182 10.76 -21.56 9.10
N LYS F 183 9.93 -20.55 9.37
CA LYS F 183 10.46 -19.29 9.91
C LYS F 183 11.37 -19.56 11.10
N ALA F 184 10.91 -20.40 12.05
CA ALA F 184 11.72 -20.72 13.23
C ALA F 184 13.12 -21.18 12.84
N ASP F 185 13.21 -22.28 12.09
CA ASP F 185 14.51 -22.79 11.68
C ASP F 185 15.32 -21.73 10.92
N TYR F 186 14.68 -20.99 10.03
CA TYR F 186 15.42 -19.97 9.30
C TYR F 186 16.09 -18.99 10.26
N GLU F 187 15.37 -18.55 11.28
CA GLU F 187 15.90 -17.55 12.21
C GLU F 187 16.94 -18.14 13.16
N LYS F 188 17.01 -19.46 13.30
CA LYS F 188 18.01 -20.06 14.17
C LYS F 188 19.41 -20.02 13.58
N HIS F 189 19.59 -19.57 12.35
CA HIS F 189 20.88 -19.70 11.68
C HIS F 189 21.24 -18.41 10.95
N LYS F 190 22.52 -18.26 10.63
CA LYS F 190 23.03 -17.02 10.06
C LYS F 190 23.42 -17.15 8.60
N VAL F 191 24.31 -18.08 8.26
CA VAL F 191 24.93 -18.13 6.95
C VAL F 191 24.18 -19.12 6.06
N TYR F 192 23.68 -18.63 4.94
CA TYR F 192 22.99 -19.44 3.95
C TYR F 192 23.81 -19.43 2.66
N ALA F 193 24.17 -20.62 2.20
CA ALA F 193 25.05 -20.73 1.03
C ALA F 193 24.60 -21.86 0.13
N CYS F 194 24.65 -21.63 -1.18
CA CYS F 194 24.49 -22.71 -2.15
C CYS F 194 25.82 -22.82 -2.88
N GLU F 195 26.32 -24.05 -3.00
CA GLU F 195 27.58 -24.34 -3.67
C GLU F 195 27.28 -25.08 -4.96
N VAL F 196 27.90 -24.64 -6.05
CA VAL F 196 27.59 -25.15 -7.37
C VAL F 196 28.80 -25.83 -7.95
N THR F 197 28.65 -27.08 -8.37
CA THR F 197 29.67 -27.79 -9.10
C THR F 197 29.21 -28.00 -10.52
N HIS F 198 30.07 -27.61 -11.47
CA HIS F 198 29.72 -27.76 -12.87
C HIS F 198 30.98 -27.96 -13.69
N GLN F 199 30.82 -28.67 -14.81
CA GLN F 199 31.92 -28.95 -15.71
C GLN F 199 32.58 -27.67 -16.20
N GLY F 200 31.80 -26.62 -16.37
CA GLY F 200 32.36 -25.34 -16.76
C GLY F 200 33.07 -24.56 -15.68
N LEU F 201 33.07 -25.05 -14.46
CA LEU F 201 33.71 -24.37 -13.34
C LEU F 201 34.93 -25.17 -12.90
N SER F 202 36.10 -24.53 -12.89
CA SER F 202 37.31 -25.21 -12.44
C SER F 202 37.17 -25.71 -11.00
N SER F 203 36.48 -24.96 -10.14
CA SER F 203 36.23 -25.39 -8.77
C SER F 203 34.88 -24.87 -8.31
N PRO F 204 34.22 -25.58 -7.39
CA PRO F 204 32.85 -25.19 -7.00
C PRO F 204 32.75 -23.74 -6.60
N VAL F 205 31.70 -23.08 -7.09
CA VAL F 205 31.38 -21.70 -6.76
C VAL F 205 30.38 -21.68 -5.62
N THR F 206 30.57 -20.78 -4.67
CA THR F 206 29.65 -20.62 -3.55
C THR F 206 29.11 -19.19 -3.55
N LYS F 207 27.81 -19.07 -3.43
CA LYS F 207 27.14 -17.78 -3.25
C LYS F 207 26.37 -17.89 -1.93
N SER F 208 26.49 -16.86 -1.11
CA SER F 208 25.92 -16.91 0.23
C SER F 208 25.49 -15.52 0.65
N PHE F 209 24.65 -15.49 1.69
CA PHE F 209 24.32 -14.25 2.37
C PHE F 209 24.21 -14.53 3.86
N ASN F 210 24.30 -13.47 4.65
CA ASN F 210 24.04 -13.53 6.09
C ASN F 210 22.64 -12.99 6.37
N ARG F 211 21.84 -13.79 7.06
CA ARG F 211 20.47 -13.41 7.40
C ARG F 211 20.43 -12.03 8.04
N GLY F 212 19.47 -11.23 7.59
CA GLY F 212 19.32 -9.85 8.08
C GLY F 212 20.40 -8.93 7.61
N GLU F 213 21.66 -9.29 7.75
CA GLU F 213 22.79 -8.48 7.30
C GLU F 213 22.89 -8.53 5.77
S SO4 G . -8.05 16.86 24.87
O1 SO4 G . -7.35 17.04 26.13
O2 SO4 G . -7.35 17.66 23.84
O3 SO4 G . -8.10 15.48 24.43
O4 SO4 G . -9.36 17.35 25.12
S SO4 H . -14.12 24.17 -14.92
O1 SO4 H . -14.72 25.27 -14.18
O2 SO4 H . -13.05 24.66 -15.79
O3 SO4 H . -15.10 23.54 -15.81
O4 SO4 H . -13.58 23.23 -13.94
S SO4 I . -10.91 27.12 -21.04
O1 SO4 I . -9.93 27.74 -20.13
O2 SO4 I . -11.35 27.91 -22.17
O3 SO4 I . -10.28 25.89 -21.59
O4 SO4 I . -12.08 26.76 -20.21
S SO4 J . -11.62 23.19 26.69
O1 SO4 J . -10.60 24.23 26.57
O2 SO4 J . -11.46 22.47 27.96
O3 SO4 J . -11.52 22.18 25.61
O4 SO4 J . -12.91 23.86 26.63
S SO4 K . 14.37 -35.95 -18.55
O1 SO4 K . 15.81 -35.98 -18.63
O2 SO4 K . 13.98 -34.60 -18.88
O3 SO4 K . 13.78 -36.93 -19.39
O4 SO4 K . 13.95 -36.19 -17.15
S SO4 L . 21.04 -34.31 -16.22
O1 SO4 L . 22.13 -34.81 -15.34
O2 SO4 L . 20.67 -32.99 -15.74
O3 SO4 L . 21.49 -34.21 -17.61
O4 SO4 L . 19.87 -35.26 -16.16
#